data_8ZYJ
#
_entry.id   8ZYJ
#
_cell.length_a   1.00
_cell.length_b   1.00
_cell.length_c   1.00
_cell.angle_alpha   90.00
_cell.angle_beta   90.00
_cell.angle_gamma   90.00
#
_symmetry.space_group_name_H-M   'P 1'
#
loop_
_entity.id
_entity.type
_entity.pdbx_description
1 polymer 'Sodium/potassium-transporting ATPase subunit alpha-4'
2 polymer 'Sodium/potassium-transporting ATPase subunit beta-1'
3 non-polymer 'MAGNESIUM ION'
4 non-polymer 'SODIUM ION'
5 non-polymer CHOLESTEROL
6 non-polymer OUABAIN
7 non-polymer '2-{[(4-O-alpha-D-glucopyranosyl-alpha-D-glucopyranosyl)oxy]methyl}-4-{[(3beta,9beta,14beta,17beta,25R)-spirost-5-en-3-yl]oxy}butyl 4-O-alpha-D-glucopyranosyl-alpha-D-glucopyranoside'
8 non-polymer 1,2-DIOLEOYL-SN-GLYCERO-3-PHOSPHOCHOLINE
9 non-polymer 2-acetamido-2-deoxy-beta-D-glucopyranose
10 water water
#
loop_
_entity_poly.entity_id
_entity_poly.type
_entity_poly.pdbx_seq_one_letter_code
_entity_poly.pdbx_strand_id
1 'polypeptide(L)'
;MVVMDDHKLTLEELSTKYSVDLTKGHSHQRAKEILTRGGPNTVTPPPTTPEWVKFCKQLFGGFSLLLWTGAILCFVAYSI
QIYFNEEPTKDNLYLSIVLSVVVIVTGCFSYYQEAKSSKIMESFKNMVPQQALVIRGGEKMQINVQEVVLGDLVEIKGGD
RVPADLRLISAQGCKVDNSSLTGESEPQSRSPDFTHENPLETRNICFFSTNCVEGTARGIVIATGDSTVMGRIASLTSGL
AVGQTPIAAEIEHFIHLITVVAVFLGVTFFALSLLLGYGWLEAIIFLIGIIVANVPEGLLATVTVCLTLTAKRMARKNCL
VKNLEAVETLGSTSTICS(BFD)KTGTLTQNRMTVAHMWFDMTVYEADTTEEQTGKTFTKSSDTWFMLARIAGLCNRADF
KANQEILPIAKRATTGDASESALLKFIEQSYSSVAEMREKNPKVAEIPFNSTNKYQMSIHLREDSSQTHVLMMKGAPERI
LEFCSTFLLNGQEYSMNDEMKEAFQNAYLELGGLGERVLGFCFLNLPSSFSKGFPFNTDEINFPMDNLCFVGLISMIDPP
RAAVPDAVSKCRSAGIKVIMVTGDHPITAKAIAKGVGIISEGTETAEEVAARLKIPISKVDASAAKAIVVHGAELKDIQS
KQLDQILQNHPEIVFARTSPQQKLIIVEGCQRLGAVVAVTGDGVNDSPALKKADIGIAMGISGSDVSKQAADMILLDDNF
ASIVTGVEEGRLIFDNLKKSIMYTLTSNIPEITPFLMFIILGIPLPLGTITILCIDLGTDMVPAISLAYESAESDIMKRL
PRNPKTDNLVNHRLIGMAYGQIGMIQALAGFFTYFVILAENGFRPVDLLGIRLHWEDKYLNDLEDSYGQQWTYEQRKVVE
FTCQTAFFVTIVVVQWADLIISKTRRNSLFQQGMRNKVLIFGILEETLLAAFLSYTPGMDVALRMYPLKITWWLCAIPYS
ILIFVYDEIRKLLIRQHPDGWVERETYY
;
A
2 'polypeptide(L)'
;MARGKAKEEGSWKKFIWNSEKKEFLGRTGGSWFKILLFYVIFYGCLAGIFIGTIQVMLLTISEFKPTYQDRVAPPGLTQI
PQIQKTEISFRPNDPKSYEAYVLNIVRFLEKYKDSAQRDDMIFEDCGDVPSEPKERGDFNHERGERKVCRFKLEWLGNCS
GLNDETYGYKEGKPCIIIKLNRVLGFKPKPPKNESLETYPVMKYNPNVLPVQCTGKRDEDKDKVGNVEYFGLGNSPGFPL
QYYPYYGKLLQPKYLQPLLAVQFTNLTMDTEIRIECKAYGENIGYSEKDRFQGRFDVKIEVKS
;
B
#
loop_
_chem_comp.id
_chem_comp.type
_chem_comp.name
_chem_comp.formula
CLR non-polymer CHOLESTEROL 'C27 H46 O'
MG non-polymer 'MAGNESIUM ION' 'Mg 2'
NA non-polymer 'SODIUM ION' 'Na 1'
NAG D-saccharide, beta linking 2-acetamido-2-deoxy-beta-D-glucopyranose 'C8 H15 N O6'
OBN non-polymer OUABAIN 'C29 H44 O12'
PCW non-polymer 1,2-DIOLEOYL-SN-GLYCERO-3-PHOSPHOCHOLINE 'C44 H85 N O8 P 1'
Q7G non-polymer '2-{[(4-O-alpha-D-glucopyranosyl-alpha-D-glucopyranosyl)oxy]methyl}-4-{[(3beta,9beta,14beta,17beta,25R)-spirost-5-en-3-yl]oxy}butyl 4-O-alpha-D-glucopyranosyl-alpha-D-glucopyranoside' 'C56 H92 O25'
#
# COMPACT_ATOMS: atom_id res chain seq x y z
N VAL A 2 -15.30 37.53 19.49
CA VAL A 2 -15.41 38.99 19.57
C VAL A 2 -14.76 39.48 20.86
N VAL A 3 -13.48 39.18 21.01
CA VAL A 3 -12.69 39.61 22.17
C VAL A 3 -11.80 40.79 21.82
N MET A 4 -12.15 41.56 20.79
CA MET A 4 -11.28 42.61 20.28
C MET A 4 -11.01 43.68 21.33
N ASP A 5 -12.07 44.17 21.98
CA ASP A 5 -11.92 45.28 22.92
C ASP A 5 -12.72 45.14 24.20
N ASP A 6 -13.45 44.04 24.40
CA ASP A 6 -14.34 43.94 25.55
C ASP A 6 -13.58 43.86 26.87
N HIS A 7 -12.31 43.46 26.85
CA HIS A 7 -11.55 43.38 28.09
C HIS A 7 -11.11 44.76 28.58
N LYS A 8 -10.77 45.66 27.65
CA LYS A 8 -10.37 47.02 27.99
C LYS A 8 -11.55 47.99 28.02
N LEU A 9 -12.75 47.50 28.29
CA LEU A 9 -13.95 48.32 28.35
C LEU A 9 -14.38 48.50 29.80
N THR A 10 -14.80 49.71 30.15
CA THR A 10 -15.24 49.99 31.50
C THR A 10 -16.58 49.30 31.77
N LEU A 11 -16.91 49.21 33.06
CA LEU A 11 -18.13 48.51 33.46
C LEU A 11 -19.40 49.22 33.00
N GLU A 12 -19.31 50.51 32.68
CA GLU A 12 -20.48 51.23 32.17
C GLU A 12 -20.59 51.05 30.65
N GLU A 13 -19.47 51.18 29.95
CA GLU A 13 -19.47 50.97 28.50
C GLU A 13 -19.84 49.53 28.14
N LEU A 14 -19.48 48.57 28.99
CA LEU A 14 -19.89 47.19 28.76
C LEU A 14 -21.41 47.06 28.82
N SER A 15 -22.04 47.72 29.79
CA SER A 15 -23.49 47.68 29.90
C SER A 15 -24.15 48.40 28.72
N THR A 16 -23.59 49.53 28.30
CA THR A 16 -24.18 50.27 27.18
C THR A 16 -24.04 49.49 25.87
N LYS A 17 -22.90 48.82 25.67
CA LYS A 17 -22.62 48.18 24.39
C LYS A 17 -23.60 47.06 24.08
N TYR A 18 -23.92 46.23 25.08
CA TYR A 18 -24.84 45.12 24.90
C TYR A 18 -26.24 45.43 25.39
N SER A 19 -26.51 46.67 25.79
CA SER A 19 -27.84 47.12 26.21
C SER A 19 -28.41 46.22 27.29
N VAL A 20 -27.58 45.86 28.26
CA VAL A 20 -27.98 45.02 29.38
C VAL A 20 -27.47 45.65 30.67
N ASP A 21 -28.15 45.36 31.76
CA ASP A 21 -27.74 45.77 33.10
C ASP A 21 -27.14 44.58 33.81
N LEU A 22 -25.99 44.79 34.46
CA LEU A 22 -25.21 43.68 35.00
C LEU A 22 -25.62 43.31 36.41
N THR A 23 -26.93 43.23 36.67
CA THR A 23 -27.47 42.57 37.84
C THR A 23 -28.71 41.74 37.56
N LYS A 24 -29.44 42.04 36.48
CA LYS A 24 -30.70 41.39 36.15
C LYS A 24 -30.63 40.54 34.89
N GLY A 25 -29.83 40.93 33.92
CA GLY A 25 -29.66 40.13 32.71
C GLY A 25 -30.59 40.56 31.59
N HIS A 26 -30.63 39.69 30.57
CA HIS A 26 -31.45 39.94 29.40
C HIS A 26 -32.92 39.73 29.72
N SER A 27 -33.77 40.52 29.08
CA SER A 27 -35.21 40.28 29.17
C SER A 27 -35.54 38.92 28.58
N HIS A 28 -36.53 38.25 29.16
CA HIS A 28 -36.86 36.89 28.76
C HIS A 28 -37.31 36.81 27.29
N GLN A 29 -37.74 37.92 26.71
CA GLN A 29 -38.07 37.98 25.30
C GLN A 29 -36.92 38.47 24.44
N ARG A 30 -36.05 39.31 25.00
CA ARG A 30 -34.85 39.75 24.29
C ARG A 30 -33.96 38.58 23.94
N ALA A 31 -33.84 37.60 24.85
CA ALA A 31 -33.02 36.43 24.58
C ALA A 31 -33.58 35.63 23.41
N LYS A 32 -34.90 35.44 23.37
CA LYS A 32 -35.51 34.71 22.25
C LYS A 32 -35.35 35.48 20.95
N GLU A 33 -35.48 36.81 21.00
CA GLU A 33 -35.30 37.62 19.81
C GLU A 33 -33.89 37.50 19.27
N ILE A 34 -32.88 37.58 20.15
CA ILE A 34 -31.50 37.46 19.69
C ILE A 34 -31.21 36.04 19.23
N LEU A 35 -31.82 35.03 19.85
CA LEU A 35 -31.63 33.66 19.41
C LEU A 35 -32.16 33.45 18.00
N THR A 36 -33.34 34.00 17.71
CA THR A 36 -33.93 33.84 16.38
C THR A 36 -33.39 34.85 15.37
N ARG A 37 -32.61 35.84 15.81
CA ARG A 37 -32.04 36.81 14.90
C ARG A 37 -30.55 36.61 14.62
N GLY A 38 -29.82 35.94 15.50
CA GLY A 38 -28.38 35.79 15.35
C GLY A 38 -27.88 34.37 15.33
N GLY A 39 -28.77 33.41 15.53
CA GLY A 39 -28.41 32.01 15.46
C GLY A 39 -28.11 31.40 16.81
N PRO A 40 -27.81 30.10 16.81
CA PRO A 40 -27.54 29.40 18.07
C PRO A 40 -26.07 29.51 18.47
N ASN A 41 -25.79 29.01 19.68
CA ASN A 41 -24.44 29.03 20.23
C ASN A 41 -23.75 27.69 19.96
N THR A 42 -23.40 27.49 18.70
CA THR A 42 -22.75 26.27 18.27
C THR A 42 -21.72 26.59 17.20
N VAL A 43 -20.52 26.02 17.34
CA VAL A 43 -19.50 26.10 16.30
C VAL A 43 -19.88 25.14 15.18
N THR A 44 -19.90 25.63 13.96
CA THR A 44 -20.29 24.79 12.83
C THR A 44 -19.30 23.65 12.65
N PRO A 45 -19.75 22.40 12.62
CA PRO A 45 -18.83 21.28 12.45
C PRO A 45 -18.23 21.27 11.06
N PRO A 46 -17.07 20.64 10.88
CA PRO A 46 -16.50 20.54 9.54
C PRO A 46 -17.42 19.75 8.63
N PRO A 47 -17.43 20.06 7.33
CA PRO A 47 -18.41 19.43 6.44
C PRO A 47 -18.30 17.91 6.42
N THR A 48 -19.45 17.26 6.33
CA THR A 48 -19.53 15.81 6.36
C THR A 48 -19.71 15.26 4.94
N THR A 49 -18.83 14.35 4.55
CA THR A 49 -18.85 13.72 3.25
C THR A 49 -19.61 12.40 3.31
N PRO A 50 -20.59 12.19 2.43
CA PRO A 50 -21.34 10.93 2.46
C PRO A 50 -20.47 9.74 2.08
N GLU A 51 -20.98 8.55 2.40
CA GLU A 51 -20.19 7.33 2.23
C GLU A 51 -19.87 7.06 0.77
N TRP A 52 -20.84 7.27 -0.13
CA TRP A 52 -20.61 6.96 -1.54
C TRP A 52 -19.54 7.86 -2.14
N VAL A 53 -19.44 9.11 -1.68
CA VAL A 53 -18.38 9.98 -2.17
C VAL A 53 -17.01 9.46 -1.72
N LYS A 54 -16.91 8.98 -0.48
CA LYS A 54 -15.66 8.39 -0.01
C LYS A 54 -15.30 7.15 -0.82
N PHE A 55 -16.29 6.29 -1.11
CA PHE A 55 -16.04 5.12 -1.91
C PHE A 55 -15.58 5.48 -3.31
N CYS A 56 -16.21 6.49 -3.92
CA CYS A 56 -15.79 6.91 -5.26
C CYS A 56 -14.43 7.57 -5.25
N LYS A 57 -14.07 8.24 -4.15
CA LYS A 57 -12.71 8.75 -4.01
C LYS A 57 -11.71 7.61 -3.97
N GLN A 58 -12.07 6.52 -3.29
CA GLN A 58 -11.21 5.33 -3.33
C GLN A 58 -11.13 4.75 -4.74
N LEU A 59 -12.25 4.77 -5.48
CA LEU A 59 -12.27 4.16 -6.81
C LEU A 59 -11.36 4.90 -7.80
N PHE A 60 -11.11 6.18 -7.56
CA PHE A 60 -10.24 6.95 -8.43
C PHE A 60 -8.93 7.28 -7.70
N GLY A 61 -8.02 7.89 -8.44
CA GLY A 61 -6.65 8.06 -7.99
C GLY A 61 -5.67 7.51 -9.01
N GLY A 62 -4.40 7.81 -8.78
CA GLY A 62 -3.34 7.53 -9.73
C GLY A 62 -3.33 6.14 -10.33
N PHE A 63 -3.08 5.13 -9.49
CA PHE A 63 -3.00 3.76 -9.98
C PHE A 63 -4.35 3.30 -10.56
N SER A 64 -5.44 3.65 -9.86
CA SER A 64 -6.76 3.26 -10.32
C SER A 64 -7.09 3.89 -11.67
N LEU A 65 -6.69 5.14 -11.89
CA LEU A 65 -6.94 5.78 -13.17
C LEU A 65 -6.14 5.12 -14.28
N LEU A 66 -4.92 4.66 -13.97
CA LEU A 66 -4.14 3.92 -14.96
C LEU A 66 -4.85 2.62 -15.35
N LEU A 67 -5.40 1.90 -14.36
CA LEU A 67 -6.11 0.68 -14.70
C LEU A 67 -7.42 0.97 -15.44
N TRP A 68 -8.09 2.07 -15.10
CA TRP A 68 -9.29 2.47 -15.84
C TRP A 68 -8.95 2.77 -17.30
N THR A 69 -7.84 3.47 -17.53
CA THR A 69 -7.41 3.76 -18.90
C THR A 69 -7.10 2.48 -19.64
N GLY A 70 -6.42 1.53 -18.98
CA GLY A 70 -6.17 0.25 -19.61
C GLY A 70 -7.44 -0.48 -20.00
N ALA A 71 -8.43 -0.48 -19.11
CA ALA A 71 -9.71 -1.14 -19.40
C ALA A 71 -10.42 -0.47 -20.56
N ILE A 72 -10.41 0.87 -20.60
CA ILE A 72 -11.06 1.59 -21.68
C ILE A 72 -10.38 1.29 -23.01
N LEU A 73 -9.05 1.27 -23.02
CA LEU A 73 -8.32 0.95 -24.25
C LEU A 73 -8.62 -0.46 -24.71
N CYS A 74 -8.70 -1.42 -23.77
CA CYS A 74 -9.04 -2.79 -24.13
C CYS A 74 -10.43 -2.87 -24.74
N PHE A 75 -11.39 -2.14 -24.15
CA PHE A 75 -12.74 -2.15 -24.71
C PHE A 75 -12.79 -1.53 -26.10
N VAL A 76 -12.01 -0.47 -26.32
CA VAL A 76 -11.95 0.14 -27.65
C VAL A 76 -11.37 -0.85 -28.66
N ALA A 77 -10.30 -1.55 -28.27
CA ALA A 77 -9.70 -2.54 -29.16
C ALA A 77 -10.69 -3.66 -29.48
N TYR A 78 -11.43 -4.12 -28.48
CA TYR A 78 -12.41 -5.18 -28.71
C TYR A 78 -13.53 -4.68 -29.63
N SER A 79 -13.95 -3.42 -29.46
CA SER A 79 -14.97 -2.87 -30.34
C SER A 79 -14.48 -2.81 -31.79
N ILE A 80 -13.23 -2.40 -31.98
CA ILE A 80 -12.65 -2.36 -33.33
C ILE A 80 -12.63 -3.76 -33.93
N GLN A 81 -12.19 -4.75 -33.15
CA GLN A 81 -12.13 -6.12 -33.66
C GLN A 81 -13.52 -6.65 -34.00
N ILE A 82 -14.51 -6.35 -33.15
CA ILE A 82 -15.87 -6.79 -33.42
C ILE A 82 -16.40 -6.17 -34.71
N TYR A 83 -16.15 -4.88 -34.90
CA TYR A 83 -16.73 -4.20 -36.05
C TYR A 83 -16.05 -4.58 -37.36
N PHE A 84 -14.72 -4.78 -37.35
CA PHE A 84 -14.00 -4.94 -38.60
C PHE A 84 -13.48 -6.34 -38.88
N ASN A 85 -13.27 -7.17 -37.87
CA ASN A 85 -12.63 -8.46 -38.06
C ASN A 85 -13.66 -9.59 -38.11
N GLU A 86 -13.17 -10.78 -38.46
CA GLU A 86 -14.00 -11.97 -38.59
C GLU A 86 -13.69 -12.93 -37.45
N GLU A 87 -14.73 -13.30 -36.70
CA GLU A 87 -14.61 -14.17 -35.54
C GLU A 87 -13.50 -13.73 -34.58
N PRO A 88 -13.60 -12.52 -34.01
CA PRO A 88 -12.59 -12.09 -33.06
C PRO A 88 -12.71 -12.84 -31.74
N THR A 89 -11.56 -12.99 -31.07
CA THR A 89 -11.55 -13.59 -29.75
C THR A 89 -11.90 -12.54 -28.69
N LYS A 90 -12.17 -13.02 -27.48
CA LYS A 90 -12.63 -12.16 -26.39
C LYS A 90 -11.52 -11.79 -25.42
N ASP A 91 -10.27 -11.78 -25.88
CA ASP A 91 -9.15 -11.43 -25.01
C ASP A 91 -9.30 -10.02 -24.45
N ASN A 92 -9.63 -9.05 -25.31
CA ASN A 92 -9.73 -7.67 -24.87
C ASN A 92 -10.94 -7.45 -23.97
N LEU A 93 -12.05 -8.14 -24.24
CA LEU A 93 -13.20 -8.07 -23.36
C LEU A 93 -12.87 -8.62 -21.97
N TYR A 94 -12.17 -9.77 -21.93
CA TYR A 94 -11.72 -10.32 -20.66
C TYR A 94 -10.84 -9.33 -19.92
N LEU A 95 -9.90 -8.70 -20.64
CA LEU A 95 -9.01 -7.74 -19.99
C LEU A 95 -9.76 -6.54 -19.43
N SER A 96 -10.72 -6.00 -20.19
CA SER A 96 -11.51 -4.89 -19.70
C SER A 96 -12.24 -5.26 -18.41
N ILE A 97 -12.93 -6.40 -18.42
CA ILE A 97 -13.71 -6.80 -17.26
C ILE A 97 -12.78 -7.04 -16.06
N VAL A 98 -11.65 -7.70 -16.29
CA VAL A 98 -10.74 -8.03 -15.20
C VAL A 98 -10.14 -6.76 -14.59
N LEU A 99 -9.73 -5.80 -15.43
CA LEU A 99 -9.19 -4.56 -14.91
C LEU A 99 -10.22 -3.79 -14.10
N SER A 100 -11.45 -3.70 -14.60
CA SER A 100 -12.49 -3.00 -13.86
C SER A 100 -12.75 -3.68 -12.51
N VAL A 101 -12.83 -5.01 -12.51
CA VAL A 101 -13.11 -5.73 -11.27
C VAL A 101 -11.98 -5.55 -10.27
N VAL A 102 -10.73 -5.55 -10.74
CA VAL A 102 -9.59 -5.34 -9.85
C VAL A 102 -9.68 -3.96 -9.20
N VAL A 103 -9.97 -2.94 -10.01
CA VAL A 103 -10.08 -1.58 -9.45
C VAL A 103 -11.18 -1.53 -8.39
N ILE A 104 -12.35 -2.11 -8.71
CA ILE A 104 -13.48 -2.02 -7.79
C ILE A 104 -13.18 -2.75 -6.48
N VAL A 105 -12.58 -3.94 -6.57
CA VAL A 105 -12.29 -4.70 -5.36
C VAL A 105 -11.26 -4.00 -4.50
N THR A 106 -10.21 -3.44 -5.12
CA THR A 106 -9.21 -2.72 -4.33
C THR A 106 -9.81 -1.49 -3.65
N GLY A 107 -10.68 -0.76 -4.37
CA GLY A 107 -11.37 0.35 -3.75
C GLY A 107 -12.24 -0.07 -2.59
N CYS A 108 -12.95 -1.19 -2.74
CA CYS A 108 -13.77 -1.71 -1.64
C CYS A 108 -12.91 -2.03 -0.42
N PHE A 109 -11.76 -2.67 -0.64
CA PHE A 109 -10.88 -3.02 0.48
C PHE A 109 -10.40 -1.77 1.22
N SER A 110 -9.90 -0.78 0.47
CA SER A 110 -9.40 0.42 1.11
C SER A 110 -10.51 1.17 1.83
N TYR A 111 -11.68 1.27 1.21
CA TYR A 111 -12.82 1.92 1.85
C TYR A 111 -13.21 1.21 3.14
N TYR A 112 -13.20 -0.12 3.13
CA TYR A 112 -13.54 -0.87 4.33
C TYR A 112 -12.56 -0.58 5.47
N GLN A 113 -11.26 -0.57 5.16
CA GLN A 113 -10.28 -0.28 6.22
C GLN A 113 -10.49 1.11 6.80
N GLU A 114 -10.65 2.12 5.93
CA GLU A 114 -10.81 3.48 6.43
C GLU A 114 -12.13 3.67 7.16
N ALA A 115 -13.18 2.96 6.74
CA ALA A 115 -14.45 3.02 7.46
C ALA A 115 -14.34 2.38 8.83
N LYS A 116 -13.55 1.31 8.96
CA LYS A 116 -13.30 0.73 10.27
C LYS A 116 -12.62 1.75 11.20
N SER A 117 -11.59 2.43 10.69
CA SER A 117 -10.93 3.44 11.52
C SER A 117 -11.89 4.57 11.90
N SER A 118 -12.70 5.02 10.94
CA SER A 118 -13.67 6.08 11.21
C SER A 118 -14.70 5.65 12.24
N LYS A 119 -15.14 4.39 12.19
CA LYS A 119 -16.08 3.90 13.18
C LYS A 119 -15.46 3.88 14.57
N ILE A 120 -14.18 3.49 14.66
CA ILE A 120 -13.52 3.53 15.97
C ILE A 120 -13.47 4.97 16.50
N MET A 121 -13.13 5.92 15.62
CA MET A 121 -13.09 7.33 16.03
C MET A 121 -14.46 7.82 16.48
N GLU A 122 -15.51 7.47 15.75
CA GLU A 122 -16.87 7.87 16.13
C GLU A 122 -17.27 7.25 17.46
N SER A 123 -16.91 5.99 17.70
CA SER A 123 -17.20 5.38 18.99
C SER A 123 -16.49 6.13 20.11
N PHE A 124 -15.25 6.55 19.88
CA PHE A 124 -14.54 7.33 20.89
C PHE A 124 -15.24 8.65 21.15
N LYS A 125 -15.71 9.34 20.10
CA LYS A 125 -16.42 10.59 20.29
C LYS A 125 -17.78 10.34 20.95
N ASN A 126 -18.09 11.11 21.99
CA ASN A 126 -19.33 10.97 22.74
C ASN A 126 -19.98 12.33 22.94
N MET A 127 -21.30 12.33 23.04
CA MET A 127 -22.07 13.57 23.23
C MET A 127 -22.86 13.47 24.53
N VAL A 128 -22.73 14.49 25.36
CA VAL A 128 -23.54 14.65 26.56
C VAL A 128 -24.16 16.04 26.53
N PRO A 129 -25.46 16.19 26.77
CA PRO A 129 -26.08 17.52 26.68
C PRO A 129 -25.48 18.52 27.65
N GLN A 130 -24.85 19.56 27.11
CA GLN A 130 -24.25 20.61 27.92
C GLN A 130 -25.26 21.73 28.15
N GLN A 131 -25.34 22.20 29.39
CA GLN A 131 -26.28 23.24 29.78
C GLN A 131 -25.54 24.32 30.55
N ALA A 132 -26.01 25.56 30.39
CA ALA A 132 -25.40 26.72 31.00
C ALA A 132 -26.31 27.31 32.06
N LEU A 133 -25.78 28.27 32.81
CA LEU A 133 -26.51 29.01 33.84
C LEU A 133 -26.53 30.48 33.45
N VAL A 134 -27.70 30.99 33.11
CA VAL A 134 -27.87 32.38 32.67
C VAL A 134 -28.84 33.08 33.62
N ILE A 135 -28.54 34.33 33.94
CA ILE A 135 -29.39 35.13 34.82
C ILE A 135 -30.38 35.86 33.91
N ARG A 136 -31.46 35.16 33.57
CA ARG A 136 -32.47 35.67 32.67
C ARG A 136 -33.81 35.75 33.38
N GLY A 137 -34.48 36.89 33.24
CA GLY A 137 -35.72 37.12 33.95
C GLY A 137 -35.54 37.44 35.42
N GLY A 138 -34.32 37.65 35.88
CA GLY A 138 -34.03 37.91 37.27
C GLY A 138 -33.72 36.69 38.12
N GLU A 139 -33.78 35.49 37.55
CA GLU A 139 -33.53 34.28 38.31
C GLU A 139 -32.63 33.34 37.50
N LYS A 140 -32.16 32.29 38.17
CA LYS A 140 -31.25 31.33 37.56
C LYS A 140 -32.03 30.39 36.65
N MET A 141 -31.46 30.11 35.48
CA MET A 141 -32.07 29.17 34.54
C MET A 141 -31.01 28.22 34.01
N GLN A 142 -31.38 26.94 33.90
CA GLN A 142 -30.49 25.91 33.36
C GLN A 142 -30.82 25.68 31.88
N ILE A 143 -30.55 26.71 31.08
CA ILE A 143 -30.84 26.62 29.65
C ILE A 143 -29.78 25.76 28.96
N ASN A 144 -30.11 25.34 27.74
CA ASN A 144 -29.15 24.60 26.92
C ASN A 144 -28.05 25.54 26.43
N VAL A 145 -26.89 24.95 26.14
CA VAL A 145 -25.73 25.74 25.77
C VAL A 145 -25.93 26.46 24.44
N GLN A 146 -26.76 25.90 23.55
CA GLN A 146 -26.97 26.49 22.24
C GLN A 146 -27.87 27.71 22.28
N GLU A 147 -28.62 27.92 23.36
CA GLU A 147 -29.54 29.04 23.46
C GLU A 147 -28.91 30.27 24.10
N VAL A 148 -27.63 30.21 24.46
CA VAL A 148 -26.97 31.38 25.00
C VAL A 148 -26.76 32.41 23.89
N VAL A 149 -27.08 33.67 24.19
CA VAL A 149 -27.06 34.74 23.21
C VAL A 149 -26.03 35.77 23.62
N LEU A 150 -25.70 36.64 22.66
CA LEU A 150 -24.76 37.72 22.92
C LEU A 150 -25.33 38.67 23.98
N GLY A 151 -24.46 39.09 24.90
CA GLY A 151 -24.86 39.96 25.98
C GLY A 151 -25.47 39.27 27.19
N ASP A 152 -25.65 37.96 27.14
CA ASP A 152 -26.26 37.24 28.24
C ASP A 152 -25.38 37.30 29.48
N LEU A 153 -26.03 37.32 30.65
CA LEU A 153 -25.34 37.29 31.93
C LEU A 153 -25.23 35.85 32.39
N VAL A 154 -24.00 35.37 32.57
CA VAL A 154 -23.72 33.97 32.82
C VAL A 154 -22.89 33.86 34.09
N GLU A 155 -23.24 32.88 34.93
CA GLU A 155 -22.49 32.56 36.14
C GLU A 155 -21.83 31.20 35.97
N ILE A 156 -20.54 31.12 36.29
CA ILE A 156 -19.77 29.90 36.17
C ILE A 156 -19.23 29.53 37.55
N LYS A 157 -19.37 28.25 37.90
CA LYS A 157 -18.82 27.71 39.14
C LYS A 157 -17.72 26.71 38.80
N GLY A 158 -17.09 26.18 39.84
CA GLY A 158 -16.06 25.18 39.63
C GLY A 158 -16.63 23.91 39.02
N GLY A 159 -15.85 23.30 38.14
CA GLY A 159 -16.27 22.10 37.44
C GLY A 159 -17.20 22.35 36.27
N ASP A 160 -17.46 23.60 35.90
CA ASP A 160 -18.36 23.94 34.82
C ASP A 160 -17.57 24.36 33.59
N ARG A 161 -17.93 23.81 32.44
CA ARG A 161 -17.42 24.33 31.18
C ARG A 161 -17.92 25.75 30.96
N VAL A 162 -17.05 26.60 30.41
CA VAL A 162 -17.42 27.97 30.11
C VAL A 162 -18.33 27.95 28.89
N PRO A 163 -19.54 28.50 28.98
CA PRO A 163 -20.52 28.32 27.89
C PRO A 163 -20.16 29.08 26.63
N ALA A 164 -19.57 30.27 26.75
CA ALA A 164 -19.16 31.06 25.60
C ALA A 164 -18.01 31.96 26.04
N ASP A 165 -17.57 32.84 25.15
CA ASP A 165 -16.56 33.82 25.53
C ASP A 165 -17.19 34.86 26.45
N LEU A 166 -16.61 35.06 27.62
CA LEU A 166 -17.20 35.87 28.67
C LEU A 166 -16.28 37.00 29.07
N ARG A 167 -16.87 38.14 29.40
CA ARG A 167 -16.18 39.26 30.00
C ARG A 167 -16.58 39.31 31.47
N LEU A 168 -15.67 38.95 32.36
CA LEU A 168 -16.01 38.80 33.76
C LEU A 168 -16.27 40.14 34.43
N ILE A 169 -17.33 40.20 35.22
CA ILE A 169 -17.69 41.38 35.99
C ILE A 169 -17.59 41.13 37.49
N SER A 170 -17.96 39.93 37.93
CA SER A 170 -17.84 39.51 39.32
C SER A 170 -17.14 38.16 39.37
N ALA A 171 -16.24 38.00 40.34
CA ALA A 171 -15.50 36.75 40.48
C ALA A 171 -15.07 36.59 41.93
N GLN A 172 -15.00 35.34 42.39
CA GLN A 172 -14.61 35.02 43.76
C GLN A 172 -13.67 33.81 43.71
N GLY A 173 -12.37 34.08 43.60
CA GLY A 173 -11.38 33.02 43.55
C GLY A 173 -11.55 32.09 42.36
N CYS A 174 -11.75 32.66 41.18
CA CYS A 174 -12.02 31.88 39.98
C CYS A 174 -10.72 31.43 39.33
N LYS A 175 -10.64 30.15 38.99
CA LYS A 175 -9.51 29.58 38.25
C LYS A 175 -10.04 28.70 37.14
N VAL A 176 -9.45 28.84 35.95
CA VAL A 176 -9.86 28.08 34.78
C VAL A 176 -8.66 27.38 34.18
N ASP A 177 -8.92 26.28 33.47
CA ASP A 177 -7.89 25.53 32.77
C ASP A 177 -7.90 25.95 31.30
N ASN A 178 -6.87 26.66 30.88
CA ASN A 178 -6.73 27.12 29.50
C ASN A 178 -5.71 26.30 28.71
N SER A 179 -5.34 25.12 29.21
CA SER A 179 -4.28 24.34 28.58
C SER A 179 -4.63 23.94 27.15
N SER A 180 -5.89 23.56 26.92
CA SER A 180 -6.28 23.15 25.57
C SER A 180 -6.28 24.33 24.59
N LEU A 181 -6.61 25.53 25.06
CA LEU A 181 -6.72 26.69 24.19
C LEU A 181 -5.45 27.52 24.11
N THR A 182 -4.72 27.67 25.21
CA THR A 182 -3.55 28.52 25.24
C THR A 182 -2.23 27.79 25.49
N GLY A 183 -2.28 26.55 25.97
CA GLY A 183 -1.08 25.82 26.27
C GLY A 183 -0.50 26.06 27.64
N GLU A 184 -1.26 26.66 28.55
CA GLU A 184 -0.81 26.91 29.92
C GLU A 184 -1.32 25.80 30.83
N SER A 185 -0.38 25.06 31.43
CA SER A 185 -0.77 23.87 32.21
C SER A 185 -1.45 24.24 33.51
N GLU A 186 -0.89 25.20 34.25
CA GLU A 186 -1.44 25.53 35.56
C GLU A 186 -2.72 26.34 35.41
N PRO A 187 -3.71 26.13 36.29
CA PRO A 187 -4.94 26.94 36.23
C PRO A 187 -4.64 28.42 36.43
N GLN A 188 -5.39 29.25 35.72
CA GLN A 188 -5.17 30.69 35.67
C GLN A 188 -6.23 31.40 36.49
N SER A 189 -5.79 32.30 37.38
CA SER A 189 -6.73 33.07 38.17
C SER A 189 -7.47 34.08 37.30
N ARG A 190 -8.74 34.31 37.62
CA ARG A 190 -9.60 35.21 36.86
C ARG A 190 -10.06 36.34 37.77
N SER A 191 -9.88 37.58 37.32
CA SER A 191 -10.35 38.75 38.04
C SER A 191 -11.09 39.68 37.08
N PRO A 192 -12.06 40.44 37.58
CA PRO A 192 -12.81 41.33 36.69
C PRO A 192 -12.12 42.65 36.40
N ASP A 193 -10.83 42.60 36.08
CA ASP A 193 -10.06 43.81 35.81
C ASP A 193 -9.14 43.59 34.62
N PHE A 194 -8.89 44.67 33.88
CA PHE A 194 -7.97 44.62 32.76
C PHE A 194 -6.55 44.40 33.26
N THR A 195 -5.86 43.40 32.72
CA THR A 195 -4.51 43.07 33.12
C THR A 195 -3.51 43.17 31.98
N HIS A 196 -3.81 42.57 30.83
CA HIS A 196 -2.89 42.53 29.71
C HIS A 196 -3.60 43.01 28.45
N GLU A 197 -2.82 43.57 27.52
CA GLU A 197 -3.39 44.05 26.27
C GLU A 197 -3.95 42.90 25.44
N ASN A 198 -3.23 41.79 25.39
CA ASN A 198 -3.68 40.63 24.61
C ASN A 198 -4.90 40.00 25.26
N PRO A 199 -5.98 39.75 24.51
CA PRO A 199 -7.14 39.08 25.11
C PRO A 199 -6.82 37.70 25.65
N LEU A 200 -5.89 36.98 25.03
CA LEU A 200 -5.54 35.64 25.49
C LEU A 200 -4.73 35.65 26.78
N GLU A 201 -4.27 36.82 27.23
CA GLU A 201 -3.49 36.92 28.45
C GLU A 201 -4.19 37.68 29.57
N THR A 202 -5.14 38.56 29.25
CA THR A 202 -5.84 39.31 30.29
C THR A 202 -6.69 38.37 31.13
N ARG A 203 -6.87 38.73 32.40
CA ARG A 203 -7.53 37.89 33.37
C ARG A 203 -9.02 38.16 33.51
N ASN A 204 -9.58 39.07 32.72
CA ASN A 204 -11.00 39.39 32.79
C ASN A 204 -11.80 38.79 31.64
N ILE A 205 -11.22 37.86 30.88
CA ILE A 205 -11.91 37.19 29.79
C ILE A 205 -11.81 35.69 29.98
N CYS A 206 -12.95 35.01 29.89
CA CYS A 206 -13.01 33.55 29.87
C CYS A 206 -13.44 33.09 28.49
N PHE A 207 -12.87 31.98 28.03
CA PHE A 207 -13.07 31.52 26.66
C PHE A 207 -13.92 30.26 26.63
N PHE A 208 -14.69 30.13 25.57
CA PHE A 208 -15.46 28.91 25.33
C PHE A 208 -14.53 27.71 25.17
N SER A 209 -15.02 26.55 25.61
CA SER A 209 -14.32 25.26 25.57
C SER A 209 -13.24 25.15 26.64
N THR A 210 -13.29 25.99 27.67
CA THR A 210 -12.42 25.85 28.83
C THR A 210 -13.25 25.47 30.04
N ASN A 211 -12.57 24.92 31.05
CA ASN A 211 -13.22 24.42 32.26
C ASN A 211 -12.86 25.31 33.43
N CYS A 212 -13.87 25.76 34.17
CA CYS A 212 -13.64 26.44 35.43
C CYS A 212 -13.28 25.41 36.50
N VAL A 213 -12.18 25.64 37.20
CA VAL A 213 -11.63 24.66 38.12
C VAL A 213 -12.10 24.91 39.56
N GLU A 214 -12.14 26.16 39.99
CA GLU A 214 -12.52 26.47 41.35
C GLU A 214 -13.14 27.86 41.41
N GLY A 215 -13.81 28.13 42.52
CA GLY A 215 -14.42 29.43 42.72
C GLY A 215 -15.67 29.60 41.88
N THR A 216 -16.08 30.86 41.74
CA THR A 216 -17.25 31.20 40.95
C THR A 216 -17.05 32.59 40.36
N ALA A 217 -17.79 32.86 39.29
CA ALA A 217 -17.69 34.15 38.61
C ALA A 217 -18.96 34.41 37.83
N ARG A 218 -19.15 35.67 37.48
CA ARG A 218 -20.23 36.11 36.61
C ARG A 218 -19.66 36.96 35.48
N GLY A 219 -20.26 36.84 34.30
CA GLY A 219 -19.74 37.59 33.16
C GLY A 219 -20.79 37.75 32.09
N ILE A 220 -20.44 38.58 31.10
CA ILE A 220 -21.32 38.90 29.98
C ILE A 220 -20.79 38.17 28.75
N VAL A 221 -21.69 37.55 27.99
CA VAL A 221 -21.31 36.86 26.77
C VAL A 221 -20.89 37.89 25.73
N ILE A 222 -19.66 37.78 25.24
CA ILE A 222 -19.14 38.69 24.24
C ILE A 222 -18.97 38.02 22.88
N ALA A 223 -18.95 36.69 22.81
CA ALA A 223 -18.83 35.98 21.55
C ALA A 223 -19.63 34.69 21.64
N THR A 224 -20.29 34.35 20.54
CA THR A 224 -21.21 33.22 20.51
C THR A 224 -20.95 32.40 19.24
N GLY A 225 -20.92 31.09 19.40
CA GLY A 225 -20.78 30.20 18.25
C GLY A 225 -19.47 30.38 17.54
N ASP A 226 -19.54 30.60 16.21
CA ASP A 226 -18.36 30.73 15.37
C ASP A 226 -17.57 32.01 15.64
N SER A 227 -18.15 32.96 16.36
CA SER A 227 -17.44 34.19 16.69
C SER A 227 -16.52 34.03 17.89
N THR A 228 -16.60 32.91 18.60
CA THR A 228 -15.71 32.66 19.73
C THR A 228 -14.30 32.38 19.23
N VAL A 229 -13.36 32.39 20.17
CA VAL A 229 -11.96 32.11 19.83
C VAL A 229 -11.82 30.70 19.25
N MET A 230 -12.52 29.72 19.83
CA MET A 230 -12.49 28.37 19.29
C MET A 230 -13.12 28.31 17.90
N GLY A 231 -14.21 29.06 17.68
CA GLY A 231 -14.86 29.02 16.39
C GLY A 231 -14.01 29.59 15.28
N ARG A 232 -13.24 30.64 15.58
CA ARG A 232 -12.33 31.20 14.59
C ARG A 232 -11.21 30.24 14.25
N ILE A 233 -10.69 29.53 15.27
CA ILE A 233 -9.70 28.47 15.02
C ILE A 233 -10.30 27.39 14.13
N ALA A 234 -11.57 27.03 14.39
CA ALA A 234 -12.23 26.01 13.58
C ALA A 234 -12.39 26.46 12.13
N SER A 235 -12.75 27.72 11.92
CA SER A 235 -12.86 28.24 10.56
C SER A 235 -11.50 28.26 9.87
N LEU A 236 -10.45 28.65 10.60
CA LEU A 236 -9.11 28.62 10.05
C LEU A 236 -8.70 27.22 9.64
N THR A 237 -9.01 26.23 10.48
CA THR A 237 -8.73 24.83 10.13
C THR A 237 -9.52 24.40 8.91
N SER A 238 -10.80 24.78 8.84
CA SER A 238 -11.65 24.36 7.73
C SER A 238 -11.24 25.01 6.42
N GLY A 239 -10.59 26.16 6.48
CA GLY A 239 -10.16 26.83 5.26
C GLY A 239 -8.86 26.34 4.67
N LEU A 240 -8.32 25.23 5.15
CA LEU A 240 -7.03 24.72 4.71
C LEU A 240 -7.20 23.57 3.73
N ALA A 241 -6.31 23.52 2.73
CA ALA A 241 -6.31 22.42 1.78
C ALA A 241 -5.79 21.14 2.43
N VAL A 242 -6.11 20.01 1.80
CA VAL A 242 -5.75 18.71 2.37
C VAL A 242 -4.25 18.43 2.17
N GLY A 243 -3.78 18.56 0.94
CA GLY A 243 -2.37 18.26 0.68
C GLY A 243 -2.15 16.81 0.27
N GLN A 244 -1.07 16.59 -0.47
CA GLN A 244 -0.74 15.28 -1.01
C GLN A 244 0.29 14.60 -0.12
N THR A 245 0.02 13.33 0.23
CA THR A 245 0.96 12.58 1.03
C THR A 245 2.21 12.25 0.23
N PRO A 246 3.35 12.05 0.90
CA PRO A 246 4.58 11.71 0.16
C PRO A 246 4.49 10.43 -0.65
N ILE A 247 3.77 9.42 -0.15
CA ILE A 247 3.69 8.16 -0.88
C ILE A 247 2.83 8.31 -2.13
N ALA A 248 1.82 9.19 -2.08
CA ALA A 248 1.00 9.45 -3.27
C ALA A 248 1.83 10.09 -4.38
N ALA A 249 2.73 11.00 -4.02
CA ALA A 249 3.62 11.61 -5.02
C ALA A 249 4.54 10.55 -5.63
N GLU A 250 5.03 9.62 -4.82
CA GLU A 250 5.87 8.55 -5.34
C GLU A 250 5.10 7.66 -6.30
N ILE A 251 3.85 7.33 -5.96
CA ILE A 251 3.03 6.52 -6.86
C ILE A 251 2.76 7.27 -8.16
N GLU A 252 2.54 8.58 -8.07
CA GLU A 252 2.33 9.39 -9.26
C GLU A 252 3.57 9.39 -10.16
N HIS A 253 4.75 9.53 -9.56
CA HIS A 253 5.99 9.48 -10.34
C HIS A 253 6.17 8.11 -11.00
N PHE A 254 5.86 7.04 -10.27
CA PHE A 254 5.95 5.70 -10.83
C PHE A 254 5.01 5.53 -12.01
N ILE A 255 3.79 6.08 -11.90
CA ILE A 255 2.83 6.01 -13.00
C ILE A 255 3.35 6.79 -14.20
N HIS A 256 3.97 7.94 -13.96
CA HIS A 256 4.57 8.70 -15.07
C HIS A 256 5.62 7.85 -15.79
N LEU A 257 6.52 7.22 -15.03
CA LEU A 257 7.57 6.41 -15.65
C LEU A 257 6.98 5.25 -16.44
N ILE A 258 6.01 4.56 -15.86
CA ILE A 258 5.41 3.41 -16.52
C ILE A 258 4.68 3.84 -17.80
N THR A 259 3.97 4.96 -17.74
CA THR A 259 3.28 5.47 -18.92
C THR A 259 4.27 5.81 -20.03
N VAL A 260 5.39 6.46 -19.66
CA VAL A 260 6.39 6.81 -20.66
C VAL A 260 6.95 5.56 -21.33
N VAL A 261 7.30 4.55 -20.52
CA VAL A 261 7.88 3.32 -21.08
C VAL A 261 6.87 2.63 -22.00
N ALA A 262 5.63 2.51 -21.52
CA ALA A 262 4.60 1.81 -22.29
C ALA A 262 4.32 2.52 -23.61
N VAL A 263 4.18 3.83 -23.57
CA VAL A 263 3.89 4.59 -24.79
C VAL A 263 5.06 4.49 -25.77
N PHE A 264 6.29 4.57 -25.27
CA PHE A 264 7.44 4.47 -26.17
C PHE A 264 7.48 3.11 -26.85
N LEU A 265 7.33 2.04 -26.08
CA LEU A 265 7.32 0.70 -26.67
C LEU A 265 6.20 0.55 -27.69
N GLY A 266 5.00 0.99 -27.32
CA GLY A 266 3.86 0.85 -28.21
C GLY A 266 4.03 1.59 -29.51
N VAL A 267 4.55 2.82 -29.45
CA VAL A 267 4.71 3.62 -30.67
C VAL A 267 5.82 3.04 -31.54
N THR A 268 6.93 2.60 -30.92
CA THR A 268 8.00 2.01 -31.73
C THR A 268 7.52 0.75 -32.45
N PHE A 269 6.77 -0.10 -31.77
CA PHE A 269 6.30 -1.31 -32.44
C PHE A 269 5.13 -1.05 -33.38
N PHE A 270 4.35 0.02 -33.16
CA PHE A 270 3.37 0.45 -34.15
C PHE A 270 4.06 0.85 -35.45
N ALA A 271 5.13 1.63 -35.34
CA ALA A 271 5.90 2.01 -36.52
C ALA A 271 6.52 0.78 -37.20
N LEU A 272 7.05 -0.15 -36.39
CA LEU A 272 7.63 -1.37 -36.96
C LEU A 272 6.57 -2.19 -37.69
N SER A 273 5.37 -2.31 -37.10
CA SER A 273 4.30 -3.07 -37.74
C SER A 273 3.88 -2.43 -39.05
N LEU A 274 3.82 -1.09 -39.10
CA LEU A 274 3.52 -0.43 -40.36
C LEU A 274 4.62 -0.67 -41.39
N LEU A 275 5.88 -0.65 -40.95
CA LEU A 275 6.98 -0.91 -41.88
C LEU A 275 6.97 -2.34 -42.37
N LEU A 276 6.61 -3.30 -41.51
CA LEU A 276 6.57 -4.70 -41.90
C LEU A 276 5.37 -5.02 -42.79
N GLY A 277 4.45 -4.08 -42.99
CA GLY A 277 3.34 -4.29 -43.90
C GLY A 277 2.18 -5.03 -43.30
N TYR A 278 1.64 -4.50 -42.20
CA TYR A 278 0.49 -5.11 -41.53
C TYR A 278 -0.82 -4.43 -41.89
N GLY A 279 -0.91 -3.12 -41.74
CA GLY A 279 -2.15 -2.41 -41.93
C GLY A 279 -2.42 -1.53 -40.72
N TRP A 280 -3.09 -0.40 -40.96
CA TRP A 280 -3.30 0.57 -39.91
C TRP A 280 -4.13 0.00 -38.77
N LEU A 281 -5.18 -0.76 -39.10
CA LEU A 281 -6.05 -1.31 -38.07
C LEU A 281 -5.32 -2.33 -37.20
N GLU A 282 -4.59 -3.26 -37.84
CA GLU A 282 -3.80 -4.23 -37.08
C GLU A 282 -2.72 -3.53 -36.26
N ALA A 283 -2.10 -2.48 -36.82
CA ALA A 283 -1.10 -1.73 -36.08
C ALA A 283 -1.70 -1.05 -34.86
N ILE A 284 -2.92 -0.52 -35.00
CA ILE A 284 -3.59 0.10 -33.85
C ILE A 284 -3.89 -0.95 -32.78
N ILE A 285 -4.34 -2.13 -33.20
CA ILE A 285 -4.59 -3.21 -32.25
C ILE A 285 -3.29 -3.59 -31.52
N PHE A 286 -2.18 -3.69 -32.28
CA PHE A 286 -0.89 -4.00 -31.68
C PHE A 286 -0.49 -2.94 -30.68
N LEU A 287 -0.67 -1.66 -31.03
CA LEU A 287 -0.31 -0.56 -30.15
C LEU A 287 -1.09 -0.62 -28.85
N ILE A 288 -2.40 -0.84 -28.94
CA ILE A 288 -3.22 -0.91 -27.73
C ILE A 288 -2.80 -2.09 -26.87
N GLY A 289 -2.58 -3.25 -27.50
CA GLY A 289 -2.19 -4.43 -26.74
C GLY A 289 -0.85 -4.25 -26.03
N ILE A 290 0.12 -3.67 -26.73
CA ILE A 290 1.44 -3.46 -26.14
C ILE A 290 1.37 -2.45 -25.00
N ILE A 291 0.60 -1.37 -25.17
CA ILE A 291 0.47 -0.39 -24.11
C ILE A 291 -0.20 -1.00 -22.88
N VAL A 292 -1.26 -1.81 -23.09
CA VAL A 292 -1.97 -2.39 -21.96
C VAL A 292 -1.11 -3.43 -21.25
N ALA A 293 -0.31 -4.20 -22.00
CA ALA A 293 0.50 -5.24 -21.40
C ALA A 293 1.50 -4.71 -20.39
N ASN A 294 1.85 -3.43 -20.46
CA ASN A 294 2.77 -2.85 -19.51
C ASN A 294 2.11 -2.45 -18.20
N VAL A 295 0.78 -2.39 -18.16
CA VAL A 295 0.06 -1.98 -16.95
C VAL A 295 0.07 -3.11 -15.94
N PRO A 296 0.66 -2.92 -14.76
CA PRO A 296 0.69 -3.95 -13.71
C PRO A 296 -0.56 -3.92 -12.82
N GLU A 297 -1.64 -4.55 -13.30
CA GLU A 297 -2.91 -4.46 -12.59
C GLU A 297 -2.87 -5.14 -11.23
N GLY A 298 -2.00 -6.13 -11.06
CA GLY A 298 -1.88 -6.79 -9.77
C GLY A 298 -1.06 -6.05 -8.74
N LEU A 299 -0.31 -5.02 -9.17
CA LEU A 299 0.52 -4.26 -8.24
C LEU A 299 -0.32 -3.32 -7.38
N LEU A 300 -1.47 -2.88 -7.88
CA LEU A 300 -2.35 -2.01 -7.11
C LEU A 300 -2.82 -2.72 -5.84
N ALA A 301 -3.34 -3.94 -6.00
CA ALA A 301 -3.77 -4.72 -4.84
C ALA A 301 -2.61 -5.03 -3.92
N THR A 302 -1.43 -5.30 -4.48
CA THR A 302 -0.25 -5.58 -3.68
C THR A 302 0.10 -4.40 -2.79
N VAL A 303 0.12 -3.19 -3.36
CA VAL A 303 0.45 -1.99 -2.59
C VAL A 303 -0.59 -1.76 -1.52
N THR A 304 -1.87 -1.92 -1.86
CA THR A 304 -2.93 -1.72 -0.87
C THR A 304 -2.79 -2.71 0.28
N VAL A 305 -2.49 -3.98 -0.02
CA VAL A 305 -2.37 -4.99 1.02
C VAL A 305 -1.16 -4.71 1.91
N CYS A 306 -0.04 -4.28 1.31
CA CYS A 306 1.13 -3.95 2.13
C CYS A 306 0.84 -2.79 3.07
N LEU A 307 0.18 -1.74 2.57
CA LEU A 307 -0.21 -0.63 3.42
C LEU A 307 -1.13 -1.10 4.54
N THR A 308 -2.09 -1.97 4.21
CA THR A 308 -3.03 -2.46 5.22
C THR A 308 -2.31 -3.29 6.29
N LEU A 309 -1.33 -4.10 5.88
CA LEU A 309 -0.58 -4.88 6.85
C LEU A 309 0.20 -3.99 7.80
N THR A 310 0.84 -2.94 7.26
CA THR A 310 1.54 -2.00 8.14
C THR A 310 0.56 -1.29 9.07
N ALA A 311 -0.61 -0.92 8.55
CA ALA A 311 -1.61 -0.24 9.38
C ALA A 311 -2.08 -1.14 10.52
N LYS A 312 -2.30 -2.42 10.25
CA LYS A 312 -2.73 -3.34 11.30
C LYS A 312 -1.61 -3.58 12.31
N ARG A 313 -0.37 -3.64 11.83
CA ARG A 313 0.76 -3.77 12.75
C ARG A 313 0.84 -2.57 13.69
N MET A 314 0.58 -1.37 13.17
CA MET A 314 0.59 -0.18 14.02
C MET A 314 -0.62 -0.15 14.96
N ALA A 315 -1.77 -0.63 14.48
CA ALA A 315 -2.96 -0.67 15.32
C ALA A 315 -2.79 -1.64 16.47
N ARG A 316 -1.96 -2.68 16.28
CA ARG A 316 -1.64 -3.59 17.37
C ARG A 316 -0.98 -2.85 18.54
N LYS A 317 -0.36 -1.71 18.28
CA LYS A 317 0.32 -0.93 19.29
C LYS A 317 -0.43 0.36 19.64
N ASN A 318 -1.76 0.34 19.51
CA ASN A 318 -2.61 1.47 19.89
C ASN A 318 -2.29 2.73 19.11
N CYS A 319 -1.98 2.57 17.82
CA CYS A 319 -1.68 3.70 16.93
C CYS A 319 -2.63 3.62 15.74
N LEU A 320 -3.64 4.48 15.72
CA LEU A 320 -4.71 4.42 14.73
C LEU A 320 -4.39 5.38 13.58
N VAL A 321 -4.36 4.85 12.37
CA VAL A 321 -4.22 5.65 11.15
C VAL A 321 -5.58 5.74 10.49
N LYS A 322 -5.97 6.94 10.09
CA LYS A 322 -7.27 7.18 9.47
C LYS A 322 -7.26 7.02 7.97
N ASN A 323 -6.09 6.79 7.37
CA ASN A 323 -5.99 6.45 5.95
C ASN A 323 -4.72 5.64 5.74
N LEU A 324 -4.72 4.86 4.66
CA LEU A 324 -3.60 3.95 4.43
C LEU A 324 -2.32 4.70 4.03
N GLU A 325 -2.44 5.84 3.35
CA GLU A 325 -1.26 6.57 2.92
C GLU A 325 -0.49 7.17 4.08
N ALA A 326 -1.14 7.45 5.21
CA ALA A 326 -0.47 8.01 6.37
C ALA A 326 0.50 7.03 7.02
N VAL A 327 0.44 5.74 6.66
CA VAL A 327 1.26 4.73 7.30
C VAL A 327 2.74 4.87 6.96
N GLU A 328 3.06 5.65 5.93
CA GLU A 328 4.43 5.81 5.44
C GLU A 328 5.04 7.15 5.80
N THR A 329 4.24 8.17 6.11
CA THR A 329 4.73 9.54 6.14
C THR A 329 5.81 9.75 7.20
N LEU A 330 5.71 9.06 8.33
CA LEU A 330 6.72 9.23 9.38
C LEU A 330 8.09 8.74 8.92
N GLY A 331 8.14 7.77 8.02
CA GLY A 331 9.41 7.34 7.47
C GLY A 331 10.10 8.42 6.66
N SER A 332 9.35 9.28 5.99
CA SER A 332 9.87 10.38 5.16
C SER A 332 10.01 11.71 5.92
N THR A 333 9.64 11.80 7.18
CA THR A 333 9.64 13.05 8.00
C THR A 333 11.06 13.53 8.29
N SER A 334 11.32 14.79 7.97
CA SER A 334 12.62 15.44 8.26
C SER A 334 12.47 16.34 9.49
N THR A 335 11.28 16.83 9.81
CA THR A 335 11.02 17.76 10.94
C THR A 335 9.78 17.39 11.73
N ILE A 336 9.93 17.37 13.06
CA ILE A 336 8.77 17.18 13.94
C ILE A 336 8.51 18.52 14.65
N CYS A 337 7.32 19.06 14.51
CA CYS A 337 6.88 20.26 15.26
C CYS A 337 5.91 19.76 16.33
N SER A 338 6.29 19.89 17.59
CA SER A 338 5.50 19.34 18.71
C SER A 338 5.02 20.42 19.68
N BFD A 339 3.80 20.32 20.18
CA BFD A 339 3.30 21.15 21.19
C BFD A 339 3.96 20.71 22.42
O BFD A 339 4.30 19.63 22.57
CB BFD A 339 1.83 20.84 21.28
CG BFD A 339 1.10 21.52 22.33
OD1 BFD A 339 1.25 22.95 22.41
OD2 BFD A 339 0.39 20.93 23.08
BE BFD A 339 0.71 23.71 23.82
F1 BFD A 339 -0.57 22.73 24.52
F2 BFD A 339 2.14 23.86 24.83
F3 BFD A 339 0.08 25.26 23.33
N LYS A 340 3.92 21.48 23.50
CA LYS A 340 4.43 20.99 24.80
C LYS A 340 3.31 20.51 25.71
N THR A 341 2.43 21.37 26.19
CA THR A 341 1.42 21.03 27.21
C THR A 341 0.47 19.96 26.69
N GLY A 342 0.39 18.86 27.40
CA GLY A 342 -0.47 17.75 27.02
C GLY A 342 0.11 16.83 25.99
N THR A 343 1.21 17.19 25.35
CA THR A 343 1.77 16.40 24.24
C THR A 343 3.11 15.85 24.71
N LEU A 344 4.08 16.70 24.95
CA LEU A 344 5.40 16.28 25.48
C LEU A 344 5.28 16.14 27.00
N THR A 345 4.32 16.82 27.57
CA THR A 345 4.12 16.88 29.02
C THR A 345 2.82 16.17 29.37
N GLN A 346 2.69 15.76 30.60
CA GLN A 346 1.50 15.04 31.12
C GLN A 346 0.35 16.01 31.32
N ASN A 347 0.60 17.31 31.34
CA ASN A 347 -0.45 18.29 31.61
C ASN A 347 -1.11 18.01 32.97
N ARG A 348 -0.29 17.73 33.96
CA ARG A 348 -0.78 17.38 35.30
C ARG A 348 0.26 17.82 36.32
N MET A 349 -0.18 18.53 37.34
CA MET A 349 0.72 18.96 38.41
C MET A 349 1.24 17.74 39.17
N THR A 350 2.55 17.61 39.27
CA THR A 350 3.17 16.44 39.87
C THR A 350 4.32 16.86 40.77
N VAL A 351 4.45 16.17 41.91
CA VAL A 351 5.55 16.46 42.83
C VAL A 351 6.88 16.15 42.15
N ALA A 352 7.80 17.11 42.23
CA ALA A 352 9.10 17.01 41.56
C ALA A 352 10.29 16.98 42.51
N HIS A 353 10.24 17.72 43.62
CA HIS A 353 11.39 17.80 44.51
C HIS A 353 10.92 17.86 45.96
N MET A 354 11.81 17.47 46.86
CA MET A 354 11.58 17.55 48.30
C MET A 354 12.83 18.12 48.96
N TRP A 355 12.62 18.76 50.11
CA TRP A 355 13.75 19.29 50.90
C TRP A 355 13.48 18.98 52.37
N PHE A 356 14.19 17.98 52.90
CA PHE A 356 14.19 17.70 54.33
C PHE A 356 15.52 17.08 54.70
N ASP A 357 15.88 17.20 55.98
CA ASP A 357 17.16 16.74 56.49
C ASP A 357 18.33 17.39 55.76
N MET A 358 18.18 18.67 55.44
CA MET A 358 19.18 19.46 54.73
C MET A 358 19.51 18.86 53.36
N THR A 359 18.61 18.06 52.80
CA THR A 359 18.88 17.34 51.56
C THR A 359 17.75 17.60 50.57
N VAL A 360 18.11 17.66 49.30
CA VAL A 360 17.16 17.83 48.21
C VAL A 360 16.97 16.47 47.55
N TYR A 361 15.73 15.98 47.55
CA TYR A 361 15.41 14.69 46.97
C TYR A 361 14.58 14.89 45.70
N GLU A 362 14.85 14.06 44.69
CA GLU A 362 14.19 14.15 43.40
C GLU A 362 13.13 13.06 43.33
N ALA A 363 11.88 13.46 43.16
CA ALA A 363 10.79 12.51 43.08
C ALA A 363 10.72 11.89 41.68
N ASP A 364 10.03 10.76 41.60
CA ASP A 364 9.81 10.06 40.33
C ASP A 364 8.53 10.61 39.71
N THR A 365 8.68 11.34 38.61
CA THR A 365 7.56 12.02 37.97
C THR A 365 6.90 11.20 36.88
N THR A 366 7.37 9.98 36.63
CA THR A 366 6.78 9.15 35.58
C THR A 366 5.40 8.67 35.99
N GLU A 367 4.56 8.41 34.98
CA GLU A 367 3.19 7.96 35.23
C GLU A 367 3.16 6.58 35.85
N GLU A 368 4.01 5.66 35.37
CA GLU A 368 4.04 4.29 35.83
C GLU A 368 5.05 4.06 36.95
N GLN A 369 5.72 5.12 37.42
CA GLN A 369 6.75 5.01 38.46
C GLN A 369 7.86 4.07 38.03
N THR A 370 8.44 4.34 36.86
CA THR A 370 9.51 3.54 36.29
C THR A 370 10.83 4.30 36.30
N GLY A 371 11.09 5.05 37.37
CA GLY A 371 12.28 5.86 37.45
C GLY A 371 13.12 5.59 38.69
N LYS A 372 13.73 6.64 39.23
CA LYS A 372 14.63 6.54 40.37
C LYS A 372 13.90 6.94 41.64
N THR A 373 14.05 6.12 42.68
CA THR A 373 13.47 6.43 43.98
C THR A 373 14.41 7.35 44.76
N PHE A 374 13.98 7.74 45.96
CA PHE A 374 14.77 8.59 46.85
C PHE A 374 14.88 7.91 48.21
N THR A 375 15.65 8.52 49.10
CA THR A 375 15.91 7.93 50.41
C THR A 375 14.66 8.03 51.28
N LYS A 376 14.16 6.90 51.74
CA LYS A 376 12.96 6.82 52.56
C LYS A 376 13.21 6.05 53.85
N SER A 377 14.39 6.25 54.45
CA SER A 377 14.75 5.57 55.68
C SER A 377 14.57 6.43 56.92
N SER A 378 14.81 7.73 56.81
CA SER A 378 14.63 8.62 57.94
C SER A 378 13.15 8.70 58.32
N ASP A 379 12.88 8.83 59.63
CA ASP A 379 11.51 9.00 60.09
C ASP A 379 11.00 10.41 59.84
N THR A 380 11.88 11.35 59.49
CA THR A 380 11.41 12.65 59.01
C THR A 380 10.61 12.49 57.73
N TRP A 381 11.02 11.57 56.86
CA TRP A 381 10.24 11.27 55.67
C TRP A 381 8.87 10.71 56.04
N PHE A 382 8.82 9.84 57.06
CA PHE A 382 7.53 9.32 57.51
C PHE A 382 6.64 10.43 58.04
N MET A 383 7.19 11.35 58.82
CA MET A 383 6.41 12.48 59.32
C MET A 383 5.91 13.35 58.18
N LEU A 384 6.78 13.65 57.20
CA LEU A 384 6.39 14.47 56.07
C LEU A 384 5.28 13.80 55.27
N ALA A 385 5.40 12.48 55.04
CA ALA A 385 4.38 11.75 54.30
C ALA A 385 3.05 11.76 55.04
N ARG A 386 3.09 11.55 56.36
CA ARG A 386 1.86 11.59 57.14
C ARG A 386 1.19 12.96 57.07
N ILE A 387 1.98 14.02 57.20
CA ILE A 387 1.41 15.37 57.12
C ILE A 387 0.79 15.61 55.75
N ALA A 388 1.56 15.32 54.69
CA ALA A 388 1.09 15.61 53.34
C ALA A 388 -0.10 14.75 52.94
N GLY A 389 -0.25 13.59 53.55
CA GLY A 389 -1.38 12.73 53.22
C GLY A 389 -2.60 13.00 54.06
N LEU A 390 -2.41 13.51 55.28
CA LEU A 390 -3.53 13.76 56.17
C LEU A 390 -4.13 15.15 56.00
N CYS A 391 -3.29 16.18 55.87
CA CYS A 391 -3.79 17.54 55.65
C CYS A 391 -3.94 17.82 54.15
N ASN A 392 -4.83 17.06 53.52
CA ASN A 392 -4.95 17.08 52.07
C ASN A 392 -6.34 17.48 51.57
N ARG A 393 -7.40 16.92 52.14
CA ARG A 393 -8.80 17.14 51.75
C ARG A 393 -9.13 16.62 50.36
N ALA A 394 -8.28 15.80 49.77
CA ALA A 394 -8.53 15.23 48.44
C ALA A 394 -8.65 13.72 48.54
N ASP A 395 -9.27 13.13 47.52
CA ASP A 395 -9.53 11.70 47.51
C ASP A 395 -9.83 11.24 46.09
N PHE A 396 -9.50 9.98 45.80
CA PHE A 396 -9.78 9.40 44.50
C PHE A 396 -11.30 9.31 44.28
N LYS A 397 -11.70 9.08 43.03
CA LYS A 397 -13.06 9.42 42.68
C LYS A 397 -14.06 8.27 42.83
N ALA A 398 -14.03 7.28 41.94
CA ALA A 398 -15.00 6.20 42.05
C ALA A 398 -14.41 4.79 41.97
N ASN A 399 -13.66 4.53 40.91
CA ASN A 399 -13.38 3.17 40.47
C ASN A 399 -11.95 2.93 40.03
N GLN A 400 -11.11 3.95 39.96
CA GLN A 400 -9.81 3.86 39.28
C GLN A 400 -8.87 2.99 40.11
N GLU A 401 -9.01 1.68 39.93
CA GLU A 401 -8.05 0.72 40.47
C GLU A 401 -7.26 0.01 39.39
N ILE A 402 -7.83 -0.14 38.19
CA ILE A 402 -7.07 -0.63 37.05
C ILE A 402 -6.03 0.40 36.62
N LEU A 403 -6.40 1.67 36.66
CA LEU A 403 -5.49 2.74 36.25
C LEU A 403 -4.33 2.87 37.23
N PRO A 404 -3.15 3.26 36.75
CA PRO A 404 -2.06 3.63 37.66
C PRO A 404 -2.43 4.87 38.47
N ILE A 405 -1.75 5.02 39.60
CA ILE A 405 -2.11 6.08 40.55
C ILE A 405 -2.02 7.45 39.90
N ALA A 406 -1.02 7.66 39.04
CA ALA A 406 -0.86 8.95 38.37
C ALA A 406 -2.04 9.26 37.47
N LYS A 407 -2.58 8.23 36.80
CA LYS A 407 -3.66 8.41 35.84
C LYS A 407 -5.04 8.42 36.50
N ARG A 408 -5.12 8.21 37.81
CA ARG A 408 -6.41 8.18 38.48
C ARG A 408 -6.97 9.59 38.65
N ALA A 409 -8.29 9.65 38.87
CA ALA A 409 -8.99 10.91 39.06
C ALA A 409 -9.24 11.16 40.54
N THR A 410 -9.18 12.43 40.94
CA THR A 410 -9.35 12.79 42.34
C THR A 410 -10.44 13.86 42.51
N THR A 411 -10.55 14.39 43.72
CA THR A 411 -11.54 15.43 44.04
C THR A 411 -10.85 16.50 44.89
N GLY A 412 -10.34 17.54 44.24
CA GLY A 412 -9.72 18.63 44.97
C GLY A 412 -8.79 19.42 44.08
N ASP A 413 -8.06 20.34 44.71
CA ASP A 413 -7.10 21.18 44.03
C ASP A 413 -6.04 20.33 43.35
N ALA A 414 -5.40 20.91 42.32
CA ALA A 414 -4.32 20.22 41.64
C ALA A 414 -3.15 19.94 42.58
N SER A 415 -2.83 20.90 43.46
CA SER A 415 -1.78 20.68 44.43
C SER A 415 -2.15 19.58 45.42
N GLU A 416 -3.39 19.60 45.90
CA GLU A 416 -3.84 18.55 46.82
C GLU A 416 -3.84 17.19 46.14
N SER A 417 -4.29 17.13 44.89
CA SER A 417 -4.27 15.87 44.15
C SER A 417 -2.86 15.37 43.92
N ALA A 418 -1.93 16.28 43.60
CA ALA A 418 -0.55 15.89 43.40
C ALA A 418 0.05 15.34 44.69
N LEU A 419 -0.20 16.00 45.82
CA LEU A 419 0.30 15.50 47.10
C LEU A 419 -0.30 14.15 47.43
N LEU A 420 -1.61 13.99 47.20
CA LEU A 420 -2.27 12.72 47.48
C LEU A 420 -1.67 11.59 46.65
N LYS A 421 -1.51 11.82 45.34
CA LYS A 421 -0.94 10.80 44.46
C LYS A 421 0.49 10.47 44.86
N PHE A 422 1.29 11.48 45.16
CA PHE A 422 2.69 11.26 45.52
C PHE A 422 2.80 10.44 46.80
N ILE A 423 2.00 10.79 47.81
CA ILE A 423 2.03 10.04 49.06
C ILE A 423 1.52 8.61 48.84
N GLU A 424 0.50 8.46 47.98
CA GLU A 424 -0.05 7.13 47.71
C GLU A 424 0.98 6.22 47.04
N GLN A 425 1.72 6.74 46.07
CA GLN A 425 2.66 5.91 45.32
C GLN A 425 4.05 5.83 45.94
N SER A 426 4.30 6.56 47.02
CA SER A 426 5.59 6.51 47.69
C SER A 426 5.50 5.93 49.10
N TYR A 427 4.69 6.52 49.98
CA TYR A 427 4.68 6.11 51.37
C TYR A 427 3.78 4.88 51.60
N SER A 428 2.49 5.05 51.39
CA SER A 428 1.49 4.02 51.66
C SER A 428 0.15 4.52 51.15
N SER A 429 -0.87 3.69 51.31
CA SER A 429 -2.22 4.10 50.93
C SER A 429 -2.70 5.21 51.86
N VAL A 430 -3.27 6.26 51.27
CA VAL A 430 -3.68 7.41 52.07
C VAL A 430 -5.02 7.17 52.75
N ALA A 431 -5.87 6.32 52.17
CA ALA A 431 -7.16 6.01 52.80
C ALA A 431 -6.95 5.33 54.14
N GLU A 432 -6.05 4.34 54.19
CA GLU A 432 -5.76 3.66 55.45
C GLU A 432 -5.11 4.59 56.45
N MET A 433 -4.23 5.48 55.97
CA MET A 433 -3.61 6.46 56.86
C MET A 433 -4.66 7.37 57.49
N ARG A 434 -5.62 7.84 56.70
CA ARG A 434 -6.64 8.73 57.22
C ARG A 434 -7.68 7.99 58.06
N GLU A 435 -7.84 6.68 57.84
CA GLU A 435 -8.66 5.90 58.75
C GLU A 435 -7.98 5.74 60.11
N LYS A 436 -6.67 5.45 60.10
CA LYS A 436 -5.91 5.34 61.34
C LYS A 436 -5.73 6.67 62.03
N ASN A 437 -5.89 7.79 61.32
CA ASN A 437 -5.76 9.13 61.90
C ASN A 437 -7.01 9.93 61.55
N PRO A 438 -8.12 9.70 62.26
CA PRO A 438 -9.35 10.45 61.98
C PRO A 438 -9.19 11.93 62.27
N LYS A 439 -9.93 12.74 61.53
CA LYS A 439 -9.89 14.18 61.69
C LYS A 439 -10.87 14.64 62.76
N VAL A 440 -10.59 15.81 63.33
CA VAL A 440 -11.47 16.43 64.32
C VAL A 440 -11.82 17.85 63.86
N ALA A 441 -10.79 18.65 63.62
CA ALA A 441 -10.95 20.03 63.15
C ALA A 441 -10.35 20.16 61.76
N GLU A 442 -10.99 20.98 60.93
CA GLU A 442 -10.64 21.08 59.52
C GLU A 442 -9.91 22.36 59.16
N ILE A 443 -10.50 23.52 59.45
CA ILE A 443 -9.90 24.83 59.17
C ILE A 443 -9.44 24.90 57.72
N PRO A 444 -10.36 25.08 56.77
CA PRO A 444 -9.97 25.04 55.35
C PRO A 444 -8.99 26.12 54.94
N PHE A 445 -8.28 25.88 53.84
CA PHE A 445 -7.30 26.82 53.31
C PHE A 445 -7.99 27.96 52.57
N ASN A 446 -7.35 29.14 52.62
CA ASN A 446 -7.79 30.27 51.83
C ASN A 446 -6.57 31.10 51.45
N SER A 447 -6.78 32.03 50.51
CA SER A 447 -5.66 32.80 49.96
C SER A 447 -5.04 33.71 51.01
N THR A 448 -5.86 34.40 51.80
CA THR A 448 -5.33 35.38 52.75
C THR A 448 -4.48 34.71 53.81
N ASN A 449 -4.94 33.58 54.36
CA ASN A 449 -4.18 32.89 55.39
C ASN A 449 -2.90 32.28 54.83
N LYS A 450 -2.97 31.74 53.61
CA LYS A 450 -1.84 31.07 52.97
C LYS A 450 -1.35 29.88 53.79
N TYR A 451 -2.27 29.17 54.43
CA TYR A 451 -1.93 27.95 55.14
C TYR A 451 -3.20 27.12 55.31
N GLN A 452 -3.00 25.83 55.57
CA GLN A 452 -4.10 24.90 55.83
C GLN A 452 -3.77 24.12 57.11
N MET A 453 -4.38 24.52 58.21
CA MET A 453 -4.25 23.81 59.48
C MET A 453 -5.22 22.64 59.51
N SER A 454 -4.95 21.69 60.39
CA SER A 454 -5.81 20.53 60.57
C SER A 454 -5.41 19.79 61.83
N ILE A 455 -6.35 19.03 62.39
CA ILE A 455 -6.15 18.27 63.62
C ILE A 455 -6.60 16.83 63.38
N HIS A 456 -5.76 15.88 63.80
CA HIS A 456 -6.04 14.46 63.62
C HIS A 456 -5.78 13.68 64.89
N LEU A 457 -6.47 12.56 65.03
CA LEU A 457 -6.23 11.62 66.12
C LEU A 457 -4.97 10.82 65.81
N ARG A 458 -4.01 10.83 66.73
CA ARG A 458 -2.70 10.26 66.43
C ARG A 458 -2.77 8.74 66.35
N GLU A 459 -2.03 8.18 65.38
CA GLU A 459 -2.07 6.74 65.14
C GLU A 459 -1.30 5.96 66.21
N ASP A 460 -0.30 6.57 66.83
CA ASP A 460 0.56 5.87 67.79
C ASP A 460 -0.19 5.47 69.09
N SER A 461 -1.51 5.66 69.12
CA SER A 461 -2.35 5.28 70.25
C SER A 461 -2.13 6.17 71.47
N SER A 462 -1.72 7.42 71.24
CA SER A 462 -1.52 8.36 72.33
C SER A 462 -2.83 8.85 72.93
N GLN A 463 -3.96 8.62 72.27
CA GLN A 463 -5.30 9.07 72.65
C GLN A 463 -5.43 10.59 72.52
N THR A 464 -4.35 11.29 72.19
CA THR A 464 -4.36 12.74 72.04
C THR A 464 -4.50 13.11 70.56
N HIS A 465 -4.34 14.39 70.26
CA HIS A 465 -4.46 14.89 68.90
C HIS A 465 -3.16 15.56 68.47
N VAL A 466 -2.93 15.57 67.16
CA VAL A 466 -1.78 16.24 66.56
C VAL A 466 -2.29 17.22 65.52
N LEU A 467 -1.82 18.45 65.58
CA LEU A 467 -2.16 19.46 64.59
C LEU A 467 -1.16 19.39 63.44
N MET A 468 -1.66 19.43 62.21
CA MET A 468 -0.83 19.39 61.02
C MET A 468 -1.14 20.61 60.16
N MET A 469 -0.09 21.33 59.77
CA MET A 469 -0.22 22.58 59.02
C MET A 469 0.60 22.50 57.75
N LYS A 470 0.01 22.93 56.64
CA LYS A 470 0.74 23.09 55.38
C LYS A 470 0.34 24.42 54.75
N GLY A 471 1.26 25.00 54.00
CA GLY A 471 0.99 26.27 53.37
C GLY A 471 2.24 26.83 52.71
N ALA A 472 2.24 28.13 52.48
CA ALA A 472 3.37 28.79 51.86
C ALA A 472 4.61 28.66 52.75
N PRO A 473 5.78 28.37 52.17
CA PRO A 473 6.97 28.16 53.02
C PRO A 473 7.33 29.36 53.89
N GLU A 474 7.33 30.57 53.31
CA GLU A 474 7.64 31.76 54.09
C GLU A 474 6.55 32.09 55.09
N ARG A 475 5.34 31.55 54.91
CA ARG A 475 4.23 31.76 55.83
C ARG A 475 4.30 30.82 57.02
N ILE A 476 4.48 29.52 56.77
CA ILE A 476 4.51 28.55 57.85
C ILE A 476 5.82 28.60 58.63
N LEU A 477 6.88 29.18 58.07
CA LEU A 477 8.14 29.27 58.79
C LEU A 477 8.04 30.18 60.00
N GLU A 478 7.27 31.27 59.89
CA GLU A 478 7.13 32.19 61.02
C GLU A 478 6.41 31.55 62.19
N PHE A 479 5.66 30.46 61.95
CA PHE A 479 4.92 29.80 63.02
C PHE A 479 5.71 28.68 63.69
N CYS A 480 6.68 28.10 63.00
CA CYS A 480 7.46 26.99 63.52
C CYS A 480 8.78 27.51 64.08
N SER A 481 9.00 27.30 65.37
CA SER A 481 10.23 27.69 66.04
C SER A 481 11.16 26.51 66.28
N THR A 482 10.86 25.35 65.68
CA THR A 482 11.70 24.17 65.82
C THR A 482 11.53 23.33 64.56
N PHE A 483 12.61 22.65 64.16
CA PHE A 483 12.62 21.84 62.95
C PHE A 483 12.98 20.40 63.30
N LEU A 484 12.97 19.55 62.27
CA LEU A 484 13.20 18.11 62.42
C LEU A 484 14.31 17.71 61.46
N LEU A 485 15.44 17.25 62.00
CA LEU A 485 16.60 16.93 61.18
C LEU A 485 16.70 15.43 60.86
N ASN A 486 16.64 14.57 61.87
CA ASN A 486 16.62 13.13 61.65
C ASN A 486 15.62 12.47 62.59
N GLY A 487 14.45 13.07 62.72
CA GLY A 487 13.53 12.68 63.77
C GLY A 487 13.89 13.22 65.14
N GLN A 488 14.85 14.15 65.20
CA GLN A 488 15.28 14.77 66.44
C GLN A 488 14.77 16.21 66.43
N GLU A 489 13.83 16.52 67.32
CA GLU A 489 13.17 17.83 67.34
C GLU A 489 14.14 18.85 67.93
N TYR A 490 14.97 19.40 67.04
CA TYR A 490 15.93 20.43 67.42
C TYR A 490 15.21 21.77 67.52
N SER A 491 15.98 22.86 67.62
CA SER A 491 15.43 24.20 67.70
C SER A 491 15.88 25.01 66.50
N MET A 492 15.43 26.27 66.45
CA MET A 492 15.75 27.17 65.34
C MET A 492 17.18 27.67 65.48
N ASN A 493 18.04 27.29 64.55
CA ASN A 493 19.41 27.77 64.51
C ASN A 493 19.54 28.87 63.46
N ASP A 494 20.71 29.52 63.45
CA ASP A 494 21.00 30.47 62.39
C ASP A 494 21.19 29.76 61.05
N GLU A 495 21.70 28.53 61.08
CA GLU A 495 21.79 27.74 59.86
C GLU A 495 20.40 27.36 59.35
N MET A 496 19.53 26.91 60.25
CA MET A 496 18.17 26.52 59.86
C MET A 496 17.22 27.72 59.89
N LYS A 497 17.69 28.83 59.31
CA LYS A 497 16.80 29.88 58.86
C LYS A 497 17.26 30.49 57.55
N GLU A 498 18.41 30.05 57.01
CA GLU A 498 18.91 30.48 55.72
C GLU A 498 19.04 29.35 54.72
N ALA A 499 19.27 28.12 55.18
CA ALA A 499 19.13 26.97 54.30
C ALA A 499 17.69 26.80 53.86
N PHE A 500 16.74 27.26 54.68
CA PHE A 500 15.35 27.33 54.25
C PHE A 500 15.17 28.31 53.11
N GLN A 501 15.86 29.45 53.17
CA GLN A 501 15.80 30.45 52.11
C GLN A 501 16.74 30.13 50.95
N ASN A 502 17.65 29.18 51.12
CA ASN A 502 18.51 28.74 50.02
C ASN A 502 17.93 27.58 49.25
N ALA A 503 17.01 26.82 49.86
CA ALA A 503 16.28 25.76 49.16
C ALA A 503 14.99 26.27 48.55
N TYR A 504 14.30 27.19 49.24
CA TYR A 504 13.09 27.77 48.68
C TYR A 504 13.39 28.59 47.43
N LEU A 505 14.50 29.35 47.46
CA LEU A 505 14.93 30.08 46.28
C LEU A 505 15.44 29.16 45.18
N GLU A 506 15.81 27.92 45.52
CA GLU A 506 16.25 26.94 44.54
C GLU A 506 15.10 26.17 43.93
N LEU A 507 14.18 25.68 44.75
CA LEU A 507 13.01 24.97 44.23
C LEU A 507 12.01 25.93 43.60
N GLY A 508 12.01 27.18 44.02
CA GLY A 508 11.14 28.17 43.43
C GLY A 508 11.73 28.77 42.17
N GLY A 509 13.06 28.65 42.03
CA GLY A 509 13.74 29.13 40.84
C GLY A 509 13.59 28.24 39.62
N LEU A 510 13.08 27.03 39.80
CA LEU A 510 12.82 26.11 38.71
C LEU A 510 11.42 26.27 38.14
N GLY A 511 10.66 27.27 38.60
CA GLY A 511 9.29 27.44 38.19
C GLY A 511 8.30 26.58 38.92
N GLU A 512 8.75 25.81 39.91
CA GLU A 512 7.89 24.88 40.63
C GLU A 512 7.17 25.59 41.77
N ARG A 513 6.10 24.97 42.25
CA ARG A 513 5.26 25.51 43.31
C ARG A 513 5.61 24.81 44.61
N VAL A 514 6.19 25.56 45.55
CA VAL A 514 6.74 25.00 46.77
C VAL A 514 5.71 25.11 47.88
N LEU A 515 5.84 24.22 48.87
CA LEU A 515 4.91 24.14 49.98
C LEU A 515 5.67 23.71 51.23
N GLY A 516 5.19 24.16 52.39
CA GLY A 516 5.81 23.83 53.66
C GLY A 516 4.86 23.03 54.53
N PHE A 517 5.43 22.22 55.42
CA PHE A 517 4.65 21.32 56.26
C PHE A 517 5.16 21.37 57.69
N CYS A 518 4.23 21.31 58.65
CA CYS A 518 4.57 21.41 60.06
C CYS A 518 3.61 20.55 60.88
N PHE A 519 3.97 20.35 62.15
CA PHE A 519 3.11 19.66 63.11
C PHE A 519 3.49 20.13 64.52
N LEU A 520 2.63 19.81 65.48
CA LEU A 520 2.84 20.31 66.84
C LEU A 520 2.84 19.21 67.90
N ASN A 521 2.03 18.16 67.70
CA ASN A 521 1.88 17.09 68.70
C ASN A 521 1.36 17.66 70.02
N LEU A 522 0.11 18.13 69.97
CA LEU A 522 -0.59 18.83 71.04
C LEU A 522 -0.42 18.16 72.40
N PRO A 523 -0.44 18.93 73.48
CA PRO A 523 -0.32 18.32 74.82
C PRO A 523 -1.50 17.43 75.16
N SER A 524 -1.27 16.53 76.12
CA SER A 524 -2.27 15.54 76.50
C SER A 524 -3.45 16.12 77.25
N SER A 525 -3.40 17.42 77.60
CA SER A 525 -4.51 18.03 78.32
C SER A 525 -5.81 18.02 77.52
N PHE A 526 -5.74 17.85 76.20
CA PHE A 526 -6.92 17.86 75.35
C PHE A 526 -7.59 16.50 75.22
N SER A 527 -6.93 15.43 75.68
CA SER A 527 -7.49 14.08 75.73
C SER A 527 -8.01 13.72 74.34
N LYS A 528 -9.28 13.32 74.20
CA LYS A 528 -9.83 12.88 72.92
C LYS A 528 -10.92 13.83 72.42
N GLY A 529 -11.95 14.08 73.23
CA GLY A 529 -13.09 14.85 72.77
C GLY A 529 -13.07 16.31 73.17
N PHE A 530 -11.90 16.92 73.14
CA PHE A 530 -11.80 18.33 73.46
C PHE A 530 -12.53 19.16 72.40
N PRO A 531 -13.31 20.16 72.81
CA PRO A 531 -13.97 21.03 71.83
C PRO A 531 -12.98 21.92 71.10
N PHE A 532 -12.73 21.62 69.83
CA PHE A 532 -11.79 22.40 69.02
C PHE A 532 -12.58 23.41 68.21
N ASN A 533 -12.49 24.67 68.59
CA ASN A 533 -13.21 25.76 67.94
C ASN A 533 -12.25 26.57 67.09
N THR A 534 -12.55 26.66 65.79
CA THR A 534 -11.69 27.42 64.89
C THR A 534 -11.78 28.92 65.15
N ASP A 535 -12.95 29.41 65.57
CA ASP A 535 -13.16 30.84 65.75
C ASP A 535 -12.31 31.46 66.85
N GLU A 536 -11.68 30.65 67.70
CA GLU A 536 -10.87 31.16 68.79
C GLU A 536 -9.60 30.31 68.88
N ILE A 537 -8.89 30.47 69.99
CA ILE A 537 -7.52 29.98 70.12
C ILE A 537 -7.46 28.80 71.09
N ASN A 538 -8.53 28.01 71.11
CA ASN A 538 -8.63 26.85 72.00
C ASN A 538 -7.46 25.87 71.84
N PHE A 539 -6.70 25.97 70.76
CA PHE A 539 -5.54 25.12 70.53
C PHE A 539 -4.32 25.97 70.21
N PRO A 540 -3.14 25.59 70.71
CA PRO A 540 -1.94 26.38 70.41
C PRO A 540 -1.61 26.40 68.93
N MET A 541 -1.12 27.55 68.47
CA MET A 541 -0.76 27.76 67.06
C MET A 541 0.59 28.43 66.96
N ASP A 542 1.54 28.02 67.81
CA ASP A 542 2.87 28.60 67.82
C ASP A 542 3.89 27.52 68.13
N ASN A 543 5.15 27.80 67.80
CA ASN A 543 6.26 26.88 68.01
C ASN A 543 6.00 25.53 67.35
N LEU A 544 5.50 25.56 66.12
CA LEU A 544 5.29 24.34 65.37
C LEU A 544 6.62 23.68 65.03
N CYS A 545 6.57 22.42 64.64
CA CYS A 545 7.75 21.67 64.26
C CYS A 545 7.79 21.55 62.74
N PHE A 546 8.73 22.25 62.11
CA PHE A 546 8.89 22.18 60.67
C PHE A 546 9.40 20.80 60.26
N VAL A 547 9.01 20.36 59.07
CA VAL A 547 9.38 19.03 58.59
C VAL A 547 10.15 19.12 57.28
N GLY A 548 9.53 19.66 56.24
CA GLY A 548 10.18 19.71 54.95
C GLY A 548 9.35 20.47 53.94
N LEU A 549 9.94 20.64 52.77
CA LEU A 549 9.32 21.34 51.65
C LEU A 549 9.05 20.37 50.50
N ILE A 550 7.95 20.59 49.79
CA ILE A 550 7.59 19.81 48.61
C ILE A 550 7.27 20.78 47.49
N SER A 551 7.83 20.53 46.31
CA SER A 551 7.59 21.35 45.13
C SER A 551 6.98 20.50 44.02
N MET A 552 6.18 21.14 43.17
CA MET A 552 5.46 20.42 42.12
C MET A 552 5.55 21.21 40.81
N ILE A 553 5.46 20.47 39.71
CA ILE A 553 5.58 21.06 38.37
C ILE A 553 4.98 20.06 37.40
N ASP A 554 4.58 20.55 36.22
CA ASP A 554 4.07 19.69 35.18
C ASP A 554 5.23 18.94 34.52
N PRO A 555 5.28 17.62 34.60
CA PRO A 555 6.45 16.88 34.14
C PRO A 555 6.28 16.40 32.71
N PRO A 556 7.38 16.03 32.05
CA PRO A 556 7.26 15.36 30.75
C PRO A 556 6.71 13.96 30.91
N ARG A 557 6.19 13.43 29.80
CA ARG A 557 5.79 12.04 29.77
C ARG A 557 7.02 11.14 29.80
N ALA A 558 6.85 9.93 30.32
CA ALA A 558 7.99 9.06 30.60
C ALA A 558 8.73 8.69 29.32
N ALA A 559 8.00 8.42 28.23
CA ALA A 559 8.63 7.97 27.00
C ALA A 559 9.15 9.09 26.12
N VAL A 560 8.85 10.35 26.45
CA VAL A 560 9.16 11.49 25.59
C VAL A 560 10.67 11.72 25.42
N PRO A 561 11.49 11.75 26.47
CA PRO A 561 12.92 12.04 26.25
C PRO A 561 13.61 11.02 25.38
N ASP A 562 13.37 9.73 25.60
CA ASP A 562 13.98 8.70 24.78
C ASP A 562 13.50 8.77 23.35
N ALA A 563 12.20 9.07 23.15
CA ALA A 563 11.68 9.21 21.80
C ALA A 563 12.32 10.37 21.06
N VAL A 564 12.51 11.49 21.76
CA VAL A 564 13.16 12.64 21.14
C VAL A 564 14.60 12.32 20.79
N SER A 565 15.30 11.63 21.69
CA SER A 565 16.68 11.24 21.41
C SER A 565 16.77 10.33 20.20
N LYS A 566 15.86 9.35 20.10
CA LYS A 566 15.86 8.45 18.95
C LYS A 566 15.54 9.19 17.66
N CYS A 567 14.58 10.12 17.71
CA CYS A 567 14.23 10.87 16.51
C CYS A 567 15.39 11.76 16.05
N ARG A 568 16.13 12.34 16.99
CA ARG A 568 17.29 13.13 16.59
C ARG A 568 18.43 12.24 16.09
N SER A 569 18.55 11.02 16.63
CA SER A 569 19.50 10.07 16.08
C SER A 569 19.13 9.67 14.66
N ALA A 570 17.84 9.64 14.34
CA ALA A 570 17.37 9.32 13.01
C ALA A 570 17.49 10.49 12.04
N GLY A 571 18.11 11.59 12.45
CA GLY A 571 18.29 12.74 11.57
C GLY A 571 17.11 13.67 11.48
N ILE A 572 16.12 13.54 12.37
CA ILE A 572 14.92 14.36 12.34
C ILE A 572 15.10 15.56 13.25
N LYS A 573 14.75 16.74 12.75
CA LYS A 573 14.80 17.97 13.53
C LYS A 573 13.53 18.12 14.34
N VAL A 574 13.68 18.31 15.65
CA VAL A 574 12.55 18.39 16.57
C VAL A 574 12.43 19.83 17.04
N ILE A 575 11.30 20.46 16.72
CA ILE A 575 11.02 21.83 17.09
C ILE A 575 9.85 21.84 18.08
N MET A 576 9.99 22.62 19.15
CA MET A 576 8.92 22.81 20.12
C MET A 576 8.15 24.07 19.77
N VAL A 577 6.84 23.94 19.60
CA VAL A 577 5.95 25.06 19.32
C VAL A 577 4.85 25.03 20.37
N THR A 578 4.82 26.01 21.25
CA THR A 578 3.91 26.02 22.38
C THR A 578 3.37 27.42 22.61
N GLY A 579 2.20 27.50 23.22
CA GLY A 579 1.60 28.75 23.63
C GLY A 579 1.89 29.14 25.06
N ASP A 580 2.84 28.48 25.71
CA ASP A 580 3.13 28.71 27.12
C ASP A 580 4.28 29.70 27.28
N HIS A 581 4.58 30.03 28.53
CA HIS A 581 5.61 31.02 28.82
C HIS A 581 6.99 30.51 28.41
N PRO A 582 7.88 31.41 27.96
CA PRO A 582 9.20 30.97 27.49
C PRO A 582 10.03 30.24 28.51
N ILE A 583 9.93 30.59 29.81
CA ILE A 583 10.74 29.92 30.82
C ILE A 583 10.33 28.46 30.95
N THR A 584 9.03 28.20 31.04
CA THR A 584 8.54 26.83 31.12
C THR A 584 8.90 26.04 29.86
N ALA A 585 8.75 26.68 28.69
CA ALA A 585 9.07 26.01 27.44
C ALA A 585 10.54 25.63 27.37
N LYS A 586 11.42 26.54 27.77
CA LYS A 586 12.85 26.26 27.75
C LYS A 586 13.21 25.17 28.75
N ALA A 587 12.60 25.19 29.93
CA ALA A 587 12.87 24.14 30.92
C ALA A 587 12.44 22.78 30.41
N ILE A 588 11.27 22.70 29.79
CA ILE A 588 10.80 21.42 29.25
C ILE A 588 11.67 20.98 28.08
N ALA A 589 12.07 21.93 27.22
CA ALA A 589 12.92 21.59 26.08
C ALA A 589 14.27 21.04 26.54
N LYS A 590 14.83 21.62 27.59
CA LYS A 590 16.04 21.06 28.17
C LYS A 590 15.79 19.70 28.81
N GLY A 591 14.60 19.51 29.40
CA GLY A 591 14.31 18.26 30.08
C GLY A 591 14.03 17.08 29.17
N VAL A 592 13.66 17.32 27.91
CA VAL A 592 13.33 16.26 26.99
C VAL A 592 14.37 16.08 25.90
N GLY A 593 15.40 16.92 25.86
CA GLY A 593 16.45 16.79 24.87
C GLY A 593 16.24 17.56 23.58
N ILE A 594 15.19 18.36 23.48
CA ILE A 594 15.04 19.25 22.34
C ILE A 594 16.19 20.26 22.32
N ILE A 595 16.54 20.79 23.48
CA ILE A 595 17.78 21.55 23.67
C ILE A 595 18.78 20.61 24.33
N SER A 596 19.86 20.29 23.60
CA SER A 596 20.81 19.30 24.07
C SER A 596 21.64 19.85 25.23
N GLU A 597 22.28 18.94 25.95
CA GLU A 597 23.10 19.31 27.09
C GLU A 597 24.35 20.06 26.61
N GLY A 598 24.56 21.26 27.16
CA GLY A 598 25.70 22.07 26.83
C GLY A 598 25.44 23.12 25.77
N THR A 599 24.37 22.97 24.98
CA THR A 599 24.05 23.98 24.00
C THR A 599 23.49 25.23 24.67
N GLU A 600 23.76 26.38 24.06
CA GLU A 600 23.44 27.66 24.65
C GLU A 600 22.72 28.53 23.63
N THR A 601 21.99 29.51 24.14
CA THR A 601 21.35 30.52 23.31
C THR A 601 22.22 31.76 23.24
N ALA A 602 21.87 32.67 22.31
CA ALA A 602 22.62 33.91 22.19
C ALA A 602 22.50 34.75 23.45
N GLU A 603 21.31 34.80 24.05
CA GLU A 603 21.11 35.56 25.27
C GLU A 603 21.85 34.97 26.46
N GLU A 604 22.33 33.73 26.37
CA GLU A 604 23.16 33.13 27.41
C GLU A 604 24.65 33.26 27.13
N VAL A 605 25.05 33.12 25.86
CA VAL A 605 26.45 33.36 25.51
C VAL A 605 26.81 34.81 25.76
N ALA A 606 25.86 35.74 25.51
CA ALA A 606 26.11 37.14 25.80
C ALA A 606 26.32 37.37 27.29
N ALA A 607 25.50 36.73 28.14
CA ALA A 607 25.64 36.90 29.58
C ALA A 607 26.88 36.19 30.12
N ARG A 608 27.37 35.16 29.42
CA ARG A 608 28.58 34.48 29.88
C ARG A 608 29.83 35.24 29.48
N LEU A 609 29.95 35.59 28.20
CA LEU A 609 31.12 36.31 27.70
C LEU A 609 31.05 37.81 27.95
N LYS A 610 29.93 38.32 28.47
CA LYS A 610 29.74 39.74 28.79
C LYS A 610 29.98 40.60 27.54
N ILE A 611 29.16 40.34 26.52
CA ILE A 611 29.24 41.05 25.25
C ILE A 611 27.84 41.34 24.76
N PRO A 612 27.68 42.38 23.94
CA PRO A 612 26.36 42.67 23.36
C PRO A 612 25.91 41.55 22.43
N ILE A 613 24.59 41.47 22.23
CA ILE A 613 24.01 40.37 21.47
C ILE A 613 24.49 40.40 20.03
N SER A 614 24.84 41.58 19.50
CA SER A 614 25.41 41.65 18.16
C SER A 614 26.82 41.08 18.13
N LYS A 615 27.60 41.31 19.19
CA LYS A 615 28.95 40.78 19.27
C LYS A 615 28.99 39.27 19.44
N VAL A 616 27.86 38.64 19.75
CA VAL A 616 27.82 37.19 19.95
C VAL A 616 28.07 36.49 18.62
N ASP A 617 29.04 35.59 18.60
CA ASP A 617 29.31 34.80 17.41
C ASP A 617 28.16 33.84 17.15
N ALA A 618 27.80 33.69 15.87
CA ALA A 618 26.72 32.78 15.49
C ALA A 618 27.25 31.37 15.23
N SER A 619 28.03 30.86 16.19
CA SER A 619 28.51 29.48 16.16
C SER A 619 28.43 28.77 17.49
N ALA A 620 28.26 29.49 18.60
CA ALA A 620 28.05 28.88 19.90
C ALA A 620 26.60 28.97 20.37
N ALA A 621 25.77 29.75 19.67
CA ALA A 621 24.35 29.86 19.99
C ALA A 621 23.57 28.95 19.06
N LYS A 622 23.64 27.65 19.34
CA LYS A 622 22.94 26.66 18.53
C LYS A 622 21.46 26.54 18.90
N ALA A 623 21.05 27.07 20.05
CA ALA A 623 19.66 27.05 20.48
C ALA A 623 19.11 28.47 20.47
N ILE A 624 17.81 28.57 20.18
CA ILE A 624 17.12 29.85 20.17
C ILE A 624 15.71 29.66 20.74
N VAL A 625 15.25 30.64 21.51
CA VAL A 625 13.88 30.69 21.99
C VAL A 625 13.22 31.92 21.39
N VAL A 626 12.15 31.71 20.63
CA VAL A 626 11.48 32.78 19.90
C VAL A 626 10.14 33.04 20.57
N HIS A 627 9.91 34.29 20.95
CA HIS A 627 8.64 34.68 21.54
C HIS A 627 7.62 34.96 20.44
N GLY A 628 6.36 34.62 20.71
CA GLY A 628 5.31 34.82 19.73
C GLY A 628 5.06 36.27 19.39
N ALA A 629 5.38 37.20 20.30
CA ALA A 629 5.27 38.62 19.99
C ALA A 629 6.23 39.01 18.87
N GLU A 630 7.41 38.39 18.85
CA GLU A 630 8.38 38.66 17.78
C GLU A 630 7.86 38.19 16.43
N LEU A 631 7.16 37.04 16.40
CA LEU A 631 6.68 36.49 15.14
C LEU A 631 5.66 37.37 14.45
N LYS A 632 5.04 38.30 15.18
CA LYS A 632 4.13 39.25 14.54
C LYS A 632 4.86 40.21 13.62
N ASP A 633 6.17 40.39 13.81
CA ASP A 633 6.98 41.27 12.98
C ASP A 633 8.05 40.51 12.23
N ILE A 634 7.81 39.24 11.94
CA ILE A 634 8.75 38.37 11.23
C ILE A 634 8.20 38.11 9.83
N GLN A 635 9.02 38.36 8.82
CA GLN A 635 8.66 38.11 7.44
C GLN A 635 9.01 36.67 7.07
N SER A 636 8.71 36.29 5.82
CA SER A 636 9.06 34.96 5.35
C SER A 636 10.58 34.77 5.33
N LYS A 637 11.32 35.79 4.90
CA LYS A 637 12.77 35.68 4.84
C LYS A 637 13.36 35.52 6.23
N GLN A 638 12.91 36.32 7.18
CA GLN A 638 13.42 36.23 8.55
C GLN A 638 13.06 34.90 9.18
N LEU A 639 11.84 34.41 8.95
CA LEU A 639 11.45 33.10 9.47
C LEU A 639 12.30 32.00 8.87
N ASP A 640 12.58 32.08 7.57
CA ASP A 640 13.46 31.09 6.95
C ASP A 640 14.86 31.14 7.53
N GLN A 641 15.37 32.34 7.80
CA GLN A 641 16.68 32.46 8.44
C GLN A 641 16.68 31.80 9.81
N ILE A 642 15.64 32.06 10.60
CA ILE A 642 15.55 31.46 11.93
C ILE A 642 15.50 29.95 11.83
N LEU A 643 14.68 29.43 10.90
CA LEU A 643 14.51 27.98 10.79
C LEU A 643 15.74 27.29 10.24
N GLN A 644 16.56 28.00 9.46
CA GLN A 644 17.73 27.37 8.87
C GLN A 644 18.98 27.51 9.71
N ASN A 645 19.15 28.60 10.44
CA ASN A 645 20.41 28.88 11.12
C ASN A 645 20.51 28.27 12.52
N HIS A 646 19.47 27.62 13.03
CA HIS A 646 19.48 27.09 14.39
C HIS A 646 19.06 25.62 14.38
N PRO A 647 19.93 24.71 14.83
CA PRO A 647 19.51 23.31 14.97
C PRO A 647 18.40 23.09 15.97
N GLU A 648 18.37 23.87 17.06
CA GLU A 648 17.45 23.67 18.17
C GLU A 648 16.63 24.94 18.36
N ILE A 649 15.33 24.83 18.14
CA ILE A 649 14.43 25.98 18.14
C ILE A 649 13.28 25.71 19.09
N VAL A 650 12.94 26.70 19.92
CA VAL A 650 11.77 26.67 20.77
C VAL A 650 10.92 27.90 20.44
N PHE A 651 9.66 27.66 20.06
CA PHE A 651 8.70 28.72 19.82
C PHE A 651 7.73 28.78 20.99
N ALA A 652 7.73 29.89 21.73
CA ALA A 652 6.91 30.05 22.91
C ALA A 652 5.91 31.18 22.71
N ARG A 653 4.78 31.07 23.41
CA ARG A 653 3.70 32.06 23.36
C ARG A 653 3.19 32.25 21.93
N THR A 654 3.00 31.13 21.23
CA THR A 654 2.54 31.14 19.85
C THR A 654 1.04 30.86 19.77
N SER A 655 0.37 31.61 18.92
CA SER A 655 -1.04 31.40 18.64
C SER A 655 -1.21 30.23 17.68
N PRO A 656 -2.44 29.71 17.53
CA PRO A 656 -2.67 28.70 16.49
C PRO A 656 -2.28 29.16 15.10
N GLN A 657 -2.56 30.43 14.78
CA GLN A 657 -2.17 30.97 13.49
C GLN A 657 -0.65 30.96 13.33
N GLN A 658 0.08 31.30 14.39
CA GLN A 658 1.53 31.30 14.32
C GLN A 658 2.10 29.89 14.22
N LYS A 659 1.46 28.91 14.88
CA LYS A 659 1.87 27.52 14.69
C LYS A 659 1.69 27.09 13.24
N LEU A 660 0.56 27.49 12.64
CA LEU A 660 0.34 27.22 11.23
C LEU A 660 1.41 27.89 10.36
N ILE A 661 1.77 29.13 10.69
CA ILE A 661 2.80 29.84 9.94
C ILE A 661 4.13 29.11 10.04
N ILE A 662 4.47 28.62 11.23
CA ILE A 662 5.73 27.90 11.42
C ILE A 662 5.74 26.60 10.61
N VAL A 663 4.63 25.87 10.63
CA VAL A 663 4.54 24.63 9.84
C VAL A 663 4.69 24.92 8.37
N GLU A 664 4.02 25.98 7.89
CA GLU A 664 4.12 26.35 6.48
C GLU A 664 5.53 26.78 6.12
N GLY A 665 6.21 27.49 7.01
CA GLY A 665 7.59 27.88 6.74
C GLY A 665 8.53 26.69 6.69
N CYS A 666 8.33 25.71 7.56
CA CYS A 666 9.13 24.49 7.50
C CYS A 666 8.86 23.73 6.21
N GLN A 667 7.61 23.65 5.79
CA GLN A 667 7.28 22.96 4.54
C GLN A 667 7.85 23.69 3.34
N ARG A 668 7.87 25.03 3.38
CA ARG A 668 8.36 25.82 2.25
C ARG A 668 9.84 25.58 2.01
N LEU A 669 10.60 25.26 3.05
CA LEU A 669 12.02 24.96 2.92
C LEU A 669 12.27 23.55 2.40
N GLY A 670 11.24 22.83 2.00
CA GLY A 670 11.40 21.52 1.42
C GLY A 670 11.32 20.35 2.36
N ALA A 671 10.82 20.55 3.58
CA ALA A 671 10.77 19.51 4.58
C ALA A 671 9.40 18.84 4.62
N VAL A 672 9.40 17.54 4.92
CA VAL A 672 8.18 16.82 5.26
C VAL A 672 8.00 16.94 6.76
N VAL A 673 6.88 17.54 7.18
CA VAL A 673 6.69 17.99 8.55
C VAL A 673 5.65 17.13 9.23
N ALA A 674 5.98 16.63 10.42
CA ALA A 674 5.03 15.98 11.31
C ALA A 674 4.72 16.91 12.48
N VAL A 675 3.44 16.98 12.85
CA VAL A 675 2.99 17.80 13.96
C VAL A 675 2.31 16.91 14.98
N THR A 676 2.72 17.04 16.25
CA THR A 676 2.08 16.34 17.35
C THR A 676 1.47 17.37 18.29
N GLY A 677 0.17 17.25 18.54
CA GLY A 677 -0.51 18.19 19.41
C GLY A 677 -1.79 17.57 19.95
N ASP A 678 -2.34 18.21 20.97
CA ASP A 678 -3.56 17.69 21.58
C ASP A 678 -4.67 18.72 21.70
N GLY A 679 -4.34 19.98 21.99
CA GLY A 679 -5.34 20.99 22.23
C GLY A 679 -5.93 21.55 20.96
N VAL A 680 -6.93 22.42 21.14
CA VAL A 680 -7.57 23.07 20.01
C VAL A 680 -6.61 24.03 19.31
N ASN A 681 -5.57 24.51 20.00
CA ASN A 681 -4.62 25.42 19.39
C ASN A 681 -3.65 24.71 18.44
N ASP A 682 -3.71 23.39 18.34
CA ASP A 682 -2.87 22.62 17.44
C ASP A 682 -3.61 22.18 16.17
N SER A 683 -4.92 22.40 16.09
CA SER A 683 -5.71 21.86 14.98
C SER A 683 -5.27 22.38 13.61
N PRO A 684 -5.10 23.70 13.39
CA PRO A 684 -4.65 24.14 12.05
C PRO A 684 -3.30 23.57 11.67
N ALA A 685 -2.36 23.48 12.61
CA ALA A 685 -1.06 22.90 12.31
C ALA A 685 -1.17 21.40 12.05
N LEU A 686 -2.03 20.71 12.80
CA LEU A 686 -2.25 19.28 12.57
C LEU A 686 -2.81 19.04 11.19
N LYS A 687 -3.73 19.89 10.72
CA LYS A 687 -4.29 19.69 9.39
C LYS A 687 -3.30 20.06 8.30
N LYS A 688 -2.54 21.15 8.50
CA LYS A 688 -1.57 21.58 7.49
C LYS A 688 -0.37 20.65 7.41
N ALA A 689 -0.07 19.91 8.47
CA ALA A 689 1.10 19.04 8.46
C ALA A 689 0.96 17.92 7.44
N ASP A 690 2.10 17.44 6.96
CA ASP A 690 2.11 16.28 6.09
C ASP A 690 1.54 15.06 6.80
N ILE A 691 1.89 14.89 8.08
CA ILE A 691 1.27 13.89 8.94
C ILE A 691 0.95 14.57 10.26
N GLY A 692 -0.33 14.53 10.65
CA GLY A 692 -0.77 15.08 11.92
C GLY A 692 -1.07 13.95 12.91
N ILE A 693 -0.48 14.07 14.09
CA ILE A 693 -0.61 13.07 15.14
C ILE A 693 -1.23 13.74 16.36
N ALA A 694 -2.37 13.23 16.81
CA ALA A 694 -3.07 13.76 17.96
C ALA A 694 -3.07 12.74 19.10
N MET A 695 -2.98 13.23 20.33
CA MET A 695 -3.06 12.38 21.50
C MET A 695 -4.49 11.88 21.66
N GLY A 696 -4.64 10.56 21.86
CA GLY A 696 -5.98 9.99 21.95
C GLY A 696 -6.72 10.40 23.21
N ILE A 697 -6.02 10.45 24.34
CA ILE A 697 -6.68 10.71 25.61
C ILE A 697 -6.76 12.20 25.91
N SER A 698 -5.62 12.90 25.92
CA SER A 698 -5.61 14.31 26.23
C SER A 698 -6.05 15.20 25.07
N GLY A 699 -6.15 14.65 23.86
CA GLY A 699 -6.50 15.46 22.71
C GLY A 699 -7.95 15.89 22.71
N SER A 700 -8.21 16.98 22.02
CA SER A 700 -9.57 17.49 21.83
C SER A 700 -10.18 16.90 20.56
N ASP A 701 -11.49 17.04 20.44
CA ASP A 701 -12.20 16.44 19.31
C ASP A 701 -11.78 17.06 17.98
N VAL A 702 -11.58 18.38 17.95
CA VAL A 702 -11.22 19.04 16.71
C VAL A 702 -9.82 18.63 16.27
N SER A 703 -8.88 18.52 17.23
CA SER A 703 -7.53 18.11 16.88
C SER A 703 -7.50 16.65 16.42
N LYS A 704 -8.30 15.79 17.05
CA LYS A 704 -8.39 14.40 16.61
C LYS A 704 -9.07 14.26 15.25
N GLN A 705 -9.97 15.19 14.91
CA GLN A 705 -10.52 15.22 13.57
C GLN A 705 -9.50 15.69 12.55
N ALA A 706 -8.69 16.68 12.91
CA ALA A 706 -7.71 17.22 11.97
C ALA A 706 -6.54 16.28 11.76
N ALA A 707 -6.21 15.47 12.75
CA ALA A 707 -5.03 14.61 12.67
C ALA A 707 -5.27 13.43 11.72
N ASP A 708 -4.17 12.94 11.15
CA ASP A 708 -4.18 11.72 10.35
C ASP A 708 -3.95 10.48 11.18
N MET A 709 -3.33 10.61 12.35
CA MET A 709 -2.97 9.49 13.19
C MET A 709 -3.30 9.83 14.64
N ILE A 710 -3.77 8.82 15.39
CA ILE A 710 -4.17 9.00 16.78
C ILE A 710 -3.36 8.05 17.63
N LEU A 711 -2.75 8.59 18.71
CA LEU A 711 -2.12 7.77 19.73
C LEU A 711 -3.16 7.48 20.80
N LEU A 712 -3.79 6.30 20.70
CA LEU A 712 -4.92 6.00 21.56
C LEU A 712 -4.54 5.94 23.03
N ASP A 713 -3.32 5.50 23.35
CA ASP A 713 -2.83 5.43 24.71
C ASP A 713 -1.90 6.58 25.07
N ASP A 714 -1.77 7.58 24.20
CA ASP A 714 -0.89 8.73 24.41
C ASP A 714 0.56 8.29 24.68
N ASN A 715 1.01 7.30 23.92
CA ASN A 715 2.37 6.78 24.04
C ASN A 715 3.25 7.41 22.97
N PHE A 716 4.26 8.18 23.42
CA PHE A 716 5.13 8.88 22.49
C PHE A 716 6.18 7.97 21.86
N ALA A 717 6.40 6.78 22.44
CA ALA A 717 7.30 5.82 21.83
C ALA A 717 6.77 5.25 20.53
N SER A 718 5.48 5.47 20.22
CA SER A 718 4.92 4.99 18.97
C SER A 718 5.40 5.80 17.77
N ILE A 719 5.90 7.02 17.98
CA ILE A 719 6.39 7.83 16.87
C ILE A 719 7.69 7.25 16.31
N VAL A 720 8.58 6.78 17.19
CA VAL A 720 9.81 6.13 16.73
C VAL A 720 9.47 4.86 15.97
N THR A 721 8.53 4.07 16.50
CA THR A 721 8.06 2.88 15.81
C THR A 721 7.48 3.24 14.44
N GLY A 722 6.73 4.35 14.37
CA GLY A 722 6.18 4.77 13.11
C GLY A 722 7.24 5.15 12.09
N VAL A 723 8.28 5.84 12.54
CA VAL A 723 9.38 6.21 11.64
C VAL A 723 10.05 4.95 11.11
N GLU A 724 10.34 4.00 12.00
CA GLU A 724 10.99 2.76 11.58
C GLU A 724 10.10 1.98 10.61
N GLU A 725 8.82 1.87 10.91
CA GLU A 725 7.90 1.14 10.05
C GLU A 725 7.73 1.81 8.70
N GLY A 726 7.70 3.15 8.67
CA GLY A 726 7.61 3.85 7.41
C GLY A 726 8.82 3.65 6.52
N ARG A 727 10.03 3.72 7.11
CA ARG A 727 11.22 3.46 6.31
C ARG A 727 11.25 2.02 5.79
N LEU A 728 10.90 1.06 6.66
CA LEU A 728 10.90 -0.33 6.24
C LEU A 728 9.86 -0.59 5.17
N ILE A 729 8.69 0.04 5.27
CA ILE A 729 7.64 -0.13 4.27
C ILE A 729 8.07 0.49 2.95
N PHE A 730 8.81 1.59 2.97
CA PHE A 730 9.35 2.15 1.74
C PHE A 730 10.29 1.18 1.06
N ASP A 731 11.24 0.60 1.82
CA ASP A 731 12.17 -0.36 1.25
C ASP A 731 11.45 -1.60 0.70
N ASN A 732 10.49 -2.13 1.45
CA ASN A 732 9.80 -3.33 1.02
C ASN A 732 8.89 -3.07 -0.17
N LEU A 733 8.33 -1.86 -0.28
CA LEU A 733 7.59 -1.49 -1.48
C LEU A 733 8.51 -1.46 -2.69
N LYS A 734 9.73 -0.94 -2.52
CA LYS A 734 10.69 -0.99 -3.62
C LYS A 734 10.92 -2.43 -4.07
N LYS A 735 11.15 -3.33 -3.12
CA LYS A 735 11.40 -4.73 -3.48
C LYS A 735 10.21 -5.36 -4.18
N SER A 736 9.00 -5.13 -3.65
CA SER A 736 7.81 -5.71 -4.24
C SER A 736 7.54 -5.18 -5.64
N ILE A 737 7.75 -3.88 -5.85
CA ILE A 737 7.55 -3.29 -7.17
C ILE A 737 8.57 -3.85 -8.16
N MET A 738 9.82 -4.02 -7.72
CA MET A 738 10.83 -4.63 -8.58
C MET A 738 10.41 -6.05 -8.99
N TYR A 739 9.97 -6.85 -8.01
CA TYR A 739 9.55 -8.22 -8.31
C TYR A 739 8.38 -8.24 -9.29
N THR A 740 7.40 -7.34 -9.11
CA THR A 740 6.24 -7.33 -9.97
C THR A 740 6.57 -6.85 -11.38
N LEU A 741 7.42 -5.83 -11.50
CA LEU A 741 7.78 -5.31 -12.81
C LEU A 741 8.70 -6.24 -13.58
N THR A 742 9.42 -7.13 -12.89
CA THR A 742 10.31 -8.04 -13.61
C THR A 742 9.53 -8.93 -14.58
N SER A 743 8.37 -9.44 -14.15
CA SER A 743 7.62 -10.40 -14.96
C SER A 743 6.94 -9.77 -16.17
N ASN A 744 6.97 -8.44 -16.31
CA ASN A 744 6.34 -7.80 -17.46
C ASN A 744 7.03 -8.19 -18.77
N ILE A 745 8.36 -8.30 -18.76
CA ILE A 745 9.12 -8.56 -19.98
C ILE A 745 8.81 -9.93 -20.57
N PRO A 746 8.80 -11.03 -19.81
CA PRO A 746 8.39 -12.31 -20.40
C PRO A 746 6.93 -12.38 -20.79
N GLU A 747 6.13 -11.35 -20.51
CA GLU A 747 4.73 -11.32 -20.88
C GLU A 747 4.44 -10.55 -22.16
N ILE A 748 5.31 -9.62 -22.55
CA ILE A 748 5.10 -8.84 -23.76
C ILE A 748 6.01 -9.28 -24.90
N THR A 749 7.22 -9.76 -24.61
CA THR A 749 8.09 -10.26 -25.66
C THR A 749 7.49 -11.37 -26.50
N PRO A 750 6.70 -12.31 -25.96
CA PRO A 750 6.03 -13.26 -26.87
C PRO A 750 5.19 -12.60 -27.94
N PHE A 751 4.42 -11.56 -27.59
CA PHE A 751 3.61 -10.85 -28.57
C PHE A 751 4.50 -10.04 -29.53
N LEU A 752 5.57 -9.45 -29.01
CA LEU A 752 6.49 -8.72 -29.88
C LEU A 752 7.12 -9.64 -30.92
N MET A 753 7.51 -10.85 -30.52
CA MET A 753 8.10 -11.79 -31.47
C MET A 753 7.05 -12.40 -32.38
N PHE A 754 5.80 -12.51 -31.91
CA PHE A 754 4.71 -12.88 -32.81
C PHE A 754 4.54 -11.87 -33.92
N ILE A 755 4.61 -10.58 -33.57
CA ILE A 755 4.45 -9.52 -34.58
C ILE A 755 5.65 -9.49 -35.52
N ILE A 756 6.86 -9.55 -34.96
CA ILE A 756 8.07 -9.27 -35.74
C ILE A 756 8.52 -10.51 -36.50
N LEU A 757 8.50 -11.67 -35.87
CA LEU A 757 9.03 -12.89 -36.48
C LEU A 757 7.96 -13.76 -37.11
N GLY A 758 6.68 -13.55 -36.80
CA GLY A 758 5.63 -14.40 -37.32
C GLY A 758 5.66 -15.83 -36.83
N ILE A 759 6.04 -16.03 -35.57
CA ILE A 759 6.06 -17.36 -34.96
C ILE A 759 4.73 -17.57 -34.23
N PRO A 760 4.33 -18.81 -33.94
CA PRO A 760 3.13 -19.01 -33.13
C PRO A 760 3.27 -18.36 -31.77
N LEU A 761 2.15 -17.84 -31.26
CA LEU A 761 2.18 -17.01 -30.06
C LEU A 761 2.65 -17.82 -28.86
N PRO A 762 3.74 -17.41 -28.18
CA PRO A 762 4.26 -18.22 -27.08
C PRO A 762 3.49 -18.07 -25.78
N LEU A 763 2.74 -17.00 -25.57
CA LEU A 763 2.05 -16.77 -24.31
C LEU A 763 0.71 -16.11 -24.59
N GLY A 764 -0.33 -16.58 -23.90
CA GLY A 764 -1.68 -16.12 -24.11
C GLY A 764 -2.20 -15.21 -23.01
N THR A 765 -3.34 -14.59 -23.29
CA THR A 765 -3.97 -13.66 -22.36
C THR A 765 -4.37 -14.36 -21.07
N ILE A 766 -4.88 -15.59 -21.17
CA ILE A 766 -5.31 -16.33 -19.99
C ILE A 766 -4.13 -16.64 -19.09
N THR A 767 -3.01 -17.08 -19.67
CA THR A 767 -1.83 -17.37 -18.87
C THR A 767 -1.23 -16.10 -18.28
N ILE A 768 -1.27 -15.00 -19.03
CA ILE A 768 -0.79 -13.73 -18.50
C ILE A 768 -1.61 -13.29 -17.29
N LEU A 769 -2.95 -13.44 -17.39
CA LEU A 769 -3.79 -13.13 -16.24
C LEU A 769 -3.52 -14.07 -15.08
N CYS A 770 -3.26 -15.35 -15.37
CA CYS A 770 -2.92 -16.29 -14.31
C CYS A 770 -1.59 -15.97 -13.65
N ILE A 771 -0.70 -15.23 -14.34
CA ILE A 771 0.52 -14.77 -13.69
C ILE A 771 0.26 -13.56 -12.82
N ASP A 772 -0.36 -12.52 -13.39
CA ASP A 772 -0.48 -11.24 -12.70
C ASP A 772 -1.33 -11.35 -11.44
N LEU A 773 -2.54 -11.90 -11.57
CA LEU A 773 -3.47 -12.01 -10.45
C LEU A 773 -3.36 -13.34 -9.72
N GLY A 774 -2.49 -14.23 -10.18
CA GLY A 774 -2.36 -15.55 -9.60
C GLY A 774 -1.06 -15.78 -8.87
N THR A 775 -0.10 -16.41 -9.56
CA THR A 775 1.13 -16.87 -8.92
C THR A 775 2.00 -15.73 -8.42
N ASP A 776 1.80 -14.50 -8.87
CA ASP A 776 2.66 -13.40 -8.48
C ASP A 776 2.17 -12.63 -7.26
N MET A 777 0.93 -12.84 -6.83
CA MET A 777 0.35 -12.01 -5.77
C MET A 777 0.97 -12.31 -4.40
N VAL A 778 0.89 -13.57 -3.97
CA VAL A 778 1.42 -13.93 -2.64
C VAL A 778 2.92 -13.69 -2.54
N PRO A 779 3.76 -14.06 -3.52
CA PRO A 779 5.18 -13.69 -3.42
C PRO A 779 5.42 -12.19 -3.33
N ALA A 780 4.65 -11.38 -4.05
CA ALA A 780 4.81 -9.93 -3.95
C ALA A 780 4.41 -9.42 -2.57
N ILE A 781 3.34 -9.98 -2.00
CA ILE A 781 2.91 -9.58 -0.66
C ILE A 781 3.94 -9.98 0.38
N SER A 782 4.55 -11.16 0.21
CA SER A 782 5.48 -11.67 1.22
C SER A 782 6.72 -10.81 1.36
N LEU A 783 7.06 -9.99 0.36
CA LEU A 783 8.20 -9.09 0.47
C LEU A 783 7.95 -7.95 1.45
N ALA A 784 6.70 -7.74 1.86
CA ALA A 784 6.40 -6.74 2.89
C ALA A 784 6.85 -7.20 4.27
N TYR A 785 7.14 -8.48 4.45
CA TYR A 785 7.59 -9.02 5.72
C TYR A 785 9.10 -9.10 5.85
N GLU A 786 9.84 -8.59 4.87
CA GLU A 786 11.29 -8.57 4.96
C GLU A 786 11.74 -7.61 6.04
N SER A 787 12.74 -8.03 6.81
CA SER A 787 13.34 -7.18 7.83
C SER A 787 14.39 -6.28 7.22
N ALA A 788 14.78 -5.25 7.95
CA ALA A 788 15.75 -4.28 7.46
C ALA A 788 17.10 -4.93 7.26
N GLU A 789 17.77 -4.56 6.17
CA GLU A 789 19.11 -5.08 5.86
C GLU A 789 20.20 -4.39 6.67
N SER A 790 19.89 -3.25 7.28
CA SER A 790 20.82 -2.55 8.15
C SER A 790 19.99 -1.77 9.18
N ASP A 791 20.64 -0.87 9.90
CA ASP A 791 19.94 -0.04 10.88
C ASP A 791 19.32 1.15 10.15
N ILE A 792 18.03 1.07 9.87
CA ILE A 792 17.35 2.13 9.14
C ILE A 792 17.25 3.40 9.98
N MET A 793 17.18 3.27 11.30
CA MET A 793 17.12 4.45 12.15
C MET A 793 18.44 5.21 12.22
N LYS A 794 19.52 4.64 11.70
CA LYS A 794 20.79 5.34 11.57
C LYS A 794 20.93 6.08 10.25
N ARG A 795 19.95 5.96 9.36
CA ARG A 795 19.96 6.69 8.10
C ARG A 795 19.43 8.11 8.31
N LEU A 796 19.75 8.97 7.35
CA LEU A 796 19.10 10.27 7.27
C LEU A 796 17.76 10.14 6.57
N PRO A 797 16.84 11.07 6.80
CA PRO A 797 15.58 11.06 6.04
C PRO A 797 15.84 11.19 4.56
N ARG A 798 15.03 10.49 3.76
CA ARG A 798 15.18 10.54 2.32
C ARG A 798 14.84 11.93 1.78
N ASN A 799 15.57 12.33 0.75
CA ASN A 799 15.26 13.58 0.07
C ASN A 799 14.14 13.31 -0.93
N PRO A 800 12.95 13.87 -0.71
CA PRO A 800 11.84 13.59 -1.64
C PRO A 800 12.08 14.04 -3.06
N LYS A 801 12.85 15.13 -3.25
CA LYS A 801 13.15 15.59 -4.60
C LYS A 801 14.01 14.59 -5.35
N THR A 802 14.98 13.99 -4.67
CA THR A 802 15.97 13.12 -5.31
C THR A 802 15.67 11.63 -5.11
N ASP A 803 15.36 11.22 -3.89
CA ASP A 803 15.18 9.80 -3.58
C ASP A 803 13.75 9.40 -3.90
N ASN A 804 13.58 8.64 -4.98
CA ASN A 804 12.28 8.21 -5.45
C ASN A 804 12.06 6.73 -5.14
N LEU A 805 10.79 6.38 -4.93
CA LEU A 805 10.42 4.97 -4.73
C LEU A 805 10.77 4.15 -5.96
N VAL A 806 10.41 4.63 -7.14
CA VAL A 806 10.73 4.00 -8.41
C VAL A 806 11.49 5.01 -9.25
N ASN A 807 12.65 4.60 -9.77
CA ASN A 807 13.49 5.45 -10.59
C ASN A 807 13.98 4.63 -11.78
N HIS A 808 14.93 5.22 -12.52
CA HIS A 808 15.43 4.57 -13.73
C HIS A 808 16.27 3.33 -13.43
N ARG A 809 16.89 3.28 -12.25
CA ARG A 809 17.67 2.09 -11.88
C ARG A 809 16.78 0.87 -11.74
N LEU A 810 15.62 1.03 -11.09
CA LEU A 810 14.68 -0.07 -10.96
C LEU A 810 14.17 -0.52 -12.32
N ILE A 811 13.88 0.44 -13.20
CA ILE A 811 13.42 0.09 -14.54
C ILE A 811 14.49 -0.68 -15.30
N GLY A 812 15.74 -0.22 -15.22
CA GLY A 812 16.82 -0.91 -15.89
C GLY A 812 17.06 -2.31 -15.35
N MET A 813 16.88 -2.49 -14.03
CA MET A 813 17.06 -3.81 -13.44
C MET A 813 15.92 -4.75 -13.81
N ALA A 814 14.67 -4.26 -13.73
CA ALA A 814 13.52 -5.13 -13.99
C ALA A 814 13.33 -5.36 -15.49
N TYR A 815 13.28 -4.28 -16.27
CA TYR A 815 13.05 -4.42 -17.70
C TYR A 815 14.31 -4.85 -18.45
N GLY A 816 15.42 -4.18 -18.19
CA GLY A 816 16.61 -4.38 -19.01
C GLY A 816 17.40 -5.64 -18.71
N GLN A 817 17.43 -6.08 -17.45
CA GLN A 817 18.35 -7.15 -17.07
C GLN A 817 17.65 -8.42 -16.63
N ILE A 818 16.80 -8.38 -15.62
CA ILE A 818 16.22 -9.61 -15.09
C ILE A 818 15.04 -10.06 -15.95
N GLY A 819 14.23 -9.11 -16.42
CA GLY A 819 13.12 -9.47 -17.28
C GLY A 819 13.56 -10.10 -18.59
N MET A 820 14.68 -9.63 -19.13
CA MET A 820 15.20 -10.21 -20.36
C MET A 820 15.65 -11.66 -20.15
N ILE A 821 16.32 -11.94 -19.04
CA ILE A 821 16.72 -13.31 -18.74
C ILE A 821 15.49 -14.20 -18.55
N GLN A 822 14.47 -13.68 -17.87
CA GLN A 822 13.23 -14.44 -17.72
C GLN A 822 12.56 -14.70 -19.07
N ALA A 823 12.58 -13.70 -19.95
CA ALA A 823 11.98 -13.86 -21.27
C ALA A 823 12.70 -14.92 -22.10
N LEU A 824 14.04 -14.92 -22.04
CA LEU A 824 14.79 -15.94 -22.78
C LEU A 824 14.52 -17.34 -22.23
N ALA A 825 14.22 -17.47 -20.94
CA ALA A 825 13.90 -18.77 -20.37
C ALA A 825 12.62 -19.34 -20.95
N GLY A 826 11.60 -18.49 -21.11
CA GLY A 826 10.34 -18.96 -21.67
C GLY A 826 10.46 -19.35 -23.14
N PHE A 827 11.19 -18.55 -23.92
CA PHE A 827 11.38 -18.87 -25.33
C PHE A 827 12.14 -20.18 -25.51
N PHE A 828 13.09 -20.47 -24.61
CA PHE A 828 13.80 -21.73 -24.67
C PHE A 828 12.85 -22.91 -24.53
N THR A 829 11.98 -22.88 -23.51
CA THR A 829 11.01 -23.95 -23.32
C THR A 829 10.05 -24.06 -24.50
N TYR A 830 9.60 -22.91 -25.00
CA TYR A 830 8.73 -22.87 -26.17
C TYR A 830 9.37 -23.59 -27.36
N PHE A 831 10.63 -23.28 -27.63
CA PHE A 831 11.32 -23.90 -28.75
C PHE A 831 11.58 -25.38 -28.52
N VAL A 832 11.92 -25.78 -27.29
CA VAL A 832 12.19 -27.20 -27.06
C VAL A 832 10.92 -28.01 -27.24
N ILE A 833 9.77 -27.48 -26.81
CA ILE A 833 8.52 -28.22 -26.99
C ILE A 833 8.16 -28.31 -28.47
N LEU A 834 8.24 -27.19 -29.19
CA LEU A 834 7.90 -27.23 -30.60
C LEU A 834 8.84 -28.14 -31.38
N ALA A 835 10.11 -28.21 -30.99
CA ALA A 835 11.05 -29.08 -31.68
C ALA A 835 10.82 -30.55 -31.35
N GLU A 836 10.42 -30.85 -30.11
CA GLU A 836 10.10 -32.21 -29.74
C GLU A 836 8.79 -32.69 -30.35
N ASN A 837 7.91 -31.77 -30.74
CA ASN A 837 6.68 -32.15 -31.43
C ASN A 837 6.81 -32.11 -32.94
N GLY A 838 7.97 -31.73 -33.48
CA GLY A 838 8.21 -31.80 -34.92
C GLY A 838 8.48 -30.49 -35.61
N PHE A 839 8.54 -29.35 -34.93
CA PHE A 839 8.78 -28.06 -35.59
C PHE A 839 10.11 -27.51 -35.11
N ARG A 840 11.13 -27.61 -35.96
CA ARG A 840 12.43 -27.05 -35.64
C ARG A 840 12.36 -25.52 -35.63
N PRO A 841 13.20 -24.86 -34.82
CA PRO A 841 13.05 -23.40 -34.64
C PRO A 841 13.12 -22.60 -35.93
N VAL A 842 13.98 -23.00 -36.87
CA VAL A 842 14.11 -22.24 -38.12
C VAL A 842 12.83 -22.33 -38.94
N ASP A 843 12.10 -23.44 -38.84
CA ASP A 843 10.89 -23.64 -39.63
C ASP A 843 9.69 -22.89 -39.08
N LEU A 844 9.79 -22.31 -37.88
CA LEU A 844 8.71 -21.54 -37.30
C LEU A 844 8.74 -20.07 -37.69
N LEU A 845 9.80 -19.60 -38.33
CA LEU A 845 9.91 -18.21 -38.72
C LEU A 845 9.03 -17.93 -39.94
N GLY A 846 8.15 -16.95 -39.83
CA GLY A 846 7.28 -16.60 -40.93
C GLY A 846 6.17 -17.58 -41.21
N ILE A 847 5.80 -18.39 -40.22
CA ILE A 847 4.75 -19.39 -40.41
C ILE A 847 3.39 -18.88 -39.97
N ARG A 848 3.28 -17.61 -39.57
CA ARG A 848 2.08 -17.11 -38.92
C ARG A 848 0.85 -17.25 -39.82
N LEU A 849 0.97 -16.86 -41.09
CA LEU A 849 -0.20 -16.86 -41.97
C LEU A 849 -0.72 -18.27 -42.20
N HIS A 850 0.19 -19.25 -42.34
CA HIS A 850 -0.24 -20.64 -42.48
C HIS A 850 -0.71 -21.22 -41.16
N TRP A 851 -0.02 -20.88 -40.06
CA TRP A 851 -0.36 -21.45 -38.76
C TRP A 851 -1.73 -21.02 -38.30
N GLU A 852 -2.11 -19.77 -38.57
CA GLU A 852 -3.38 -19.22 -38.10
C GLU A 852 -4.53 -19.50 -39.04
N ASP A 853 -4.29 -20.17 -40.16
CA ASP A 853 -5.34 -20.44 -41.15
C ASP A 853 -6.20 -21.59 -40.64
N LYS A 854 -7.46 -21.29 -40.32
CA LYS A 854 -8.36 -22.30 -39.78
C LYS A 854 -8.75 -23.36 -40.80
N TYR A 855 -8.57 -23.07 -42.09
CA TYR A 855 -8.95 -23.99 -43.15
C TYR A 855 -7.75 -24.59 -43.88
N LEU A 856 -6.55 -24.40 -43.34
CA LEU A 856 -5.39 -25.16 -43.74
C LEU A 856 -5.20 -26.27 -42.70
N ASN A 857 -5.55 -27.50 -43.08
CA ASN A 857 -5.57 -28.61 -42.15
C ASN A 857 -4.60 -29.72 -42.53
N ASP A 858 -3.58 -29.40 -43.33
CA ASP A 858 -2.49 -30.33 -43.63
C ASP A 858 -1.15 -29.59 -43.61
N LEU A 859 -0.97 -28.72 -42.62
CA LEU A 859 0.29 -27.99 -42.51
C LEU A 859 1.44 -28.94 -42.23
N GLU A 860 2.55 -28.74 -42.93
CA GLU A 860 3.69 -29.64 -42.88
C GLU A 860 4.74 -29.16 -41.89
N ASP A 861 5.26 -30.09 -41.08
CA ASP A 861 6.28 -29.80 -40.10
C ASP A 861 7.67 -30.12 -40.67
N SER A 862 8.67 -30.11 -39.80
CA SER A 862 10.05 -30.34 -40.23
C SER A 862 10.30 -31.76 -40.72
N TYR A 863 9.48 -32.72 -40.29
CA TYR A 863 9.64 -34.11 -40.68
C TYR A 863 8.76 -34.52 -41.86
N GLY A 864 7.89 -33.62 -42.32
CA GLY A 864 6.94 -33.96 -43.36
C GLY A 864 5.58 -34.39 -42.88
N GLN A 865 5.35 -34.40 -41.57
CA GLN A 865 4.03 -34.70 -41.03
C GLN A 865 3.07 -33.56 -41.32
N GLN A 866 1.79 -33.90 -41.46
CA GLN A 866 0.76 -32.93 -41.80
C GLN A 866 -0.18 -32.75 -40.61
N TRP A 867 -0.43 -31.50 -40.25
CA TRP A 867 -1.14 -31.15 -39.03
C TRP A 867 -2.46 -30.48 -39.34
N THR A 868 -3.48 -30.77 -38.55
CA THR A 868 -4.70 -29.99 -38.63
C THR A 868 -4.58 -28.74 -37.76
N TYR A 869 -5.49 -27.80 -38.00
CA TYR A 869 -5.49 -26.54 -37.28
C TYR A 869 -5.66 -26.75 -35.78
N GLU A 870 -6.61 -27.62 -35.39
CA GLU A 870 -6.82 -27.87 -33.97
C GLU A 870 -5.63 -28.56 -33.33
N GLN A 871 -4.98 -29.48 -34.06
CA GLN A 871 -3.82 -30.17 -33.51
C GLN A 871 -2.68 -29.18 -33.24
N ARG A 872 -2.38 -28.33 -34.21
CA ARG A 872 -1.29 -27.38 -33.98
C ARG A 872 -1.69 -26.31 -32.97
N LYS A 873 -2.98 -25.98 -32.86
CA LYS A 873 -3.43 -25.08 -31.81
C LYS A 873 -3.26 -25.70 -30.43
N VAL A 874 -3.51 -27.01 -30.30
CA VAL A 874 -3.28 -27.68 -29.02
C VAL A 874 -1.81 -27.66 -28.67
N VAL A 875 -0.94 -27.88 -29.67
CA VAL A 875 0.49 -27.78 -29.42
C VAL A 875 0.87 -26.37 -28.96
N GLU A 876 0.30 -25.35 -29.61
CA GLU A 876 0.60 -23.97 -29.22
C GLU A 876 0.13 -23.68 -27.80
N PHE A 877 -1.06 -24.17 -27.43
CA PHE A 877 -1.56 -23.96 -26.07
C PHE A 877 -0.71 -24.70 -25.04
N THR A 878 -0.20 -25.88 -25.39
CA THR A 878 0.74 -26.56 -24.50
C THR A 878 2.02 -25.75 -24.33
N CYS A 879 2.50 -25.15 -25.42
CA CYS A 879 3.66 -24.27 -25.33
C CYS A 879 3.39 -23.07 -24.44
N GLN A 880 2.18 -22.51 -24.52
CA GLN A 880 1.83 -21.37 -23.68
C GLN A 880 1.75 -21.77 -22.21
N THR A 881 1.19 -22.95 -21.92
CA THR A 881 1.16 -23.44 -20.54
C THR A 881 2.57 -23.65 -20.01
N ALA A 882 3.47 -24.19 -20.83
CA ALA A 882 4.85 -24.36 -20.40
C ALA A 882 5.55 -23.03 -20.23
N PHE A 883 5.23 -22.04 -21.07
CA PHE A 883 5.77 -20.69 -20.88
C PHE A 883 5.34 -20.10 -19.55
N PHE A 884 4.07 -20.28 -19.21
CA PHE A 884 3.56 -19.82 -17.92
C PHE A 884 4.29 -20.51 -16.76
N VAL A 885 4.46 -21.83 -16.87
CA VAL A 885 5.15 -22.58 -15.81
C VAL A 885 6.60 -22.15 -15.70
N THR A 886 7.26 -21.89 -16.83
CA THR A 886 8.64 -21.41 -16.81
C THR A 886 8.73 -20.04 -16.14
N ILE A 887 7.79 -19.15 -16.44
CA ILE A 887 7.75 -17.86 -15.75
C ILE A 887 7.61 -18.06 -14.25
N VAL A 888 6.79 -19.03 -13.84
CA VAL A 888 6.66 -19.32 -12.42
C VAL A 888 8.00 -19.78 -11.84
N VAL A 889 8.74 -20.62 -12.57
CA VAL A 889 9.97 -21.19 -12.04
C VAL A 889 11.06 -20.13 -11.91
N VAL A 890 11.20 -19.26 -12.92
CA VAL A 890 12.23 -18.23 -12.86
C VAL A 890 11.84 -17.13 -11.88
N GLN A 891 10.57 -17.03 -11.51
CA GLN A 891 10.17 -16.09 -10.46
C GLN A 891 10.56 -16.56 -9.08
N TRP A 892 10.89 -17.85 -8.90
CA TRP A 892 11.49 -18.29 -7.66
C TRP A 892 12.80 -17.56 -7.40
N ALA A 893 13.69 -17.57 -8.40
CA ALA A 893 14.97 -16.89 -8.27
C ALA A 893 14.79 -15.39 -8.11
N ASP A 894 13.84 -14.81 -8.85
CA ASP A 894 13.59 -13.37 -8.74
C ASP A 894 13.10 -13.01 -7.35
N LEU A 895 12.23 -13.85 -6.77
CA LEU A 895 11.77 -13.62 -5.40
C LEU A 895 12.92 -13.76 -4.41
N ILE A 896 13.80 -14.74 -4.61
CA ILE A 896 14.93 -14.92 -3.72
C ILE A 896 15.86 -13.71 -3.78
N ILE A 897 16.13 -13.20 -4.98
CA ILE A 897 17.06 -12.09 -5.11
C ILE A 897 16.42 -10.75 -4.77
N SER A 898 15.09 -10.65 -4.81
CA SER A 898 14.40 -9.42 -4.42
C SER A 898 14.28 -9.27 -2.91
N LYS A 899 14.66 -10.29 -2.14
CA LYS A 899 14.59 -10.19 -0.69
C LYS A 899 15.50 -9.09 -0.17
N THR A 900 16.66 -8.90 -0.80
CA THR A 900 17.63 -7.90 -0.37
C THR A 900 18.02 -7.02 -1.55
N ARG A 901 18.37 -5.77 -1.23
CA ARG A 901 18.87 -4.83 -2.22
C ARG A 901 20.38 -4.66 -2.16
N ARG A 902 20.99 -4.92 -1.02
CA ARG A 902 22.43 -4.82 -0.85
C ARG A 902 23.06 -6.10 -0.30
N ASN A 903 22.38 -6.78 0.61
CA ASN A 903 22.96 -7.92 1.30
C ASN A 903 22.84 -9.19 0.47
N SER A 904 23.75 -10.13 0.73
CA SER A 904 23.64 -11.46 0.16
C SER A 904 22.53 -12.25 0.84
N LEU A 905 22.03 -13.25 0.13
CA LEU A 905 21.06 -14.16 0.73
C LEU A 905 21.63 -14.88 1.93
N PHE A 906 22.94 -15.19 1.89
CA PHE A 906 23.58 -15.88 3.01
C PHE A 906 23.83 -14.96 4.19
N GLN A 907 23.71 -13.64 4.00
CA GLN A 907 23.77 -12.69 5.11
C GLN A 907 22.41 -12.48 5.75
N GLN A 908 21.36 -12.39 4.94
CA GLN A 908 20.01 -12.11 5.43
C GLN A 908 19.26 -13.37 5.87
N GLY A 909 19.55 -14.50 5.26
CA GLY A 909 18.88 -15.74 5.62
C GLY A 909 17.55 -15.92 4.92
N MET A 910 16.78 -16.88 5.42
CA MET A 910 15.47 -17.26 4.90
C MET A 910 14.47 -17.41 6.04
N ARG A 911 14.42 -16.42 6.92
CA ARG A 911 13.51 -16.46 8.06
C ARG A 911 12.13 -15.92 7.73
N ASN A 912 11.88 -15.51 6.49
CA ASN A 912 10.56 -15.06 6.06
C ASN A 912 9.72 -16.28 5.70
N LYS A 913 8.80 -16.66 6.60
CA LYS A 913 7.97 -17.83 6.36
C LYS A 913 6.88 -17.57 5.33
N VAL A 914 6.42 -16.32 5.24
CA VAL A 914 5.41 -15.97 4.25
C VAL A 914 5.97 -16.11 2.84
N LEU A 915 7.26 -15.81 2.66
CA LEU A 915 7.90 -15.97 1.36
C LEU A 915 7.96 -17.44 0.93
N ILE A 916 8.34 -18.31 1.86
CA ILE A 916 8.38 -19.74 1.57
C ILE A 916 6.99 -20.26 1.25
N PHE A 917 6.00 -19.84 2.04
CA PHE A 917 4.62 -20.23 1.76
C PHE A 917 4.17 -19.73 0.40
N GLY A 918 4.57 -18.52 0.02
CA GLY A 918 4.21 -18.00 -1.28
C GLY A 918 4.82 -18.80 -2.42
N ILE A 919 6.08 -19.21 -2.26
CA ILE A 919 6.71 -20.08 -3.26
C ILE A 919 5.92 -21.37 -3.40
N LEU A 920 5.61 -22.01 -2.29
CA LEU A 920 4.87 -23.27 -2.34
C LEU A 920 3.49 -23.07 -2.97
N GLU A 921 2.82 -21.98 -2.60
CA GLU A 921 1.46 -21.73 -3.09
C GLU A 921 1.46 -21.47 -4.59
N GLU A 922 2.41 -20.68 -5.09
CA GLU A 922 2.44 -20.41 -6.52
C GLU A 922 2.82 -21.66 -7.30
N THR A 923 3.72 -22.49 -6.76
CA THR A 923 4.04 -23.75 -7.44
C THR A 923 2.84 -24.67 -7.49
N LEU A 924 2.09 -24.78 -6.39
CA LEU A 924 0.91 -25.63 -6.36
C LEU A 924 -0.18 -25.08 -7.28
N LEU A 925 -0.32 -23.77 -7.37
CA LEU A 925 -1.28 -23.18 -8.28
C LEU A 925 -0.92 -23.45 -9.73
N ALA A 926 0.37 -23.34 -10.07
CA ALA A 926 0.81 -23.67 -11.42
C ALA A 926 0.56 -25.13 -11.75
N ALA A 927 0.83 -26.03 -10.79
CA ALA A 927 0.59 -27.45 -11.02
C ALA A 927 -0.91 -27.74 -11.16
N PHE A 928 -1.74 -27.06 -10.38
CA PHE A 928 -3.18 -27.30 -10.42
C PHE A 928 -3.78 -26.93 -11.77
N LEU A 929 -3.38 -25.80 -12.33
CA LEU A 929 -3.95 -25.35 -13.59
C LEU A 929 -3.50 -26.20 -14.77
N SER A 930 -2.45 -26.98 -14.61
CA SER A 930 -1.91 -27.78 -15.72
C SER A 930 -2.47 -29.19 -15.75
N TYR A 931 -2.71 -29.82 -14.60
CA TYR A 931 -3.03 -31.23 -14.55
C TYR A 931 -4.45 -31.54 -14.11
N THR A 932 -5.22 -30.55 -13.70
CA THR A 932 -6.59 -30.79 -13.30
C THR A 932 -7.43 -31.14 -14.53
N PRO A 933 -8.19 -32.24 -14.51
CA PRO A 933 -9.03 -32.58 -15.66
C PRO A 933 -10.05 -31.48 -15.93
N GLY A 934 -10.30 -31.24 -17.22
CA GLY A 934 -11.20 -30.20 -17.65
C GLY A 934 -10.57 -28.84 -17.82
N MET A 935 -9.30 -28.67 -17.41
CA MET A 935 -8.62 -27.40 -17.60
C MET A 935 -8.26 -27.14 -19.06
N ASP A 936 -8.31 -28.15 -19.92
CA ASP A 936 -8.11 -27.94 -21.34
C ASP A 936 -9.32 -27.32 -22.03
N VAL A 937 -10.49 -27.43 -21.43
CA VAL A 937 -11.72 -26.85 -21.98
C VAL A 937 -12.02 -25.51 -21.34
N ALA A 938 -11.97 -25.42 -20.01
CA ALA A 938 -12.24 -24.17 -19.32
C ALA A 938 -11.22 -23.10 -19.70
N LEU A 939 -9.96 -23.36 -19.38
CA LEU A 939 -8.84 -22.63 -19.96
C LEU A 939 -8.28 -23.45 -21.10
N ARG A 940 -7.32 -22.90 -21.82
CA ARG A 940 -6.58 -23.70 -22.79
C ARG A 940 -5.24 -24.13 -22.19
N MET A 941 -5.32 -24.83 -21.07
CA MET A 941 -4.15 -25.30 -20.34
C MET A 941 -4.08 -26.82 -20.40
N TYR A 942 -2.88 -27.33 -20.68
CA TYR A 942 -2.68 -28.74 -20.92
C TYR A 942 -1.58 -29.29 -20.02
N PRO A 943 -1.63 -30.59 -19.72
CA PRO A 943 -0.59 -31.17 -18.87
C PRO A 943 0.78 -31.13 -19.54
N LEU A 944 1.81 -31.06 -18.72
CA LEU A 944 3.18 -30.94 -19.18
C LEU A 944 3.97 -32.20 -18.87
N LYS A 945 4.98 -32.46 -19.70
CA LYS A 945 5.94 -33.52 -19.41
C LYS A 945 6.82 -33.13 -18.23
N ILE A 946 7.45 -34.14 -17.63
CA ILE A 946 8.36 -33.89 -16.51
C ILE A 946 9.52 -33.01 -16.94
N THR A 947 10.13 -33.33 -18.08
CA THR A 947 11.31 -32.60 -18.53
C THR A 947 11.00 -31.15 -18.89
N TRP A 948 9.75 -30.84 -19.24
CA TRP A 948 9.39 -29.46 -19.55
C TRP A 948 9.42 -28.56 -18.34
N TRP A 949 9.32 -29.12 -17.13
CA TRP A 949 9.48 -28.34 -15.91
C TRP A 949 10.94 -28.00 -15.64
N LEU A 950 11.88 -28.76 -16.19
CA LEU A 950 13.30 -28.60 -15.89
C LEU A 950 14.01 -27.67 -16.86
N CYS A 951 13.30 -27.05 -17.81
CA CYS A 951 13.93 -26.21 -18.80
C CYS A 951 14.35 -24.84 -18.25
N ALA A 952 13.77 -24.40 -17.13
CA ALA A 952 14.05 -23.08 -16.59
C ALA A 952 15.05 -23.09 -15.45
N ILE A 953 15.53 -24.27 -15.03
CA ILE A 953 16.47 -24.33 -13.92
C ILE A 953 17.78 -23.61 -14.21
N PRO A 954 18.45 -23.82 -15.36
CA PRO A 954 19.68 -23.06 -15.61
C PRO A 954 19.48 -21.56 -15.65
N TYR A 955 18.34 -21.09 -16.17
CA TYR A 955 18.09 -19.66 -16.21
C TYR A 955 17.83 -19.09 -14.81
N SER A 956 17.13 -19.85 -13.97
CA SER A 956 16.95 -19.42 -12.58
C SER A 956 18.28 -19.34 -11.85
N ILE A 957 19.14 -20.34 -12.05
CA ILE A 957 20.46 -20.32 -11.43
C ILE A 957 21.29 -19.14 -11.96
N LEU A 958 21.16 -18.84 -13.25
CA LEU A 958 21.83 -17.69 -13.83
C LEU A 958 21.37 -16.39 -13.19
N ILE A 959 20.06 -16.25 -12.98
CA ILE A 959 19.53 -15.06 -12.34
C ILE A 959 20.09 -14.91 -10.93
N PHE A 960 20.09 -16.02 -10.18
CA PHE A 960 20.58 -15.96 -8.80
C PHE A 960 22.05 -15.57 -8.76
N VAL A 961 22.89 -16.20 -9.60
CA VAL A 961 24.31 -15.92 -9.59
C VAL A 961 24.59 -14.49 -10.03
N TYR A 962 23.89 -14.02 -11.07
CA TYR A 962 24.09 -12.66 -11.54
C TYR A 962 23.76 -11.65 -10.45
N ASP A 963 22.63 -11.83 -9.77
CA ASP A 963 22.26 -10.87 -8.74
C ASP A 963 23.21 -10.94 -7.55
N GLU A 964 23.67 -12.14 -7.19
CA GLU A 964 24.62 -12.26 -6.09
C GLU A 964 25.93 -11.54 -6.41
N ILE A 965 26.45 -11.71 -7.63
CA ILE A 965 27.69 -11.02 -8.00
C ILE A 965 27.46 -9.51 -8.04
N ARG A 966 26.31 -9.07 -8.55
CA ARG A 966 26.04 -7.64 -8.61
C ARG A 966 26.02 -7.02 -7.22
N LYS A 967 25.35 -7.68 -6.26
CA LYS A 967 25.30 -7.14 -4.91
C LYS A 967 26.64 -7.24 -4.21
N LEU A 968 27.44 -8.27 -4.53
CA LEU A 968 28.80 -8.33 -4.00
C LEU A 968 29.63 -7.14 -4.48
N LEU A 969 29.51 -6.80 -5.76
CA LEU A 969 30.25 -5.64 -6.29
C LEU A 969 29.75 -4.35 -5.65
N ILE A 970 28.44 -4.23 -5.42
CA ILE A 970 27.89 -3.05 -4.76
C ILE A 970 28.47 -2.92 -3.35
N ARG A 971 28.50 -4.03 -2.61
CA ARG A 971 29.06 -4.00 -1.26
C ARG A 971 30.54 -3.66 -1.28
N GLN A 972 31.28 -4.19 -2.24
CA GLN A 972 32.73 -3.99 -2.27
C GLN A 972 33.11 -2.58 -2.70
N HIS A 973 32.30 -1.95 -3.55
CA HIS A 973 32.62 -0.64 -4.11
C HIS A 973 31.49 0.34 -3.82
N PRO A 974 31.44 0.90 -2.62
CA PRO A 974 30.42 1.92 -2.33
C PRO A 974 30.59 3.12 -3.23
N ASP A 975 29.45 3.66 -3.68
CA ASP A 975 29.37 4.83 -4.56
C ASP A 975 30.04 4.57 -5.91
N GLY A 976 30.26 3.30 -6.27
CA GLY A 976 30.87 2.95 -7.53
C GLY A 976 29.85 2.90 -8.66
N TRP A 977 30.37 2.55 -9.85
CA TRP A 977 29.53 2.56 -11.05
C TRP A 977 28.37 1.58 -10.93
N VAL A 978 28.62 0.39 -10.38
CA VAL A 978 27.56 -0.60 -10.25
C VAL A 978 26.46 -0.09 -9.32
N GLU A 979 26.83 0.54 -8.22
CA GLU A 979 25.85 1.05 -7.28
C GLU A 979 25.06 2.22 -7.89
N ARG A 980 25.72 3.08 -8.65
CA ARG A 980 25.03 4.23 -9.23
C ARG A 980 24.10 3.83 -10.37
N GLU A 981 24.30 2.67 -10.98
CA GLU A 981 23.48 2.25 -12.11
C GLU A 981 22.41 1.24 -11.74
N THR A 982 22.64 0.40 -10.73
CA THR A 982 21.74 -0.71 -10.45
C THR A 982 21.11 -0.70 -9.06
N TYR A 983 21.70 -0.01 -8.08
CA TYR A 983 21.14 -0.03 -6.73
C TYR A 983 19.88 0.82 -6.67
N TYR A 984 18.72 0.20 -6.86
CA TYR A 984 17.46 0.92 -6.92
C TYR A 984 16.93 1.24 -5.54
N LYS B 13 12.43 19.19 -15.03
CA LYS B 13 11.73 17.91 -15.12
C LYS B 13 11.37 17.57 -16.55
N LYS B 14 11.00 18.60 -17.33
CA LYS B 14 10.65 18.42 -18.74
C LYS B 14 11.61 19.14 -19.67
N PHE B 15 12.76 19.59 -19.18
CA PHE B 15 13.77 20.25 -20.01
C PHE B 15 15.11 19.57 -19.70
N ILE B 16 15.40 18.49 -20.41
CA ILE B 16 16.63 17.72 -20.21
C ILE B 16 17.34 17.40 -21.51
N TRP B 17 16.82 17.84 -22.66
CA TRP B 17 17.39 17.45 -23.94
C TRP B 17 18.84 17.91 -24.06
N ASN B 18 19.12 19.16 -23.70
CA ASN B 18 20.48 19.68 -23.72
C ASN B 18 20.70 20.54 -22.49
N SER B 19 21.96 20.65 -22.08
CA SER B 19 22.31 21.39 -20.88
C SER B 19 23.72 21.93 -21.00
N GLU B 20 24.02 22.92 -20.16
CA GLU B 20 25.36 23.51 -20.14
C GLU B 20 26.43 22.48 -19.79
N LYS B 21 26.10 21.54 -18.90
CA LYS B 21 26.98 20.47 -18.43
C LYS B 21 27.28 19.42 -19.51
N LYS B 22 26.87 19.66 -20.76
CA LYS B 22 27.05 18.70 -21.85
C LYS B 22 26.29 17.41 -21.56
N GLU B 23 25.15 17.53 -20.89
CA GLU B 23 24.35 16.37 -20.48
C GLU B 23 23.21 16.17 -21.47
N PHE B 24 23.32 15.13 -22.29
CA PHE B 24 22.26 14.73 -23.18
C PHE B 24 21.26 13.86 -22.43
N LEU B 25 20.03 14.35 -22.26
CA LEU B 25 18.96 13.64 -21.57
C LEU B 25 19.31 13.29 -20.13
N GLY B 26 20.31 13.96 -19.56
CA GLY B 26 20.69 13.78 -18.17
C GLY B 26 22.12 13.27 -17.98
N ARG B 27 22.62 12.50 -18.93
CA ARG B 27 23.94 11.91 -18.83
C ARG B 27 24.89 12.56 -19.83
N THR B 28 26.17 12.53 -19.50
CA THR B 28 27.19 13.04 -20.42
C THR B 28 27.53 11.96 -21.45
N GLY B 29 28.44 12.31 -22.36
CA GLY B 29 28.88 11.34 -23.36
C GLY B 29 29.54 10.13 -22.75
N GLY B 30 30.38 10.34 -21.74
CA GLY B 30 31.02 9.21 -21.09
C GLY B 30 30.06 8.29 -20.39
N SER B 31 29.08 8.87 -19.67
CA SER B 31 28.08 8.05 -18.99
C SER B 31 27.24 7.27 -20.00
N TRP B 32 26.82 7.94 -21.08
CA TRP B 32 26.05 7.24 -22.12
C TRP B 32 26.87 6.10 -22.71
N PHE B 33 28.14 6.35 -23.01
CA PHE B 33 28.99 5.31 -23.58
C PHE B 33 29.11 4.13 -22.63
N LYS B 34 29.33 4.39 -21.34
CA LYS B 34 29.50 3.30 -20.38
C LYS B 34 28.21 2.48 -20.25
N ILE B 35 27.06 3.14 -20.14
CA ILE B 35 25.82 2.40 -19.95
C ILE B 35 25.46 1.61 -21.20
N LEU B 36 25.66 2.19 -22.38
CA LEU B 36 25.38 1.48 -23.62
C LEU B 36 26.34 0.31 -23.83
N LEU B 37 27.62 0.50 -23.49
CA LEU B 37 28.57 -0.60 -23.58
C LEU B 37 28.17 -1.75 -22.65
N PHE B 38 27.75 -1.41 -21.42
CA PHE B 38 27.31 -2.44 -20.49
C PHE B 38 26.15 -3.23 -21.07
N TYR B 39 25.15 -2.53 -21.61
CA TYR B 39 23.99 -3.26 -22.14
C TYR B 39 24.34 -4.06 -23.39
N VAL B 40 25.26 -3.56 -24.21
CA VAL B 40 25.69 -4.31 -25.39
C VAL B 40 26.36 -5.61 -24.97
N ILE B 41 27.29 -5.54 -24.01
CA ILE B 41 27.96 -6.74 -23.54
C ILE B 41 26.98 -7.71 -22.89
N PHE B 42 26.06 -7.18 -22.07
CA PHE B 42 25.09 -8.01 -21.38
C PHE B 42 24.19 -8.75 -22.36
N TYR B 43 23.68 -8.05 -23.38
CA TYR B 43 22.80 -8.69 -24.35
C TYR B 43 23.55 -9.63 -25.27
N GLY B 44 24.82 -9.33 -25.59
CA GLY B 44 25.62 -10.30 -26.31
C GLY B 44 25.82 -11.59 -25.54
N CYS B 45 26.09 -11.48 -24.23
CA CYS B 45 26.24 -12.67 -23.41
C CYS B 45 24.93 -13.45 -23.31
N LEU B 46 23.81 -12.74 -23.17
CA LEU B 46 22.52 -13.41 -23.13
C LEU B 46 22.24 -14.15 -24.43
N ALA B 47 22.52 -13.52 -25.57
CA ALA B 47 22.30 -14.16 -26.86
C ALA B 47 23.19 -15.39 -27.01
N GLY B 48 24.45 -15.30 -26.58
CA GLY B 48 25.32 -16.46 -26.62
C GLY B 48 24.80 -17.61 -25.77
N ILE B 49 24.33 -17.30 -24.56
CA ILE B 49 23.78 -18.33 -23.68
C ILE B 49 22.56 -18.98 -24.31
N PHE B 50 21.67 -18.16 -24.88
CA PHE B 50 20.46 -18.68 -25.51
C PHE B 50 20.78 -19.59 -26.68
N ILE B 51 21.73 -19.17 -27.52
CA ILE B 51 22.12 -19.97 -28.67
C ILE B 51 22.74 -21.29 -28.21
N GLY B 52 23.58 -21.24 -27.18
CA GLY B 52 24.18 -22.46 -26.67
C GLY B 52 23.14 -23.44 -26.15
N THR B 53 22.17 -22.94 -25.37
CA THR B 53 21.12 -23.81 -24.86
C THR B 53 20.29 -24.41 -26.00
N ILE B 54 19.98 -23.60 -27.02
CA ILE B 54 19.19 -24.10 -28.15
C ILE B 54 19.95 -25.21 -28.87
N GLN B 55 21.26 -25.02 -29.09
CA GLN B 55 22.05 -26.05 -29.76
C GLN B 55 22.13 -27.32 -28.92
N VAL B 56 22.31 -27.18 -27.61
CA VAL B 56 22.37 -28.36 -26.75
C VAL B 56 21.05 -29.12 -26.80
N MET B 57 19.93 -28.40 -26.79
CA MET B 57 18.64 -29.07 -26.93
C MET B 57 18.52 -29.77 -28.28
N LEU B 58 18.87 -29.09 -29.36
CA LEU B 58 18.76 -29.68 -30.69
C LEU B 58 19.66 -30.89 -30.86
N LEU B 59 20.73 -31.00 -30.08
CA LEU B 59 21.54 -32.22 -30.11
C LEU B 59 20.75 -33.45 -29.70
N THR B 60 19.72 -33.27 -28.88
CA THR B 60 18.90 -34.39 -28.40
C THR B 60 17.73 -34.70 -29.31
N ILE B 61 17.56 -33.96 -30.41
CA ILE B 61 16.44 -34.14 -31.33
C ILE B 61 16.90 -35.02 -32.48
N SER B 62 16.21 -36.14 -32.67
CA SER B 62 16.53 -37.01 -33.80
C SER B 62 16.14 -36.35 -35.12
N GLU B 63 16.97 -36.58 -36.13
CA GLU B 63 16.71 -36.04 -37.47
C GLU B 63 15.81 -36.94 -38.30
N PHE B 64 15.47 -38.14 -37.81
CA PHE B 64 14.63 -39.08 -38.54
C PHE B 64 13.27 -39.31 -37.92
N LYS B 65 13.06 -38.92 -36.66
CA LYS B 65 11.83 -39.23 -35.98
C LYS B 65 11.56 -38.18 -34.93
N PRO B 66 10.35 -37.61 -34.89
CA PRO B 66 10.02 -36.66 -33.82
C PRO B 66 9.94 -37.35 -32.47
N THR B 67 10.25 -36.58 -31.41
CA THR B 67 10.27 -37.14 -30.07
C THR B 67 8.88 -37.59 -29.64
N TYR B 68 7.86 -36.81 -29.93
CA TYR B 68 6.48 -37.12 -29.56
C TYR B 68 5.59 -37.04 -30.78
N GLN B 69 4.55 -37.88 -30.78
CA GLN B 69 3.57 -37.92 -31.87
C GLN B 69 2.14 -37.99 -31.35
N ASP B 70 1.93 -37.89 -30.04
CA ASP B 70 0.59 -37.95 -29.46
C ASP B 70 -0.28 -36.76 -29.85
N ARG B 71 0.31 -35.68 -30.36
CA ARG B 71 -0.46 -34.52 -30.78
C ARG B 71 -0.77 -34.52 -32.27
N VAL B 72 -0.03 -35.28 -33.07
CA VAL B 72 -0.31 -35.37 -34.50
C VAL B 72 -1.09 -36.64 -34.86
N ALA B 73 -1.03 -37.68 -34.01
CA ALA B 73 -1.86 -38.86 -34.23
C ALA B 73 -3.08 -38.83 -33.32
N PRO B 74 -4.25 -39.29 -33.78
CA PRO B 74 -4.57 -39.85 -35.11
C PRO B 74 -4.56 -38.80 -36.21
N PRO B 75 -4.28 -39.20 -37.44
CA PRO B 75 -4.15 -38.22 -38.53
C PRO B 75 -5.49 -37.61 -38.92
N GLY B 76 -5.39 -36.45 -39.54
CA GLY B 76 -6.56 -35.79 -40.08
C GLY B 76 -6.89 -36.22 -41.50
N LEU B 77 -8.12 -35.97 -41.90
CA LEU B 77 -8.60 -36.27 -43.25
C LEU B 77 -8.91 -34.95 -43.95
N THR B 78 -8.30 -34.74 -45.11
CA THR B 78 -8.46 -33.51 -45.86
C THR B 78 -8.87 -33.83 -47.30
N GLN B 79 -9.25 -32.79 -48.04
CA GLN B 79 -9.71 -32.98 -49.41
C GLN B 79 -9.17 -31.87 -50.30
N ILE B 80 -9.03 -32.21 -51.57
CA ILE B 80 -8.70 -31.27 -52.64
C ILE B 80 -9.92 -31.15 -53.54
N PRO B 81 -10.34 -29.94 -53.95
CA PRO B 81 -9.67 -28.63 -53.86
C PRO B 81 -9.58 -28.02 -52.46
N GLN B 82 -8.54 -27.23 -52.24
CA GLN B 82 -8.38 -26.46 -51.02
C GLN B 82 -9.36 -25.29 -51.07
N ILE B 83 -10.51 -25.44 -50.41
CA ILE B 83 -11.58 -24.48 -50.48
C ILE B 83 -11.52 -23.57 -49.27
N GLN B 84 -12.29 -22.48 -49.31
CA GLN B 84 -12.13 -21.42 -48.32
C GLN B 84 -12.84 -21.74 -47.00
N LYS B 85 -14.09 -22.18 -47.07
CA LYS B 85 -14.88 -22.40 -45.85
C LYS B 85 -15.64 -23.71 -45.93
N THR B 86 -14.96 -24.77 -46.39
CA THR B 86 -15.58 -26.07 -46.63
C THR B 86 -16.76 -25.94 -47.61
N GLU B 87 -16.64 -25.02 -48.56
CA GLU B 87 -17.71 -24.70 -49.49
C GLU B 87 -17.22 -24.86 -50.92
N ILE B 88 -18.02 -25.56 -51.73
CA ILE B 88 -17.79 -25.65 -53.17
C ILE B 88 -19.07 -25.14 -53.84
N SER B 89 -18.97 -23.96 -54.45
CA SER B 89 -20.12 -23.32 -55.08
C SER B 89 -19.72 -22.84 -56.45
N PHE B 90 -20.35 -23.37 -57.49
CA PHE B 90 -19.99 -23.04 -58.86
C PHE B 90 -21.19 -23.22 -59.77
N ARG B 91 -21.10 -22.60 -60.95
CA ARG B 91 -22.09 -22.78 -62.01
C ARG B 91 -21.43 -23.51 -63.16
N PRO B 92 -21.91 -24.69 -63.54
CA PRO B 92 -21.31 -25.40 -64.69
C PRO B 92 -21.37 -24.60 -65.98
N ASN B 93 -22.41 -23.75 -66.13
CA ASN B 93 -22.55 -22.97 -67.36
C ASN B 93 -21.51 -21.85 -67.45
N ASP B 94 -20.98 -21.40 -66.32
CA ASP B 94 -19.98 -20.34 -66.30
C ASP B 94 -18.61 -20.96 -66.01
N PRO B 95 -17.71 -21.05 -67.01
CA PRO B 95 -16.42 -21.70 -66.79
C PRO B 95 -15.51 -20.97 -65.81
N LYS B 96 -15.84 -19.75 -65.40
CA LYS B 96 -15.02 -19.02 -64.45
C LYS B 96 -15.46 -19.21 -63.00
N SER B 97 -16.57 -19.92 -62.78
CA SER B 97 -17.03 -20.20 -61.43
C SER B 97 -16.36 -21.41 -60.79
N TYR B 98 -15.67 -22.24 -61.59
CA TYR B 98 -14.95 -23.39 -61.07
C TYR B 98 -13.49 -23.40 -61.51
N GLU B 99 -13.01 -22.32 -62.13
CA GLU B 99 -11.64 -22.29 -62.60
C GLU B 99 -10.65 -22.40 -61.45
N ALA B 100 -10.94 -21.74 -60.33
CA ALA B 100 -10.07 -21.84 -59.16
C ALA B 100 -10.02 -23.27 -58.63
N TYR B 101 -11.17 -23.95 -58.57
CA TYR B 101 -11.19 -25.34 -58.12
C TYR B 101 -10.34 -26.22 -59.04
N VAL B 102 -10.53 -26.08 -60.35
CA VAL B 102 -9.80 -26.92 -61.29
C VAL B 102 -8.31 -26.62 -61.23
N LEU B 103 -7.95 -25.36 -61.08
CA LEU B 103 -6.54 -24.99 -60.97
C LEU B 103 -5.91 -25.56 -59.72
N ASN B 104 -6.64 -25.52 -58.59
CA ASN B 104 -6.13 -26.12 -57.36
C ASN B 104 -5.92 -27.61 -57.53
N ILE B 105 -6.87 -28.29 -58.18
CA ILE B 105 -6.75 -29.73 -58.39
C ILE B 105 -5.54 -30.05 -59.28
N VAL B 106 -5.38 -29.31 -60.38
CA VAL B 106 -4.28 -29.63 -61.29
C VAL B 106 -2.93 -29.28 -60.66
N ARG B 107 -2.88 -28.23 -59.83
CA ARG B 107 -1.64 -27.93 -59.11
C ARG B 107 -1.30 -29.03 -58.13
N PHE B 108 -2.32 -29.59 -57.45
CA PHE B 108 -2.05 -30.68 -56.53
C PHE B 108 -1.59 -31.94 -57.25
N LEU B 109 -2.18 -32.23 -58.42
CA LEU B 109 -1.93 -33.50 -59.09
C LEU B 109 -0.74 -33.48 -60.04
N GLU B 110 0.03 -32.39 -60.07
CA GLU B 110 1.16 -32.31 -61.01
C GLU B 110 2.22 -33.36 -60.71
N LYS B 111 2.51 -33.60 -59.43
CA LYS B 111 3.54 -34.56 -59.07
C LYS B 111 3.09 -36.00 -59.19
N TYR B 112 1.80 -36.24 -59.45
CA TYR B 112 1.30 -37.60 -59.63
C TYR B 112 1.29 -38.04 -61.09
N LYS B 113 1.74 -37.20 -62.01
CA LYS B 113 1.83 -37.58 -63.41
C LYS B 113 2.83 -38.71 -63.60
N ASP B 114 2.61 -39.53 -64.62
CA ASP B 114 3.50 -40.65 -64.90
C ASP B 114 4.90 -40.17 -65.24
N SER B 115 5.00 -39.07 -65.98
CA SER B 115 6.29 -38.53 -66.39
C SER B 115 7.13 -38.02 -65.22
N ALA B 116 6.52 -37.82 -64.06
CA ALA B 116 7.24 -37.34 -62.88
C ALA B 116 7.68 -38.47 -61.97
N GLN B 117 7.40 -39.73 -62.33
CA GLN B 117 7.75 -40.89 -61.53
C GLN B 117 8.59 -41.87 -62.33
N ARG B 118 9.51 -41.36 -63.14
CA ARG B 118 10.26 -42.23 -64.04
C ARG B 118 11.56 -42.76 -63.43
N ASP B 119 12.16 -42.03 -62.50
CA ASP B 119 13.41 -42.46 -61.90
C ASP B 119 13.22 -43.79 -61.18
N ASP B 120 13.87 -44.85 -61.67
CA ASP B 120 13.74 -46.18 -61.08
C ASP B 120 14.54 -46.32 -59.79
N MET B 121 15.47 -45.41 -59.51
CA MET B 121 16.19 -45.44 -58.24
C MET B 121 15.43 -44.74 -57.12
N ILE B 122 14.36 -44.02 -57.45
CA ILE B 122 13.49 -43.38 -56.47
C ILE B 122 12.17 -44.13 -56.34
N PHE B 123 11.53 -44.43 -57.47
CA PHE B 123 10.19 -45.00 -57.48
C PHE B 123 10.23 -46.49 -57.79
N GLU B 124 9.15 -47.16 -57.42
CA GLU B 124 8.99 -48.58 -57.71
C GLU B 124 7.50 -48.88 -57.81
N ASP B 125 7.19 -50.01 -58.45
CA ASP B 125 5.83 -50.48 -58.59
C ASP B 125 5.54 -51.46 -57.47
N CYS B 126 4.50 -51.17 -56.69
CA CYS B 126 4.16 -51.95 -55.50
C CYS B 126 2.82 -52.68 -55.69
N GLY B 127 2.56 -53.10 -56.92
CA GLY B 127 1.37 -53.87 -57.22
C GLY B 127 0.19 -53.02 -57.65
N ASP B 128 -0.71 -53.65 -58.39
CA ASP B 128 -1.95 -53.03 -58.82
C ASP B 128 -3.14 -53.42 -57.96
N VAL B 129 -2.89 -54.09 -56.84
CA VAL B 129 -3.93 -54.44 -55.88
C VAL B 129 -3.46 -54.01 -54.49
N PRO B 130 -4.41 -53.77 -53.58
CA PRO B 130 -4.01 -53.40 -52.21
C PRO B 130 -3.18 -54.49 -51.56
N SER B 131 -2.16 -54.06 -50.81
CA SER B 131 -1.22 -54.98 -50.19
C SER B 131 -0.97 -54.55 -48.75
N GLU B 132 -0.21 -55.39 -48.03
CA GLU B 132 0.14 -55.11 -46.66
C GLU B 132 1.20 -54.01 -46.59
N PRO B 133 1.36 -53.38 -45.42
CA PRO B 133 2.37 -52.33 -45.29
C PRO B 133 3.77 -52.85 -45.59
N LYS B 134 4.58 -51.99 -46.20
CA LYS B 134 5.94 -52.33 -46.60
C LYS B 134 6.93 -51.77 -45.59
N GLU B 135 7.65 -52.66 -44.91
CA GLU B 135 8.69 -52.27 -43.96
C GLU B 135 9.98 -52.04 -44.75
N ARG B 136 10.43 -50.80 -44.79
CA ARG B 136 11.61 -50.42 -45.55
C ARG B 136 12.87 -50.30 -44.69
N GLY B 137 12.82 -50.78 -43.45
CA GLY B 137 13.97 -50.70 -42.57
C GLY B 137 13.66 -49.97 -41.28
N ASP B 138 14.68 -49.39 -40.66
CA ASP B 138 14.54 -48.63 -39.43
C ASP B 138 14.71 -47.14 -39.72
N PHE B 139 14.16 -46.33 -38.82
CA PHE B 139 14.20 -44.88 -38.98
C PHE B 139 15.60 -44.37 -38.69
N ASN B 140 16.48 -44.55 -39.66
CA ASN B 140 17.85 -44.06 -39.62
C ASN B 140 18.39 -44.08 -41.04
N HIS B 141 19.68 -43.78 -41.18
CA HIS B 141 20.35 -43.76 -42.48
C HIS B 141 21.17 -45.03 -42.72
N GLU B 142 20.67 -46.18 -42.28
CA GLU B 142 21.38 -47.43 -42.52
C GLU B 142 21.54 -47.70 -44.01
N ARG B 143 20.47 -47.51 -44.78
CA ARG B 143 20.45 -47.82 -46.20
C ARG B 143 20.10 -46.60 -47.04
N GLY B 144 20.43 -45.40 -46.56
CA GLY B 144 20.16 -44.19 -47.31
C GLY B 144 18.68 -43.93 -47.49
N GLU B 145 18.36 -43.28 -48.61
CA GLU B 145 16.96 -42.97 -48.91
C GLU B 145 16.18 -44.24 -49.22
N ARG B 146 14.95 -44.28 -48.73
CA ARG B 146 14.04 -45.37 -49.03
C ARG B 146 13.36 -45.14 -50.38
N LYS B 147 12.94 -46.23 -51.00
CA LYS B 147 12.22 -46.15 -52.25
C LYS B 147 10.75 -45.79 -52.01
N VAL B 148 10.11 -45.29 -53.05
CA VAL B 148 8.75 -44.76 -52.97
C VAL B 148 7.85 -45.53 -53.93
N CYS B 149 6.73 -46.03 -53.40
CA CYS B 149 5.75 -46.69 -54.25
C CYS B 149 5.09 -45.69 -55.19
N ARG B 150 4.92 -46.11 -56.44
CA ARG B 150 4.27 -45.27 -57.44
C ARG B 150 2.75 -45.25 -57.21
N PHE B 151 2.13 -44.16 -57.65
CA PHE B 151 0.68 -44.04 -57.64
C PHE B 151 0.25 -43.49 -59.00
N LYS B 152 -0.52 -44.28 -59.74
CA LYS B 152 -0.93 -43.93 -61.09
C LYS B 152 -2.18 -43.05 -61.06
N LEU B 153 -2.20 -42.05 -61.95
CA LEU B 153 -3.37 -41.19 -62.07
C LEU B 153 -4.58 -41.96 -62.59
N GLU B 154 -4.36 -43.05 -63.32
CA GLU B 154 -5.47 -43.82 -63.87
C GLU B 154 -6.36 -44.42 -62.79
N TRP B 155 -5.86 -44.59 -61.58
CA TRP B 155 -6.69 -45.10 -60.49
C TRP B 155 -7.87 -44.18 -60.18
N LEU B 156 -7.76 -42.90 -60.53
CA LEU B 156 -8.78 -41.91 -60.19
C LEU B 156 -9.93 -41.87 -61.18
N GLY B 157 -9.90 -42.69 -62.22
CA GLY B 157 -11.06 -42.83 -63.10
C GLY B 157 -11.45 -41.55 -63.78
N ASN B 158 -12.70 -41.14 -63.60
CA ASN B 158 -13.20 -39.91 -64.20
C ASN B 158 -12.71 -38.65 -63.50
N CYS B 159 -12.02 -38.79 -62.36
CA CYS B 159 -11.41 -37.67 -61.68
C CYS B 159 -9.91 -37.63 -61.90
N SER B 160 -9.41 -38.39 -62.87
CA SER B 160 -7.97 -38.49 -63.10
C SER B 160 -7.40 -37.26 -63.80
N GLY B 161 -8.22 -36.57 -64.59
CA GLY B 161 -7.74 -35.43 -65.35
C GLY B 161 -7.00 -35.76 -66.62
N LEU B 162 -7.03 -37.02 -67.05
CA LEU B 162 -6.38 -37.42 -68.29
C LEU B 162 -7.28 -37.30 -69.51
N ASN B 163 -8.59 -37.42 -69.32
CA ASN B 163 -9.55 -37.22 -70.39
C ASN B 163 -10.39 -35.96 -70.18
N ASP B 164 -11.02 -35.82 -69.01
CA ASP B 164 -11.72 -34.60 -68.63
C ASP B 164 -10.78 -33.73 -67.82
N GLU B 165 -10.41 -32.57 -68.34
CA GLU B 165 -9.47 -31.68 -67.68
C GLU B 165 -10.15 -30.77 -66.66
N THR B 166 -11.46 -30.82 -66.54
CA THR B 166 -12.21 -30.03 -65.57
C THR B 166 -12.65 -30.85 -64.37
N TYR B 167 -12.43 -32.17 -64.38
CA TYR B 167 -12.73 -33.06 -63.27
C TYR B 167 -14.22 -33.07 -62.94
N GLY B 168 -15.07 -32.97 -63.97
CA GLY B 168 -16.51 -33.04 -63.79
C GLY B 168 -17.18 -31.75 -63.40
N TYR B 169 -16.44 -30.65 -63.25
CA TYR B 169 -17.06 -29.39 -62.86
C TYR B 169 -17.81 -28.75 -64.01
N LYS B 170 -17.33 -28.91 -65.24
CA LYS B 170 -18.07 -28.43 -66.39
C LYS B 170 -19.38 -29.19 -66.56
N GLU B 171 -19.36 -30.50 -66.32
CA GLU B 171 -20.55 -31.33 -66.44
C GLU B 171 -21.49 -31.21 -65.26
N GLY B 172 -21.06 -30.63 -64.14
CA GLY B 172 -21.88 -30.56 -62.95
C GLY B 172 -21.74 -31.72 -62.01
N LYS B 173 -20.67 -32.51 -62.13
CA LYS B 173 -20.42 -33.68 -61.29
C LYS B 173 -19.06 -33.52 -60.65
N PRO B 174 -18.95 -32.68 -59.63
CA PRO B 174 -17.63 -32.30 -59.11
C PRO B 174 -16.88 -33.48 -58.49
N CYS B 175 -15.57 -33.43 -58.60
CA CYS B 175 -14.67 -34.41 -58.01
C CYS B 175 -13.95 -33.79 -56.83
N ILE B 176 -13.74 -34.59 -55.78
CA ILE B 176 -12.86 -34.22 -54.68
C ILE B 176 -11.85 -35.34 -54.48
N ILE B 177 -10.62 -34.97 -54.17
CA ILE B 177 -9.54 -35.92 -53.92
C ILE B 177 -9.30 -35.98 -52.42
N ILE B 178 -9.49 -37.15 -51.84
CA ILE B 178 -9.36 -37.35 -50.40
C ILE B 178 -7.98 -37.88 -50.10
N LYS B 179 -7.37 -37.36 -49.02
CA LYS B 179 -6.03 -37.76 -48.61
C LYS B 179 -6.00 -37.85 -47.09
N LEU B 180 -5.10 -38.68 -46.59
CA LEU B 180 -4.88 -38.85 -45.16
C LEU B 180 -3.58 -38.17 -44.78
N ASN B 181 -3.61 -37.36 -43.72
CA ASN B 181 -2.44 -36.60 -43.31
C ASN B 181 -1.28 -37.53 -42.98
N ARG B 182 -0.09 -37.16 -43.44
CA ARG B 182 1.08 -38.00 -43.25
C ARG B 182 1.56 -37.96 -41.80
N VAL B 183 1.81 -39.13 -41.24
CA VAL B 183 2.41 -39.28 -39.92
C VAL B 183 3.55 -40.28 -40.05
N LEU B 184 4.72 -39.91 -39.51
CA LEU B 184 5.89 -40.79 -39.61
C LEU B 184 5.66 -42.08 -38.84
N GLY B 185 5.90 -43.21 -39.51
CA GLY B 185 5.80 -44.51 -38.87
C GLY B 185 4.40 -45.00 -38.59
N PHE B 186 3.37 -44.23 -38.94
CA PHE B 186 1.99 -44.61 -38.67
C PHE B 186 1.53 -45.63 -39.69
N LYS B 187 1.06 -46.78 -39.21
CA LYS B 187 0.48 -47.80 -40.06
C LYS B 187 -1.01 -47.90 -39.78
N PRO B 188 -1.88 -47.48 -40.70
CA PRO B 188 -3.32 -47.59 -40.46
C PRO B 188 -3.76 -49.03 -40.26
N LYS B 189 -4.70 -49.22 -39.35
CA LYS B 189 -5.25 -50.55 -39.08
C LYS B 189 -6.71 -50.57 -39.48
N PRO B 190 -7.08 -51.30 -40.53
CA PRO B 190 -8.49 -51.36 -40.94
C PRO B 190 -9.33 -52.02 -39.87
N PRO B 191 -10.64 -51.77 -39.86
CA PRO B 191 -11.51 -52.36 -38.84
C PRO B 191 -11.50 -53.89 -38.92
N LYS B 192 -11.71 -54.51 -37.76
CA LYS B 192 -11.57 -55.95 -37.61
C LYS B 192 -12.88 -56.66 -37.93
N ASN B 193 -12.83 -57.55 -38.93
CA ASN B 193 -13.94 -58.46 -39.25
C ASN B 193 -15.23 -57.71 -39.59
N GLU B 194 -15.09 -56.63 -40.35
CA GLU B 194 -16.22 -55.88 -40.89
C GLU B 194 -17.22 -55.49 -39.79
N SER B 195 -16.69 -54.84 -38.77
CA SER B 195 -17.48 -54.51 -37.57
C SER B 195 -17.38 -53.02 -37.25
N LEU B 196 -17.60 -52.18 -38.26
CA LEU B 196 -17.66 -50.74 -38.04
C LEU B 196 -19.01 -50.14 -38.42
N GLU B 197 -19.49 -50.37 -39.64
CA GLU B 197 -20.74 -49.80 -40.10
C GLU B 197 -21.24 -50.61 -41.29
N THR B 198 -22.39 -50.21 -41.82
CA THR B 198 -23.04 -50.94 -42.91
C THR B 198 -23.42 -49.98 -44.01
N TYR B 199 -23.12 -50.36 -45.26
CA TYR B 199 -23.41 -49.63 -46.49
C TYR B 199 -23.06 -50.57 -47.64
N PRO B 200 -23.38 -50.23 -48.90
CA PRO B 200 -22.88 -51.05 -50.01
C PRO B 200 -21.37 -50.92 -50.18
N VAL B 201 -20.63 -51.18 -49.10
CA VAL B 201 -19.19 -51.04 -49.07
C VAL B 201 -18.54 -52.41 -49.24
N MET B 202 -17.54 -52.49 -50.11
CA MET B 202 -16.76 -53.71 -50.23
C MET B 202 -15.72 -53.76 -49.11
N LYS B 203 -16.18 -53.64 -47.87
CA LYS B 203 -15.30 -53.62 -46.71
C LYS B 203 -14.91 -55.05 -46.30
N TYR B 204 -14.28 -55.74 -47.26
CA TYR B 204 -13.76 -57.08 -47.00
C TYR B 204 -12.27 -57.18 -47.30
N ASN B 205 -11.64 -56.09 -47.75
CA ASN B 205 -10.21 -56.09 -48.01
C ASN B 205 -9.48 -55.66 -46.74
N PRO B 206 -8.68 -56.56 -46.14
CA PRO B 206 -7.96 -56.19 -44.91
C PRO B 206 -6.78 -55.27 -45.18
N ASN B 207 -6.52 -54.97 -46.45
CA ASN B 207 -5.40 -54.13 -46.84
C ASN B 207 -5.85 -52.75 -47.33
N VAL B 208 -7.08 -52.36 -47.00
CA VAL B 208 -7.62 -51.06 -47.37
C VAL B 208 -8.20 -50.42 -46.11
N LEU B 209 -7.88 -49.14 -45.88
CA LEU B 209 -8.51 -48.38 -44.81
C LEU B 209 -9.78 -47.76 -45.38
N PRO B 210 -10.97 -48.22 -44.98
CA PRO B 210 -12.19 -47.78 -45.66
C PRO B 210 -12.50 -46.30 -45.42
N VAL B 211 -13.06 -45.68 -46.46
CA VAL B 211 -13.53 -44.31 -46.40
C VAL B 211 -14.91 -44.26 -47.03
N GLN B 212 -15.82 -43.51 -46.40
CA GLN B 212 -17.17 -43.37 -46.91
C GLN B 212 -17.63 -41.93 -46.77
N CYS B 213 -18.30 -41.43 -47.81
CA CYS B 213 -18.88 -40.09 -47.82
C CYS B 213 -20.40 -40.20 -47.80
N THR B 214 -21.04 -39.63 -46.79
CA THR B 214 -22.48 -39.69 -46.64
C THR B 214 -23.03 -38.28 -46.43
N GLY B 215 -24.36 -38.16 -46.54
CA GLY B 215 -25.00 -36.91 -46.22
C GLY B 215 -24.93 -36.61 -44.73
N LYS B 216 -24.75 -35.32 -44.42
CA LYS B 216 -24.60 -34.91 -43.03
C LYS B 216 -25.92 -35.08 -42.27
N ARG B 217 -26.98 -34.42 -42.73
CA ARG B 217 -28.29 -34.52 -42.13
C ARG B 217 -29.17 -35.47 -42.94
N ASP B 218 -30.31 -35.85 -42.35
CA ASP B 218 -31.25 -36.70 -43.07
C ASP B 218 -31.80 -35.99 -44.29
N GLU B 219 -31.90 -34.66 -44.23
CA GLU B 219 -32.25 -33.88 -45.42
C GLU B 219 -31.19 -34.05 -46.50
N ASP B 220 -29.91 -34.03 -46.11
CA ASP B 220 -28.83 -34.15 -47.08
C ASP B 220 -28.74 -35.55 -47.69
N LYS B 221 -29.06 -36.58 -46.90
CA LYS B 221 -28.93 -37.94 -47.39
C LYS B 221 -29.87 -38.21 -48.56
N ASP B 222 -31.01 -37.52 -48.61
CA ASP B 222 -31.96 -37.69 -49.69
C ASP B 222 -31.67 -36.81 -50.89
N LYS B 223 -30.77 -35.83 -50.76
CA LYS B 223 -30.44 -34.92 -51.84
C LYS B 223 -29.06 -35.18 -52.45
N VAL B 224 -28.17 -35.87 -51.73
CA VAL B 224 -26.96 -36.40 -52.38
C VAL B 224 -27.38 -37.46 -53.38
N GLY B 225 -26.78 -37.43 -54.57
CA GLY B 225 -27.07 -38.44 -55.55
C GLY B 225 -26.18 -39.65 -55.40
N ASN B 226 -25.73 -40.20 -56.52
CA ASN B 226 -24.80 -41.32 -56.47
C ASN B 226 -23.39 -40.82 -56.17
N VAL B 227 -22.69 -41.56 -55.31
CA VAL B 227 -21.30 -41.25 -54.94
C VAL B 227 -20.42 -42.32 -55.57
N GLU B 228 -19.44 -41.88 -56.36
CA GLU B 228 -18.52 -42.77 -57.04
C GLU B 228 -17.14 -42.66 -56.40
N TYR B 229 -16.55 -43.81 -56.07
CA TYR B 229 -15.23 -43.87 -55.47
C TYR B 229 -14.24 -44.39 -56.50
N PHE B 230 -13.13 -43.68 -56.66
CA PHE B 230 -12.09 -44.06 -57.61
C PHE B 230 -10.77 -44.18 -56.87
N GLY B 231 -10.15 -45.34 -56.96
CA GLY B 231 -8.87 -45.55 -56.33
C GLY B 231 -8.27 -46.86 -56.75
N LEU B 232 -7.32 -47.33 -55.96
CA LEU B 232 -6.68 -48.62 -56.20
C LEU B 232 -7.59 -49.73 -55.68
N GLY B 233 -8.09 -50.56 -56.58
CA GLY B 233 -8.98 -51.64 -56.20
C GLY B 233 -10.43 -51.18 -56.13
N ASN B 234 -11.29 -52.14 -55.81
CA ASN B 234 -12.73 -51.90 -55.74
C ASN B 234 -13.20 -51.44 -54.37
N SER B 235 -12.35 -51.52 -53.35
CA SER B 235 -12.72 -51.07 -52.02
C SER B 235 -12.42 -49.59 -51.86
N PRO B 236 -13.38 -48.75 -51.50
CA PRO B 236 -13.12 -47.31 -51.33
C PRO B 236 -12.26 -47.06 -50.10
N GLY B 237 -11.06 -46.54 -50.31
CA GLY B 237 -10.19 -46.22 -49.20
C GLY B 237 -8.75 -46.07 -49.65
N PHE B 238 -7.84 -46.30 -48.71
CA PHE B 238 -6.42 -46.16 -48.94
C PHE B 238 -5.73 -47.51 -48.89
N PRO B 239 -5.04 -47.93 -49.95
CA PRO B 239 -4.26 -49.17 -49.86
C PRO B 239 -3.12 -49.04 -48.86
N LEU B 240 -2.82 -50.14 -48.19
CA LEU B 240 -1.90 -50.13 -47.06
C LEU B 240 -0.43 -50.29 -47.44
N GLN B 241 -0.12 -50.52 -48.71
CA GLN B 241 1.27 -50.69 -49.09
C GLN B 241 2.04 -49.38 -49.14
N TYR B 242 1.37 -48.24 -48.98
CA TYR B 242 2.01 -46.94 -48.95
C TYR B 242 2.43 -46.52 -47.55
N TYR B 243 2.29 -47.40 -46.58
CA TYR B 243 2.61 -47.11 -45.19
C TYR B 243 3.63 -48.12 -44.67
N PRO B 244 4.46 -47.74 -43.69
CA PRO B 244 4.54 -46.43 -43.04
C PRO B 244 5.24 -45.37 -43.88
N TYR B 245 5.09 -44.10 -43.51
CA TYR B 245 5.78 -42.99 -44.13
C TYR B 245 7.03 -42.68 -43.31
N TYR B 246 8.16 -42.51 -43.99
CA TYR B 246 9.46 -42.42 -43.34
C TYR B 246 9.98 -40.99 -43.21
N GLY B 247 9.19 -40.00 -43.56
CA GLY B 247 9.61 -38.61 -43.42
C GLY B 247 10.20 -38.04 -44.71
N LYS B 248 10.28 -36.71 -44.75
CA LYS B 248 10.78 -36.02 -45.92
C LYS B 248 12.30 -36.16 -46.07
N LEU B 249 13.00 -36.56 -45.02
CA LEU B 249 14.45 -36.78 -45.14
C LEU B 249 14.75 -38.13 -45.77
N LEU B 250 14.18 -39.20 -45.23
CA LEU B 250 14.43 -40.53 -45.77
C LEU B 250 13.66 -40.80 -47.07
N GLN B 251 12.47 -40.23 -47.22
CA GLN B 251 11.62 -40.47 -48.37
C GLN B 251 11.12 -39.15 -48.95
N PRO B 252 12.00 -38.35 -49.55
CA PRO B 252 11.52 -37.27 -50.42
C PRO B 252 10.92 -37.87 -51.67
N LYS B 253 10.05 -37.09 -52.31
CA LYS B 253 9.26 -37.53 -53.47
C LYS B 253 8.22 -38.58 -53.10
N TYR B 254 7.94 -38.74 -51.81
CA TYR B 254 6.90 -39.66 -51.37
C TYR B 254 5.54 -39.20 -51.87
N LEU B 255 4.74 -40.15 -52.34
CA LEU B 255 3.38 -39.89 -52.80
C LEU B 255 2.42 -40.63 -51.87
N GLN B 256 1.52 -39.88 -51.24
CA GLN B 256 0.50 -40.51 -50.43
C GLN B 256 -0.65 -41.00 -51.30
N PRO B 257 -1.28 -42.11 -50.94
CA PRO B 257 -2.37 -42.65 -51.77
C PRO B 257 -3.55 -41.69 -51.80
N LEU B 258 -4.27 -41.71 -52.92
CA LEU B 258 -5.38 -40.80 -53.15
C LEU B 258 -6.67 -41.58 -53.38
N LEU B 259 -7.78 -41.00 -52.93
CA LEU B 259 -9.11 -41.53 -53.20
C LEU B 259 -9.94 -40.42 -53.82
N ALA B 260 -10.48 -40.67 -55.00
CA ALA B 260 -11.29 -39.70 -55.72
C ALA B 260 -12.77 -39.99 -55.49
N VAL B 261 -13.52 -38.95 -55.14
CA VAL B 261 -14.96 -39.06 -54.91
C VAL B 261 -15.65 -38.10 -55.86
N GLN B 262 -16.56 -38.63 -56.68
CA GLN B 262 -17.31 -37.84 -57.64
C GLN B 262 -18.79 -37.92 -57.30
N PHE B 263 -19.45 -36.77 -57.28
CA PHE B 263 -20.89 -36.69 -56.99
C PHE B 263 -21.61 -36.47 -58.31
N THR B 264 -22.27 -37.53 -58.80
CA THR B 264 -22.78 -37.53 -60.17
C THR B 264 -24.25 -37.13 -60.28
N ASN B 265 -25.01 -37.12 -59.19
CA ASN B 265 -26.44 -36.87 -59.26
C ASN B 265 -26.85 -35.90 -58.15
N LEU B 266 -26.07 -34.85 -57.94
CA LEU B 266 -26.39 -33.86 -56.93
C LEU B 266 -27.63 -33.06 -57.31
N THR B 267 -28.48 -32.80 -56.31
CA THR B 267 -29.60 -31.89 -56.51
C THR B 267 -29.06 -30.47 -56.71
N MET B 268 -29.61 -29.78 -57.71
CA MET B 268 -29.10 -28.46 -58.08
C MET B 268 -29.77 -27.36 -57.26
N ASP B 269 -29.08 -26.23 -57.19
CA ASP B 269 -29.53 -24.99 -56.54
C ASP B 269 -29.72 -25.13 -55.04
N THR B 270 -29.21 -26.20 -54.44
CA THR B 270 -29.30 -26.40 -53.01
C THR B 270 -27.92 -26.69 -52.44
N GLU B 271 -27.69 -26.24 -51.21
CA GLU B 271 -26.43 -26.46 -50.52
C GLU B 271 -26.48 -27.81 -49.82
N ILE B 272 -25.55 -28.68 -50.15
CA ILE B 272 -25.53 -30.06 -49.67
C ILE B 272 -24.39 -30.21 -48.68
N ARG B 273 -24.69 -30.69 -47.48
CA ARG B 273 -23.70 -30.92 -46.45
C ARG B 273 -23.31 -32.39 -46.48
N ILE B 274 -22.02 -32.66 -46.66
CA ILE B 274 -21.51 -34.00 -46.89
C ILE B 274 -20.42 -34.30 -45.87
N GLU B 275 -20.47 -35.49 -45.28
CA GLU B 275 -19.48 -35.96 -44.32
C GLU B 275 -18.75 -37.15 -44.92
N CYS B 276 -17.43 -37.03 -45.04
CA CYS B 276 -16.56 -38.13 -45.46
C CYS B 276 -15.79 -38.60 -44.23
N LYS B 277 -15.81 -39.90 -43.99
CA LYS B 277 -15.28 -40.48 -42.77
C LYS B 277 -14.38 -41.66 -43.08
N ALA B 278 -13.26 -41.74 -42.39
CA ALA B 278 -12.37 -42.88 -42.48
C ALA B 278 -12.56 -43.77 -41.25
N TYR B 279 -12.35 -45.07 -41.44
CA TYR B 279 -12.63 -46.06 -40.41
C TYR B 279 -11.40 -46.92 -40.16
N GLY B 280 -11.11 -47.18 -38.89
CA GLY B 280 -9.95 -47.96 -38.53
C GLY B 280 -9.82 -48.04 -37.03
N GLU B 281 -9.00 -49.00 -36.59
CA GLU B 281 -8.80 -49.17 -35.15
C GLU B 281 -8.01 -48.03 -34.54
N ASN B 282 -6.98 -47.55 -35.25
CA ASN B 282 -6.20 -46.43 -34.78
C ASN B 282 -6.64 -45.10 -35.40
N ILE B 283 -7.81 -45.08 -36.03
CA ILE B 283 -8.40 -43.86 -36.57
C ILE B 283 -9.43 -43.36 -35.56
N GLY B 284 -9.24 -42.12 -35.09
CA GLY B 284 -10.12 -41.56 -34.09
C GLY B 284 -10.75 -40.27 -34.57
N TYR B 285 -11.72 -39.80 -33.79
CA TYR B 285 -12.48 -38.60 -34.11
C TYR B 285 -12.58 -37.73 -32.86
N SER B 286 -12.99 -36.48 -33.07
CA SER B 286 -13.09 -35.52 -31.99
C SER B 286 -14.21 -34.53 -32.30
N GLU B 287 -14.83 -34.01 -31.25
CA GLU B 287 -15.81 -32.94 -31.42
C GLU B 287 -15.16 -31.57 -31.47
N LYS B 288 -13.90 -31.46 -31.05
CA LYS B 288 -13.18 -30.19 -31.13
C LYS B 288 -12.49 -30.03 -32.48
N ASP B 289 -11.90 -31.10 -33.00
CA ASP B 289 -11.22 -31.08 -34.30
C ASP B 289 -12.16 -31.70 -35.33
N ARG B 290 -12.75 -30.85 -36.17
CA ARG B 290 -13.68 -31.28 -37.21
C ARG B 290 -12.98 -31.90 -38.41
N PHE B 291 -11.66 -32.04 -38.38
CA PHE B 291 -10.89 -32.59 -39.49
C PHE B 291 -10.10 -33.83 -39.11
N GLN B 292 -10.28 -34.36 -37.90
CA GLN B 292 -9.55 -35.53 -37.44
C GLN B 292 -10.33 -36.79 -37.82
N GLY B 293 -9.79 -37.55 -38.77
CA GLY B 293 -10.42 -38.77 -39.22
C GLY B 293 -11.62 -38.59 -40.11
N ARG B 294 -12.00 -37.36 -40.40
CA ARG B 294 -13.20 -37.06 -41.19
C ARG B 294 -13.12 -35.59 -41.58
N PHE B 295 -14.05 -35.17 -42.44
CA PHE B 295 -14.19 -33.76 -42.75
C PHE B 295 -15.60 -33.51 -43.25
N ASP B 296 -15.99 -32.23 -43.20
CA ASP B 296 -17.26 -31.76 -43.73
C ASP B 296 -17.00 -30.92 -44.98
N VAL B 297 -17.85 -31.08 -45.99
CA VAL B 297 -17.78 -30.28 -47.19
C VAL B 297 -19.20 -29.92 -47.61
N LYS B 298 -19.38 -28.66 -48.01
CA LYS B 298 -20.67 -28.18 -48.50
C LYS B 298 -20.56 -27.88 -49.98
N ILE B 299 -21.44 -28.47 -50.78
CA ILE B 299 -21.38 -28.37 -52.23
C ILE B 299 -22.72 -27.87 -52.73
N GLU B 300 -22.69 -26.84 -53.57
CA GLU B 300 -23.90 -26.29 -54.19
C GLU B 300 -23.63 -26.11 -55.67
N VAL B 301 -24.33 -26.87 -56.50
CA VAL B 301 -24.28 -26.71 -57.95
C VAL B 301 -25.46 -25.86 -58.37
N LYS B 302 -25.18 -24.68 -58.89
CA LYS B 302 -26.24 -23.73 -59.27
C LYS B 302 -26.60 -23.92 -60.73
N SER B 303 -27.90 -23.92 -61.02
CA SER B 303 -28.39 -24.07 -62.38
C SER B 303 -28.06 -22.84 -63.21
MG MG C . -1.15 20.98 24.15
NA NA D . -2.19 16.58 7.84
C1 CLR E . 0.98 -33.71 -11.01
C2 CLR E . -0.04 -34.81 -11.25
C3 CLR E . 0.14 -35.40 -12.65
C4 CLR E . 1.51 -36.05 -12.71
C5 CLR E . 2.55 -35.01 -12.37
C6 CLR E . 3.56 -34.83 -13.22
C7 CLR E . 4.45 -33.60 -13.17
C8 CLR E . 4.67 -33.20 -11.73
C9 CLR E . 3.35 -33.03 -10.98
C10 CLR E . 2.40 -34.23 -11.08
C11 CLR E . 3.60 -32.66 -9.51
C12 CLR E . 4.45 -31.40 -9.32
C13 CLR E . 5.64 -31.40 -10.27
C14 CLR E . 5.44 -31.89 -11.69
C15 CLR E . 6.83 -31.92 -12.28
C16 CLR E . 7.69 -30.94 -11.47
C17 CLR E . 6.95 -30.62 -10.16
C18 CLR E . 5.09 -30.04 -10.65
C19 CLR E . 2.66 -35.20 -9.93
C20 CLR E . 7.82 -30.95 -8.95
C21 CLR E . 7.30 -30.28 -7.68
C22 CLR E . 9.26 -30.52 -9.18
C23 CLR E . 9.40 -29.00 -9.14
C24 CLR E . 10.72 -28.55 -9.77
C25 CLR E . 11.91 -29.01 -8.93
C26 CLR E . 13.21 -28.59 -9.59
C27 CLR E . 11.81 -28.45 -7.51
O1 CLR E . -0.87 -36.39 -12.89
C1 OBN F . -5.36 -9.67 -31.13
C2 OBN F . -4.10 -9.32 -31.89
C3 OBN F . -3.41 -10.57 -32.44
C4 OBN F . -3.14 -11.56 -31.32
C5 OBN F . -4.37 -11.90 -30.48
C6 OBN F . -4.00 -12.85 -29.35
C7 OBN F . -3.11 -12.19 -28.32
C8 OBN F . -3.73 -10.91 -27.75
C9 OBN F . -4.13 -9.94 -28.89
C10 OBN F . -5.08 -10.62 -29.93
C11 OBN F . -4.56 -8.56 -28.34
C12 OBN F . -3.57 -7.99 -27.31
C13 OBN F . -3.29 -8.91 -26.13
C14 OBN F . -2.82 -10.30 -26.68
C15 OBN F . -1.38 -10.01 -27.09
C16 OBN F . -0.84 -9.22 -25.88
C17 OBN F . -2.01 -8.33 -25.43
C18 OBN F . -4.52 -9.00 -25.24
C19 OBN F . -6.43 -10.99 -29.29
C20 OBN F . -2.10 -8.14 -23.95
C21 OBN F . -2.45 -6.83 -23.31
C22 OBN F . -1.89 -9.01 -22.97
C23 OBN F . -2.08 -8.36 -21.68
C1' OBN F . -3.77 -12.18 -34.25
C2' OBN F . -4.91 -12.81 -35.03
C3' OBN F . -5.54 -11.76 -35.92
C4' OBN F . -4.50 -11.15 -36.84
C5' OBN F . -3.36 -10.59 -36.01
C6' OBN F . -2.21 -10.08 -36.85
O1 OBN F . -6.30 -10.25 -32.04
O3 OBN F . -4.30 -11.17 -33.42
O5 OBN F . -5.29 -12.60 -31.33
O11 OBN F . -4.72 -7.55 -29.33
O14 OBN F . -2.76 -11.21 -25.56
O19 OBN F . -7.28 -9.88 -29.02
O21 OBN F . -2.43 -7.08 -21.89
O23 OBN F . -1.98 -8.79 -20.56
O2' OBN F . -4.42 -13.90 -35.81
O3' OBN F . -6.59 -12.35 -36.68
O4' OBN F . -5.08 -10.12 -37.63
O5' OBN F . -2.82 -11.62 -35.14
C13 Q7G G . -12.61 -16.49 -17.26
C15 Q7G G . -12.56 -16.42 -14.75
C16 Q7G G . -13.37 -16.72 -18.55
C17 Q7G G . -12.65 -17.72 -19.43
C01 Q7G G . -9.02 -13.87 -13.65
C03 Q7G G . -8.50 -15.88 -12.14
C04 Q7G G . -9.80 -15.90 -11.28
C06 Q7G G . -10.41 -16.01 -13.56
C07 Q7G G . -11.20 -15.75 -14.84
C08 Q7G G . -10.41 -16.31 -16.04
C10 Q7G G . -8.22 -16.00 -14.74
C18 Q7G G . -11.25 -17.24 -19.73
C19 Q7G G . -10.47 -17.09 -18.42
CG1 Q7G G . -12.66 -18.87 -21.54
C02 Q7G G . -8.99 -15.40 -13.55
C05 Q7G G . -10.97 -15.62 -12.20
C09 Q7G G . -8.97 -15.79 -16.06
C1 Q7G G . -13.12 -26.23 -29.40
C11 Q7G G . -11.14 -16.13 -17.41
C12 Q7G G . -11.03 -14.68 -17.92
C14 Q7G G . -13.22 -16.58 -16.09
C1B Q7G G . -14.23 -23.41 -25.21
C1C Q7G G . -10.53 -19.58 -25.89
C2 Q7G G . -12.55 -26.15 -30.80
C21 Q7G G . -6.54 -17.53 -30.12
C22 Q7G G . -13.62 -19.84 -22.19
C23 Q7G G . -12.94 -20.63 -23.30
C24 Q7G G . -13.92 -21.24 -24.27
C2B Q7G G . -13.20 -24.53 -25.18
C2C Q7G G . -10.43 -20.17 -27.29
C3 Q7G G . -13.59 -25.59 -31.76
C31 Q7G G . -5.20 -18.24 -29.98
C3B Q7G G . -12.68 -24.81 -26.58
C3C Q7G G . -9.04 -19.88 -27.86
C4 Q7G G . -14.86 -26.40 -31.69
C41 Q7G G . -4.23 -17.40 -29.17
C48 Q7G G . -11.95 -19.76 -24.02
C4B Q7G G . -13.80 -24.68 -27.59
C4C Q7G G . -8.58 -18.50 -27.44
C5 Q7G G . -15.37 -26.47 -30.25
C51 Q7G G . -4.87 -17.00 -27.84
C5B Q7G G . -14.38 -23.28 -27.58
C5C Q7G G . -8.49 -18.38 -25.94
C6 Q7G G . -16.56 -27.38 -30.09
C61 Q7G G . -4.02 -16.06 -27.02
C6B Q7G G . -15.90 -23.24 -27.67
C6C Q7G G . -9.03 -17.08 -25.39
C73 Q7G G . -8.23 -14.84 -9.97
C74 Q7G G . -7.52 -15.02 -11.32
C75 Q7G G . -6.10 -15.59 -11.24
C76 Q7G G . -7.93 -13.55 -9.24
C77 Q7G G . -8.58 -13.53 -7.85
C78 Q7G G . -8.24 -14.77 -7.06
C79 Q7G G . -8.56 -15.99 -7.91
C81 Q7G G . -8.97 -14.82 -5.73
CF1 Q7G G . -7.07 -17.13 -28.76
O1 Q7G G . -13.30 -24.91 -28.92
O11 Q7G G . -7.28 -18.30 -28.01
O1B Q7G G . -14.07 -22.64 -24.04
O1C Q7G G . -11.32 -20.44 -25.12
O2 Q7G G . -11.39 -25.32 -30.79
O20 Q7G G . -13.35 -18.01 -20.64
O21 Q7G G . -7.47 -18.38 -30.78
O2B Q7G G . -12.12 -24.18 -24.30
O2C Q7G G . -10.65 -21.57 -27.24
O3 Q7G G . -13.07 -25.59 -33.08
O31 Q7G G . -4.65 -18.54 -31.26
O3B Q7G G . -12.08 -26.10 -26.60
O3C Q7G G . -9.07 -19.99 -29.28
O4 Q7G G . -15.87 -25.81 -32.52
O41 Q7G G . -3.04 -18.13 -28.92
O5 Q7G G . -14.33 -26.98 -29.38
O51 Q7G G . -6.11 -16.32 -28.09
O5B Q7G G . -14.03 -22.60 -26.35
O5C Q7G G . -9.26 -19.44 -25.32
O6 Q7G G . -16.93 -27.51 -28.73
O61 Q7G G . -4.70 -15.64 -25.86
O6B Q7G G . -16.35 -23.69 -28.93
O6C Q7G G . -8.34 -15.96 -25.91
O72 Q7G G . -9.61 -14.88 -10.29
O80 Q7G G . -7.89 -15.96 -9.17
C1 PCW H . 35.62 0.64 -12.13
C2 PCW H . 34.76 -0.34 -12.92
C3 PCW H . 34.26 -1.48 -12.05
C4 PCW H . 35.37 4.02 -10.95
C5 PCW H . 34.32 5.12 -10.95
C6 PCW H . 34.10 4.65 -13.46
C7 PCW H . 33.75 7.01 -12.56
C8 PCW H . 32.72 5.31 -12.18
C11 PCW H . 32.66 -3.26 -12.82
C12 PCW H . 32.36 -3.76 -14.22
C13 PCW H . 31.51 -5.01 -14.15
C14 PCW H . 30.05 -4.65 -13.91
C15 PCW H . 29.15 -5.82 -14.28
C16 PCW H . 27.69 -5.50 -14.00
C17 PCW H . 27.40 -5.52 -12.50
C18 PCW H . 27.76 -6.88 -11.91
C19 PCW H . 26.74 -7.91 -12.34
C20 PCW H . 27.11 -8.98 -13.03
C21 PCW H . 28.55 -9.22 -13.42
C22 PCW H . 28.87 -10.70 -13.27
C23 PCW H . 27.76 -11.56 -13.84
C24 PCW H . 28.09 -13.03 -13.72
C25 PCW H . 26.90 -13.90 -14.07
C26 PCW H . 27.28 -15.38 -14.02
C27 PCW H . 28.13 -15.76 -15.22
C28 PCW H . 27.37 -15.60 -16.51
C31 PCW H . 33.54 0.33 -14.89
C32 PCW H . 32.24 0.61 -15.58
C33 PCW H . 32.45 0.67 -17.09
C34 PCW H . 32.24 -0.69 -17.75
C35 PCW H . 30.77 -0.94 -18.04
C36 PCW H . 30.58 -2.18 -18.90
C37 PCW H . 30.98 -3.44 -18.15
C38 PCW H . 30.49 -4.70 -18.87
C39 PCW H . 30.90 -5.92 -18.08
C40 PCW H . 30.00 -6.83 -17.72
C41 PCW H . 28.56 -6.67 -18.11
C42 PCW H . 27.83 -7.99 -17.87
C43 PCW H . 28.60 -9.16 -18.44
C44 PCW H . 28.09 -10.49 -17.89
C45 PCW H . 26.67 -10.77 -18.37
C46 PCW H . 26.14 -12.05 -17.73
C47 PCW H . 24.80 -12.45 -18.36
C48 PCW H . 23.79 -12.79 -17.30
N PCW H . 34.15 5.61 -12.34
O2 PCW H . 33.60 0.33 -13.44
O3 PCW H . 33.02 -1.87 -12.65
O11 PCW H . 32.61 -4.00 -11.86
O31 PCW H . 34.55 0.09 -15.53
O1P PCW H . 33.55 1.30 -8.98
O2P PCW H . 33.37 2.17 -11.45
O3P PCW H . 35.25 0.68 -10.75
O4P PCW H . 35.11 3.07 -9.92
P PCW H . 34.19 1.79 -10.25
C13 Q7G I . -12.73 -20.77 -15.51
C15 Q7G I . -10.75 -20.00 -14.19
C16 Q7G I . -13.45 -20.87 -16.84
C17 Q7G I . -14.92 -20.55 -16.68
C01 Q7G I . -10.34 -23.05 -10.90
C03 Q7G I . -10.15 -20.95 -9.45
C04 Q7G I . -8.89 -20.32 -10.09
C06 Q7G I . -10.54 -20.67 -11.77
C07 Q7G I . -11.12 -21.05 -13.14
C08 Q7G I . -12.65 -21.15 -13.02
C10 Q7G I . -12.42 -21.65 -10.53
C18 Q7G I . -15.54 -21.43 -15.61
C19 Q7G I . -14.83 -21.22 -14.27
CG1 Q7G I . -15.48 -22.06 -18.49
C02 Q7G I . -10.89 -21.64 -10.63
C05 Q7G I . -9.02 -20.45 -11.61
C09 Q7G I . -13.08 -22.03 -11.84
C11 Q7G I . -13.34 -21.56 -14.36
C12 Q7G I . -13.17 -23.06 -14.64
C14 Q7G I . -11.64 -20.03 -15.39
C1B Q7G I . -18.59 -25.06 -18.43
C1C Q7G I . -18.94 -23.66 -22.53
C22 Q7G I . -16.13 -22.08 -19.85
C23 Q7G I . -16.05 -23.43 -20.55
C24 Q7G I . -16.68 -24.54 -19.73
C48 Q7G I . -16.67 -23.39 -21.94
C73 Q7G I . -8.11 -21.40 -8.23
C74 Q7G I . -9.60 -21.78 -8.28
C75 Q7G I . -10.36 -21.59 -6.97
C76 Q7G I . -7.18 -22.50 -7.76
C77 Q7G I . -7.06 -22.54 -6.24
C78 Q7G I . -6.58 -21.22 -5.66
C79 Q7G I . -6.75 -20.15 -6.73
C81 Q7G I . -5.14 -21.29 -5.19
O1B Q7G I . -18.05 -24.25 -19.43
O1C Q7G I . -17.99 -22.86 -21.90
O20 Q7G I . -15.61 -20.76 -17.92
O72 Q7G I . -7.79 -21.08 -9.56
O80 Q7G I . -8.00 -20.26 -7.40
C13 Q7G J . 17.47 4.08 -19.13
C15 Q7G J . 15.59 2.51 -19.38
C16 Q7G J . 17.69 5.56 -19.30
C17 Q7G J . 19.12 5.97 -19.04
C01 Q7G J . 17.20 -1.48 -20.67
C03 Q7G J . 15.68 -1.04 -22.69
C04 Q7G J . 14.34 -0.97 -21.93
C06 Q7G J . 15.83 0.63 -21.03
C07 Q7G J . 16.54 1.47 -19.99
C08 Q7G J . 17.75 2.15 -20.66
C10 Q7G J . 17.91 0.26 -22.33
C18 Q7G J . 20.11 5.06 -19.74
C19 Q7G J . 19.41 4.03 -20.62
CG1 Q7G J . 18.58 7.06 -17.02
C02 Q7G J . 16.71 -0.44 -21.69
C05 Q7G J . 14.56 -0.13 -20.68
C09 Q7G J . 18.67 1.12 -21.32
C11 Q7G J . 18.49 3.17 -19.76
C12 Q7G J . 19.30 2.47 -18.65
C14 Q7G J . 16.31 3.63 -18.71
C1B Q7G J . 20.90 10.60 -13.98
C1C Q7G J . 17.12 10.95 -14.31
C21 Q7G J . 13.38 15.01 -11.08
C22 Q7G J . 19.41 8.29 -17.28
C23 Q7G J . 18.75 9.53 -16.75
C24 Q7G J . 19.70 10.40 -15.97
C2B Q7G J . 22.36 10.16 -14.06
C2C Q7G J . 15.86 10.76 -13.48
C31 Q7G J . 13.26 16.45 -10.59
C3B Q7G J . 23.23 11.06 -13.18
C3C Q7G J . 15.95 11.67 -12.25
C41 Q7G J . 14.25 17.33 -11.36
C48 Q7G J . 17.55 9.25 -15.89
C4B Q7G J . 22.59 11.52 -11.87
C4C Q7G J . 15.97 13.12 -12.69
C51 Q7G J . 14.10 17.14 -12.87
C5B Q7G J . 21.06 11.60 -11.87
C5C Q7G J . 16.43 13.23 -14.13
C61 Q7G J . 15.17 17.85 -13.66
C6B Q7G J . 20.53 12.90 -12.45
C6C Q7G J . 16.96 14.59 -14.51
C73 Q7G J . 14.39 -3.07 -22.77
C74 Q7G J . 15.78 -2.51 -23.13
C75 Q7G J . 16.21 -2.72 -24.58
C76 Q7G J . 14.34 -4.54 -22.44
C77 Q7G J . 12.90 -5.05 -22.39
C78 Q7G J . 12.17 -4.80 -23.70
C79 Q7G J . 13.01 -3.89 -24.56
C81 Q7G J . 10.78 -4.21 -23.49
CF1 Q7G J . 14.49 14.94 -12.11
O1 Q7G J . 22.98 10.62 -10.83
O11 Q7G J . 14.63 13.60 -12.54
O1B Q7G J . 20.14 9.74 -14.78
O1C Q7G J . 16.88 10.47 -15.60
O20 Q7G J . 19.24 5.95 -17.63
O21 Q7G J . 12.14 14.60 -11.66
O2B Q7G J . 22.46 8.80 -13.66
O2C Q7G J . 14.69 11.05 -14.23
O31 Q7G J . 13.52 16.50 -9.20
O3B Q7G J . 23.64 12.20 -13.93
O3C Q7G J . 17.10 11.33 -11.49
O41 Q7G J . 14.01 18.70 -11.02
O51 Q7G J . 14.18 15.76 -13.21
O5B Q7G J . 20.48 10.54 -12.64
O5C Q7G J . 17.51 12.31 -14.36
O61 Q7G J . 15.10 17.50 -15.03
O6B Q7G J . 21.10 14.02 -11.78
O6C Q7G J . 17.33 14.61 -15.89
O72 Q7G J . 14.01 -2.33 -21.62
O80 Q7G J . 13.51 -2.75 -23.85
C1 NAG K . -19.31 -43.91 -66.97
C2 NAG K . -17.83 -44.08 -66.61
C3 NAG K . -16.90 -43.57 -67.71
C4 NAG K . -17.53 -42.49 -68.57
C5 NAG K . -18.59 -41.74 -67.78
C6 NAG K . -19.13 -40.54 -68.57
C7 NAG K . -17.94 -43.96 -64.18
C8 NAG K . -17.58 -45.40 -63.94
N2 NAG K . -17.54 -43.45 -65.34
O3 NAG K . -16.49 -44.67 -68.54
O4 NAG K . -16.53 -41.58 -69.02
O5 NAG K . -19.67 -42.62 -67.48
O6 NAG K . -18.09 -39.58 -68.77
O7 NAG K . -18.58 -43.31 -63.38
C1 NAG L . -31.53 -40.07 -61.16
C2 NAG L . -30.91 -40.93 -60.06
C3 NAG L . -31.93 -41.26 -58.97
C4 NAG L . -32.59 -39.99 -58.48
C5 NAG L . -33.23 -39.26 -59.65
C6 NAG L . -33.92 -37.98 -59.19
C7 NAG L . -29.14 -42.24 -61.04
C8 NAG L . -28.10 -42.44 -59.98
N2 NAG L . -30.39 -42.15 -60.62
O3 NAG L . -31.28 -41.92 -57.89
O4 NAG L . -33.60 -40.31 -57.51
O5 NAG L . -32.23 -38.94 -60.62
O6 NAG L . -32.94 -37.04 -58.74
O7 NAG L . -28.85 -42.17 -62.23
#